data_8TNH
#
_entry.id   8TNH
#
_cell.length_a   1.00
_cell.length_b   1.00
_cell.length_c   1.00
_cell.angle_alpha   90.00
_cell.angle_beta   90.00
_cell.angle_gamma   90.00
#
_symmetry.space_group_name_H-M   'P 1'
#
loop_
_entity.id
_entity.type
_entity.pdbx_description
1 polymer 'HIV-1 BG505 DS-SOSIP gp120'
2 polymer 'HIV-1 BG505 DS-SOSIP gp41'
3 polymer 'CD4-binding site nanobody G36'
4 branched 2-acetamido-2-deoxy-beta-D-glucopyranose-(1-4)-2-acetamido-2-deoxy-beta-D-glucopyranose
5 branched beta-D-mannopyranose-(1-4)-2-acetamido-2-deoxy-beta-D-glucopyranose-(1-4)-2-acetamido-2-deoxy-beta-D-glucopyranose
6 branched alpha-D-mannopyranose-(1-3)-beta-D-mannopyranose-(1-4)-2-acetamido-2-deoxy-beta-D-glucopyranose-(1-4)-2-acetamido-2-deoxy-beta-D-glucopyranose
7 non-polymer 2-acetamido-2-deoxy-beta-D-glucopyranose
#
loop_
_entity_poly.entity_id
_entity_poly.type
_entity_poly.pdbx_seq_one_letter_code
_entity_poly.pdbx_strand_id
1 'polypeptide(L)'
;AENLWVTVYYGVPVWKDAETTLFCASDAKAYETEKHNVWATHACVPTDPNPQEIHLENVTEEFNMWKNNMVEQMHTDIIS
LWDQSLKPCVKLTPLCVTLQCTNVTNNITDDMRGELKNCSFNMTTELRDKKQKVYSLFYRLDVVQINENQGNRSNNSNKE
YRLINCNTSACTQACPKVSFEPIPIHYCAPAGFAILKCKDKKFNGTGPCPSVSTVQCTHGIKPVVSTQLLLNGSLAEEEV
MIRSENITNNAKNILVQFNTPVQINCTRPNNNTRKSIRIGPGQAFYATGDIIGDIRQAHCNVSKATWNETLGKVVKQLRK
HFGNNTIIRFANSSGGDLEVTTHSFNCGGEFFYCNTSGLFNSTWISNTSVQGSNSTGSNDSITLPCRIKQIINMWQRIGQ
CMYAPPIQGVIRCVSNITGLILTRDGGSTNSTTETFRPGGGDMRDNWRSELYKYKVVKIEPLGVAPTRCKRRVVGRRRRR
R
;
A,C,E
2 'polypeptide(L)'
;AVGIGAVFLGFLGAAGSTMGAASMTLTVQARNLLSGIVQQQSNLLRAPEAQQHLLKLTVWGIKQLQARVLAVERYLRDQQ
LLGIWGCSGKLICCTNVPWNSSWSNRNLSEIWDNMTWLQWDKEISNYTQIIYGLLEESQNQQEKNEQDLLALD
;
B,D,F
3 'polypeptide(L)'
;QVQLQESGGGSVQPGGSLRLSCAVSGLDVESVTIGWIRQAPGKEREEVGCISGNFDQTYYVDSVKGRFTISRVNEENTVY
LQMDNLKPEDTATYYCVTDRQFYCALHRLPVSQYRGQGTQVTVSS
;
H,I,J
#
# COMPACT_ATOMS: atom_id res chain seq x y z
N ALA A 1 21.47 -29.67 -50.11
CA ALA A 1 20.79 -29.26 -51.34
C ALA A 1 19.43 -29.96 -51.46
N GLU A 2 19.47 -31.26 -51.77
CA GLU A 2 18.22 -32.01 -51.89
C GLU A 2 17.50 -32.12 -50.56
N ASN A 3 18.24 -32.09 -49.45
CA ASN A 3 17.67 -32.21 -48.11
C ASN A 3 18.00 -30.98 -47.30
N LEU A 4 17.03 -30.53 -46.51
CA LEU A 4 17.19 -29.38 -45.63
C LEU A 4 16.88 -29.77 -44.21
N TRP A 5 17.43 -29.00 -43.26
CA TRP A 5 17.30 -29.31 -41.85
C TRP A 5 16.86 -28.05 -41.10
N VAL A 6 16.14 -28.26 -40.00
CA VAL A 6 15.65 -27.15 -39.19
C VAL A 6 16.80 -26.56 -38.39
N THR A 7 16.81 -25.23 -38.27
CA THR A 7 17.85 -24.52 -37.55
C THR A 7 17.22 -23.42 -36.72
N VAL A 8 17.66 -23.30 -35.47
CA VAL A 8 17.07 -22.38 -34.49
C VAL A 8 17.98 -21.16 -34.34
N TYR A 9 17.38 -19.98 -34.37
CA TYR A 9 18.09 -18.73 -34.16
C TYR A 9 17.48 -18.00 -32.98
N TYR A 10 18.33 -17.45 -32.12
CA TYR A 10 17.91 -16.67 -30.96
C TYR A 10 18.44 -15.25 -31.11
N GLY A 11 17.57 -14.27 -30.91
CA GLY A 11 17.94 -12.88 -31.07
C GLY A 11 17.68 -12.38 -32.47
N VAL A 12 16.44 -12.54 -32.94
CA VAL A 12 16.08 -12.21 -34.31
C VAL A 12 15.28 -10.90 -34.30
N PRO A 13 15.40 -10.04 -35.32
CA PRO A 13 14.61 -8.78 -35.34
C PRO A 13 13.17 -8.94 -35.82
N VAL A 14 12.29 -9.34 -34.90
CA VAL A 14 10.88 -9.52 -35.17
C VAL A 14 10.07 -9.04 -33.97
N TRP A 15 8.96 -8.35 -34.24
CA TRP A 15 8.14 -7.76 -33.20
C TRP A 15 6.66 -8.07 -33.44
N LYS A 16 5.86 -7.85 -32.39
CA LYS A 16 4.41 -7.96 -32.45
C LYS A 16 3.80 -6.78 -31.71
N ASP A 17 2.52 -6.54 -31.96
CA ASP A 17 1.82 -5.46 -31.29
C ASP A 17 1.33 -5.92 -29.92
N ALA A 18 1.65 -5.14 -28.89
CA ALA A 18 1.28 -5.49 -27.52
C ALA A 18 1.11 -4.21 -26.71
N GLU A 19 0.95 -4.37 -25.40
CA GLU A 19 0.77 -3.24 -24.49
C GLU A 19 1.51 -3.53 -23.19
N THR A 20 1.91 -2.46 -22.51
CA THR A 20 2.67 -2.58 -21.27
C THR A 20 2.44 -1.31 -20.45
N THR A 21 3.27 -1.12 -19.42
CA THR A 21 3.18 0.03 -18.53
C THR A 21 4.50 0.79 -18.63
N LEU A 22 4.49 1.88 -19.40
CA LEU A 22 5.67 2.72 -19.52
C LEU A 22 5.91 3.49 -18.22
N PHE A 23 7.13 4.01 -18.08
CA PHE A 23 7.51 4.73 -16.87
C PHE A 23 7.97 6.14 -17.24
N CYS A 24 8.09 7.00 -16.22
CA CYS A 24 8.36 8.41 -16.45
C CYS A 24 9.86 8.67 -16.52
N ALA A 25 10.19 9.82 -17.12
CA ALA A 25 11.57 10.29 -17.17
C ALA A 25 11.52 11.78 -17.46
N SER A 26 12.00 12.60 -16.53
CA SER A 26 11.90 14.05 -16.64
C SER A 26 13.29 14.66 -16.47
N ASP A 27 13.40 15.92 -16.87
CA ASP A 27 14.66 16.65 -16.73
C ASP A 27 15.00 16.81 -15.25
N ALA A 28 16.29 16.74 -14.94
CA ALA A 28 16.72 16.72 -13.55
C ALA A 28 16.49 18.07 -12.88
N LYS A 29 17.13 19.12 -13.40
CA LYS A 29 17.10 20.48 -12.85
C LYS A 29 17.65 20.54 -11.43
N ALA A 30 18.24 19.45 -10.93
CA ALA A 30 18.80 19.33 -9.59
C ALA A 30 17.72 19.39 -8.51
N TYR A 31 16.48 19.64 -8.91
CA TYR A 31 15.32 19.73 -8.03
C TYR A 31 15.63 20.51 -6.75
N GLU A 32 16.01 21.78 -6.95
CA GLU A 32 16.40 22.64 -5.84
C GLU A 32 15.42 23.81 -5.65
N THR A 33 15.17 24.59 -6.69
CA THR A 33 14.34 25.78 -6.58
C THR A 33 12.86 25.51 -6.88
N GLU A 34 12.49 24.27 -7.17
CA GLU A 34 11.10 23.96 -7.48
C GLU A 34 10.25 24.08 -6.22
N LYS A 35 9.18 24.88 -6.31
CA LYS A 35 8.28 25.09 -5.19
C LYS A 35 7.16 24.06 -5.16
N HIS A 36 7.54 22.78 -5.23
CA HIS A 36 6.60 21.66 -5.11
C HIS A 36 5.49 21.75 -6.17
N ASN A 37 5.92 21.62 -7.43
CA ASN A 37 4.97 21.52 -8.52
C ASN A 37 4.05 20.32 -8.31
N VAL A 38 2.79 20.46 -8.70
CA VAL A 38 1.83 19.37 -8.54
C VAL A 38 2.29 18.15 -9.35
N TRP A 39 2.73 18.37 -10.58
CA TRP A 39 3.35 17.31 -11.38
C TRP A 39 4.79 17.13 -10.89
N ALA A 40 4.90 16.52 -9.72
CA ALA A 40 6.21 16.38 -9.06
C ALA A 40 7.15 15.56 -9.92
N THR A 41 8.37 16.10 -10.12
CA THR A 41 9.38 15.41 -10.89
C THR A 41 10.34 14.60 -10.02
N HIS A 42 10.16 14.61 -8.71
CA HIS A 42 10.97 13.77 -7.83
C HIS A 42 10.46 12.35 -7.73
N ALA A 43 9.32 12.04 -8.37
CA ALA A 43 8.73 10.72 -8.28
C ALA A 43 9.13 9.79 -9.42
N CYS A 44 9.95 10.25 -10.36
CA CYS A 44 10.40 9.38 -11.45
C CYS A 44 11.83 9.74 -11.82
N VAL A 45 12.52 8.74 -12.38
CA VAL A 45 13.96 8.78 -12.64
C VAL A 45 14.29 9.88 -13.65
N PRO A 46 15.40 10.60 -13.47
CA PRO A 46 15.80 11.60 -14.47
C PRO A 46 16.17 10.94 -15.80
N THR A 47 16.22 11.78 -16.83
CA THR A 47 16.42 11.33 -18.20
C THR A 47 17.89 11.44 -18.60
N ASP A 48 18.19 11.04 -19.84
CA ASP A 48 19.50 11.09 -20.46
C ASP A 48 19.60 12.29 -21.38
N PRO A 49 20.59 13.17 -21.19
CA PRO A 49 20.68 14.38 -22.03
C PRO A 49 20.80 14.09 -23.51
N ASN A 50 21.51 13.03 -23.90
CA ASN A 50 21.72 12.72 -25.30
C ASN A 50 20.78 11.60 -25.72
N PRO A 51 19.78 11.86 -26.56
CA PRO A 51 18.86 10.81 -26.98
C PRO A 51 19.41 10.01 -28.16
N GLN A 52 18.75 8.88 -28.43
CA GLN A 52 19.11 8.01 -29.54
C GLN A 52 17.90 7.80 -30.43
N GLU A 53 18.12 7.84 -31.74
CA GLU A 53 17.07 7.62 -32.73
C GLU A 53 17.67 6.84 -33.89
N ILE A 54 17.33 5.55 -33.97
CA ILE A 54 17.83 4.68 -35.04
C ILE A 54 16.81 4.67 -36.17
N HIS A 55 17.26 5.05 -37.36
CA HIS A 55 16.38 5.15 -38.52
C HIS A 55 16.26 3.78 -39.16
N LEU A 56 15.15 3.09 -38.92
CA LEU A 56 14.88 1.84 -39.61
C LEU A 56 14.64 2.09 -41.09
N GLU A 57 14.96 1.09 -41.90
CA GLU A 57 14.86 1.19 -43.35
C GLU A 57 14.01 0.05 -43.90
N ASN A 58 13.45 0.27 -45.08
CA ASN A 58 12.80 -0.77 -45.89
C ASN A 58 11.50 -1.27 -45.28
N VAL A 59 11.10 -0.74 -44.12
CA VAL A 59 10.02 -1.30 -43.32
C VAL A 59 8.84 -0.33 -43.32
N THR A 60 7.64 -0.86 -43.57
CA THR A 60 6.40 -0.09 -43.50
C THR A 60 5.54 -0.66 -42.37
N GLU A 61 5.07 0.22 -41.49
CA GLU A 61 4.32 -0.21 -40.31
C GLU A 61 2.98 0.53 -40.26
N GLU A 62 1.92 -0.20 -39.91
CA GLU A 62 0.58 0.38 -39.88
C GLU A 62 0.26 0.95 -38.51
N PHE A 63 -0.37 2.12 -38.50
CA PHE A 63 -0.71 2.84 -37.28
C PHE A 63 -2.21 3.08 -37.22
N ASN A 64 -2.70 3.27 -36.00
CA ASN A 64 -4.11 3.59 -35.75
C ASN A 64 -4.17 4.38 -34.44
N MET A 65 -4.32 5.70 -34.55
CA MET A 65 -4.24 6.56 -33.38
C MET A 65 -5.52 6.59 -32.55
N TRP A 66 -6.63 6.07 -33.08
CA TRP A 66 -7.89 6.07 -32.35
C TRP A 66 -8.10 4.83 -31.51
N LYS A 67 -7.20 3.84 -31.60
CA LYS A 67 -7.20 2.68 -30.73
C LYS A 67 -5.90 2.55 -29.95
N ASN A 68 -5.17 3.65 -29.79
CA ASN A 68 -3.91 3.65 -29.06
C ASN A 68 -4.16 3.32 -27.59
N ASN A 69 -3.19 2.62 -26.99
CA ASN A 69 -3.28 2.25 -25.59
C ASN A 69 -2.41 3.12 -24.69
N MET A 70 -1.61 4.02 -25.27
CA MET A 70 -0.81 4.92 -24.45
C MET A 70 -1.63 6.04 -23.84
N VAL A 71 -2.74 6.43 -24.49
CA VAL A 71 -3.55 7.54 -23.98
C VAL A 71 -4.18 7.17 -22.65
N GLU A 72 -4.71 5.95 -22.53
CA GLU A 72 -5.34 5.54 -21.28
C GLU A 72 -4.32 5.48 -20.14
N GLN A 73 -3.14 4.92 -20.42
CA GLN A 73 -2.10 4.85 -19.41
C GLN A 73 -1.64 6.24 -18.99
N MET A 74 -1.48 7.14 -19.95
CA MET A 74 -1.08 8.50 -19.62
C MET A 74 -2.14 9.21 -18.79
N HIS A 75 -3.41 9.02 -19.12
CA HIS A 75 -4.48 9.64 -18.36
C HIS A 75 -4.50 9.14 -16.93
N THR A 76 -4.38 7.82 -16.74
CA THR A 76 -4.34 7.28 -15.38
C THR A 76 -3.11 7.78 -14.64
N ASP A 77 -1.97 7.87 -15.33
CA ASP A 77 -0.75 8.41 -14.72
C ASP A 77 -0.96 9.84 -14.22
N ILE A 78 -1.55 10.69 -15.05
CA ILE A 78 -1.73 12.08 -14.68
C ILE A 78 -2.72 12.20 -13.52
N ILE A 79 -3.80 11.41 -13.54
CA ILE A 79 -4.76 11.47 -12.44
C ILE A 79 -4.12 11.04 -11.13
N SER A 80 -3.33 9.96 -11.16
CA SER A 80 -2.69 9.49 -9.94
C SER A 80 -1.62 10.47 -9.45
N LEU A 81 -0.90 11.12 -10.36
CA LEU A 81 0.08 12.12 -9.97
C LEU A 81 -0.60 13.33 -9.35
N TRP A 82 -1.76 13.72 -9.87
CA TRP A 82 -2.48 14.87 -9.32
C TRP A 82 -3.06 14.55 -7.95
N ASP A 83 -3.63 13.37 -7.78
CA ASP A 83 -4.24 13.03 -6.49
C ASP A 83 -3.20 12.55 -5.50
N GLN A 84 -2.07 13.27 -5.40
CA GLN A 84 -1.10 13.05 -4.34
C GLN A 84 -0.60 14.35 -3.70
N SER A 85 -0.60 15.46 -4.42
CA SER A 85 -0.23 16.74 -3.83
C SER A 85 -1.39 17.41 -3.11
N LEU A 86 -2.62 16.96 -3.36
CA LEU A 86 -3.78 17.49 -2.66
C LEU A 86 -4.08 16.76 -1.37
N LYS A 87 -3.41 15.63 -1.10
CA LYS A 87 -3.65 14.91 0.13
C LYS A 87 -3.24 15.69 1.38
N PRO A 88 -2.02 16.24 1.50
CA PRO A 88 -1.61 16.86 2.77
C PRO A 88 -1.91 18.36 2.85
N CYS A 89 -3.18 18.72 2.72
CA CYS A 89 -3.61 20.07 3.08
C CYS A 89 -5.10 20.08 3.36
N VAL A 90 -5.55 21.21 3.92
CA VAL A 90 -6.79 21.27 4.69
C VAL A 90 -8.01 20.86 3.87
N LYS A 91 -8.91 20.10 4.50
CA LYS A 91 -10.20 19.73 3.95
C LYS A 91 -11.26 20.65 4.55
N LEU A 92 -12.01 21.34 3.70
CA LEU A 92 -12.95 22.37 4.13
C LEU A 92 -14.32 21.76 4.46
N THR A 93 -14.35 20.99 5.53
CA THR A 93 -15.60 20.43 6.02
C THR A 93 -16.46 21.42 6.80
N PRO A 94 -15.91 22.41 7.56
CA PRO A 94 -16.79 23.26 8.38
C PRO A 94 -17.32 24.47 7.63
N LEU A 95 -17.21 24.47 6.30
CA LEU A 95 -17.60 25.63 5.50
C LEU A 95 -19.06 25.58 5.08
N CYS A 96 -19.78 24.51 5.39
CA CYS A 96 -21.19 24.39 5.01
C CYS A 96 -22.03 25.13 6.03
N VAL A 97 -22.20 26.44 5.82
CA VAL A 97 -23.02 27.27 6.69
C VAL A 97 -23.89 28.15 5.80
N THR A 98 -24.96 28.68 6.40
CA THR A 98 -25.88 29.55 5.68
C THR A 98 -25.25 30.94 5.59
N LEU A 99 -24.64 31.23 4.44
CA LEU A 99 -24.05 32.53 4.21
C LEU A 99 -25.14 33.60 4.16
N GLN A 100 -24.78 34.83 4.54
CA GLN A 100 -25.64 35.98 4.37
C GLN A 100 -24.92 36.95 3.44
N CYS A 101 -25.45 37.12 2.24
CA CYS A 101 -24.75 37.79 1.16
C CYS A 101 -25.51 39.02 0.68
N THR A 102 -24.75 40.03 0.28
CA THR A 102 -25.29 41.23 -0.35
C THR A 102 -24.43 41.58 -1.56
N ASN A 103 -24.91 42.52 -2.38
CA ASN A 103 -24.14 42.96 -3.51
C ASN A 103 -23.06 43.96 -3.07
N VAL A 104 -22.04 44.09 -3.90
CA VAL A 104 -20.93 45.02 -3.66
C VAL A 104 -20.90 46.02 -4.80
N THR A 105 -20.91 47.31 -4.46
CA THR A 105 -20.97 48.38 -5.44
C THR A 105 -19.96 49.47 -5.09
N ASN A 106 -18.72 49.08 -4.84
CA ASN A 106 -17.66 50.03 -4.54
C ASN A 106 -16.96 50.42 -5.84
N ASN A 107 -17.57 51.37 -6.54
CA ASN A 107 -17.07 51.87 -7.82
C ASN A 107 -16.91 50.75 -8.83
N ILE A 108 -18.02 50.05 -9.08
CA ILE A 108 -18.04 48.92 -9.99
C ILE A 108 -18.53 49.41 -11.36
N THR A 109 -18.21 48.64 -12.39
CA THR A 109 -18.63 48.95 -13.75
C THR A 109 -19.91 48.20 -14.09
N ASP A 110 -20.58 48.69 -15.14
CA ASP A 110 -21.84 48.10 -15.55
C ASP A 110 -21.67 46.71 -16.17
N ASP A 111 -20.48 46.39 -16.65
CA ASP A 111 -20.26 45.05 -17.20
C ASP A 111 -20.21 44.00 -16.10
N MET A 112 -19.65 44.34 -14.94
CA MET A 112 -19.54 43.42 -13.81
C MET A 112 -20.61 43.72 -12.77
N ARG A 113 -21.81 44.08 -13.21
CA ARG A 113 -22.93 44.19 -12.28
C ARG A 113 -23.21 42.83 -11.65
N GLY A 114 -23.36 42.81 -10.33
CA GLY A 114 -23.39 41.53 -9.65
C GLY A 114 -22.04 40.84 -9.75
N GLU A 115 -22.08 39.51 -9.88
CA GLU A 115 -20.91 38.68 -10.13
C GLU A 115 -19.96 38.67 -8.93
N LEU A 116 -20.26 39.48 -7.91
CA LEU A 116 -19.47 39.50 -6.69
C LEU A 116 -20.41 39.71 -5.52
N LYS A 117 -20.27 38.90 -4.48
CA LYS A 117 -21.15 38.95 -3.32
C LYS A 117 -20.33 39.11 -2.06
N ASN A 118 -20.71 40.07 -1.23
CA ASN A 118 -20.14 40.26 0.10
C ASN A 118 -20.90 39.34 1.05
N CYS A 119 -20.26 38.27 1.50
CA CYS A 119 -20.93 37.22 2.26
C CYS A 119 -20.31 37.12 3.65
N SER A 120 -21.16 37.20 4.67
CA SER A 120 -20.74 37.06 6.06
C SER A 120 -21.37 35.79 6.65
N PHE A 121 -20.63 35.15 7.56
CA PHE A 121 -21.05 33.88 8.11
C PHE A 121 -20.31 33.61 9.42
N ASN A 122 -20.59 32.44 10.00
CA ASN A 122 -20.09 32.02 11.29
C ASN A 122 -18.96 31.03 11.05
N MET A 123 -18.09 30.85 12.05
CA MET A 123 -17.06 29.82 11.94
C MET A 123 -16.54 29.44 13.32
N THR A 124 -15.94 28.26 13.38
CA THR A 124 -15.31 27.75 14.60
C THR A 124 -13.84 28.12 14.62
N THR A 125 -13.37 28.56 15.78
CA THR A 125 -11.97 28.91 15.96
C THR A 125 -11.19 27.66 16.36
N GLU A 126 -9.93 27.84 16.78
CA GLU A 126 -9.09 26.69 17.13
C GLU A 126 -9.67 25.92 18.31
N LEU A 127 -10.16 26.64 19.33
CA LEU A 127 -10.81 26.00 20.46
C LEU A 127 -12.29 25.78 20.12
N ARG A 128 -12.75 24.54 20.27
CA ARG A 128 -14.13 24.23 19.90
C ARG A 128 -15.10 24.67 20.99
N ASP A 129 -14.99 25.93 21.39
CA ASP A 129 -15.91 26.51 22.36
C ASP A 129 -16.43 27.87 21.96
N LYS A 130 -15.80 28.57 21.02
CA LYS A 130 -16.18 29.92 20.64
C LYS A 130 -16.39 29.99 19.13
N LYS A 131 -17.17 30.98 18.72
CA LYS A 131 -17.46 31.21 17.31
C LYS A 131 -17.00 32.60 16.91
N GLN A 132 -16.53 32.72 15.68
CA GLN A 132 -16.08 33.98 15.10
C GLN A 132 -16.93 34.31 13.88
N LYS A 133 -17.25 35.59 13.72
CA LYS A 133 -18.03 36.07 12.58
C LYS A 133 -17.08 36.64 11.54
N VAL A 134 -17.09 36.07 10.34
CA VAL A 134 -16.15 36.46 9.29
C VAL A 134 -16.92 36.81 8.03
N TYR A 135 -16.20 37.32 7.04
CA TYR A 135 -16.80 37.73 5.78
C TYR A 135 -15.77 37.58 4.67
N SER A 136 -16.27 37.48 3.44
CA SER A 136 -15.41 37.32 2.27
C SER A 136 -16.20 37.67 1.02
N LEU A 137 -15.47 37.82 -0.08
CA LEU A 137 -16.07 38.10 -1.38
C LEU A 137 -16.13 36.81 -2.20
N PHE A 138 -17.34 36.41 -2.57
CA PHE A 138 -17.57 35.18 -3.30
C PHE A 138 -18.10 35.50 -4.68
N TYR A 139 -17.55 34.85 -5.70
CA TYR A 139 -18.06 35.02 -7.05
C TYR A 139 -19.46 34.43 -7.16
N ARG A 140 -20.26 35.00 -8.07
CA ARG A 140 -21.66 34.60 -8.20
C ARG A 140 -21.78 33.13 -8.62
N LEU A 141 -20.79 32.62 -9.35
CA LEU A 141 -20.86 31.26 -9.86
C LEU A 141 -20.72 30.18 -8.78
N ASP A 142 -20.35 30.55 -7.56
CA ASP A 142 -20.08 29.57 -6.51
C ASP A 142 -21.05 29.66 -5.34
N VAL A 143 -22.19 30.32 -5.50
CA VAL A 143 -23.20 30.38 -4.45
C VAL A 143 -24.57 30.17 -5.09
N VAL A 144 -25.41 29.37 -4.45
CA VAL A 144 -26.77 29.16 -4.92
C VAL A 144 -27.74 29.57 -3.81
N GLN A 145 -28.91 30.05 -4.23
CA GLN A 145 -29.89 30.56 -3.28
C GLN A 145 -30.57 29.42 -2.53
N ILE A 146 -30.92 29.69 -1.28
CA ILE A 146 -31.59 28.73 -0.42
C ILE A 146 -32.80 29.43 0.20
N ASN A 147 -33.86 28.66 0.43
CA ASN A 147 -35.10 29.16 1.03
C ASN A 147 -35.73 30.23 0.15
N GLU A 148 -36.00 29.85 -1.10
CA GLU A 148 -36.62 30.76 -2.06
C GLU A 148 -38.09 30.99 -1.71
N ASN A 158 -30.33 40.84 1.43
CA ASN A 158 -29.59 40.05 2.42
C ASN A 158 -30.22 38.67 2.60
N LYS A 159 -30.57 38.05 1.48
CA LYS A 159 -31.15 36.70 1.53
C LYS A 159 -30.06 35.67 1.78
N GLU A 160 -30.47 34.50 2.25
CA GLU A 160 -29.54 33.44 2.59
C GLU A 160 -29.08 32.71 1.33
N TYR A 161 -27.80 32.37 1.30
CA TYR A 161 -27.18 31.63 0.21
C TYR A 161 -26.55 30.37 0.75
N ARG A 162 -25.91 29.59 -0.12
CA ARG A 162 -25.13 28.45 0.33
C ARG A 162 -24.12 28.10 -0.74
N LEU A 163 -23.03 27.45 -0.30
CA LEU A 163 -22.01 27.00 -1.24
C LEU A 163 -22.58 25.97 -2.19
N ILE A 164 -22.11 26.01 -3.44
CA ILE A 164 -22.70 25.17 -4.47
C ILE A 164 -22.36 23.70 -4.26
N ASN A 165 -21.15 23.39 -3.81
CA ASN A 165 -20.65 22.03 -3.86
C ASN A 165 -21.20 21.11 -2.77
N CYS A 166 -21.41 21.61 -1.55
CA CYS A 166 -21.54 20.71 -0.41
C CYS A 166 -23.00 20.34 -0.10
N ASN A 167 -23.86 20.29 -1.12
CA ASN A 167 -25.05 19.46 -0.99
C ASN A 167 -24.74 18.05 -1.48
N THR A 168 -23.67 17.90 -2.26
CA THR A 168 -23.25 16.60 -2.79
C THR A 168 -21.95 16.10 -2.17
N SER A 169 -20.94 16.96 -2.04
CA SER A 169 -19.66 16.52 -1.50
C SER A 169 -18.91 17.72 -0.92
N ALA A 170 -18.00 17.43 0.00
CA ALA A 170 -17.16 18.43 0.65
C ALA A 170 -15.86 18.59 -0.14
N CYS A 171 -15.32 19.81 -0.11
CA CYS A 171 -14.18 20.15 -0.94
C CYS A 171 -12.87 19.92 -0.20
N THR A 172 -11.77 20.03 -0.95
CA THR A 172 -10.41 19.85 -0.43
C THR A 172 -9.57 21.01 -0.96
N GLN A 173 -9.40 22.03 -0.12
CA GLN A 173 -8.71 23.25 -0.55
C GLN A 173 -7.31 22.94 -1.06
N ALA A 174 -7.00 23.46 -2.24
CA ALA A 174 -5.69 23.25 -2.84
C ALA A 174 -4.61 23.89 -1.97
N CYS A 175 -3.52 23.16 -1.79
CA CYS A 175 -2.44 23.66 -0.95
C CYS A 175 -1.88 24.95 -1.56
N PRO A 176 -1.58 25.95 -0.74
CA PRO A 176 -1.32 27.30 -1.30
C PRO A 176 0.08 27.49 -1.87
N LYS A 177 1.07 26.71 -1.44
CA LYS A 177 2.43 26.91 -1.93
C LYS A 177 2.62 26.33 -3.33
N VAL A 178 1.93 25.23 -3.65
CA VAL A 178 2.17 24.54 -4.91
C VAL A 178 1.71 25.40 -6.09
N SER A 179 2.23 25.06 -7.28
CA SER A 179 1.88 25.75 -8.51
C SER A 179 1.44 24.73 -9.55
N PHE A 180 0.57 25.16 -10.46
CA PHE A 180 -0.02 24.29 -11.45
C PHE A 180 0.66 24.39 -12.81
N GLU A 181 1.80 25.04 -12.89
CA GLU A 181 2.46 25.23 -14.18
C GLU A 181 2.93 23.89 -14.74
N PRO A 182 2.57 23.54 -15.97
CA PRO A 182 2.99 22.25 -16.52
C PRO A 182 4.47 22.20 -16.83
N ILE A 183 5.02 20.98 -16.82
CA ILE A 183 6.42 20.75 -17.17
C ILE A 183 6.52 19.51 -18.02
N PRO A 184 7.50 19.47 -18.92
CA PRO A 184 7.63 18.33 -19.83
C PRO A 184 7.86 17.02 -19.10
N ILE A 185 7.25 15.96 -19.62
CA ILE A 185 7.39 14.61 -19.07
C ILE A 185 7.64 13.65 -20.23
N HIS A 186 8.70 12.86 -20.13
CA HIS A 186 9.03 11.86 -21.13
C HIS A 186 8.51 10.50 -20.67
N TYR A 187 7.98 9.72 -21.61
CA TYR A 187 7.45 8.39 -21.33
C TYR A 187 8.35 7.37 -21.99
N CYS A 188 9.06 6.57 -21.19
CA CYS A 188 9.99 5.59 -21.71
C CYS A 188 9.49 4.18 -21.45
N ALA A 189 9.86 3.26 -22.34
CA ALA A 189 9.42 1.88 -22.41
C ALA A 189 10.40 0.95 -21.68
N PRO A 190 9.90 -0.06 -21.00
CA PRO A 190 10.77 -0.96 -20.25
C PRO A 190 11.55 -1.88 -21.18
N ALA A 191 12.47 -2.63 -20.59
CA ALA A 191 13.30 -3.55 -21.38
C ALA A 191 12.46 -4.69 -21.93
N GLY A 192 12.73 -5.05 -23.18
CA GLY A 192 11.96 -6.05 -23.88
C GLY A 192 10.94 -5.48 -24.85
N PHE A 193 10.65 -4.18 -24.76
CA PHE A 193 9.72 -3.51 -25.66
C PHE A 193 10.46 -2.44 -26.45
N ALA A 194 9.81 -1.92 -27.48
CA ALA A 194 10.38 -0.89 -28.32
C ALA A 194 9.29 0.12 -28.68
N ILE A 195 9.71 1.37 -28.89
CA ILE A 195 8.81 2.46 -29.24
C ILE A 195 9.13 2.90 -30.66
N LEU A 196 8.12 2.79 -31.53
CA LEU A 196 8.22 3.20 -32.92
C LEU A 196 7.53 4.54 -33.12
N LYS A 197 8.13 5.34 -34.01
CA LYS A 197 7.64 6.69 -34.30
C LYS A 197 7.62 6.87 -35.80
N CYS A 198 6.50 7.32 -36.35
CA CYS A 198 6.33 7.45 -37.79
C CYS A 198 6.82 8.83 -38.21
N LYS A 199 7.97 8.87 -38.86
CA LYS A 199 8.58 10.14 -39.30
C LYS A 199 8.08 10.56 -40.68
N ASP A 200 6.75 10.65 -40.82
CA ASP A 200 6.13 11.09 -42.05
C ASP A 200 5.64 12.52 -41.89
N LYS A 201 5.08 13.08 -42.96
CA LYS A 201 4.54 14.43 -42.95
C LYS A 201 3.13 14.54 -43.51
N LYS A 202 2.69 13.61 -44.35
CA LYS A 202 1.31 13.57 -44.84
C LYS A 202 0.50 12.48 -44.13
N PHE A 203 0.96 12.04 -42.97
CA PHE A 203 0.33 10.96 -42.23
C PHE A 203 -0.87 11.51 -41.47
N ASN A 204 -2.07 11.01 -41.78
CA ASN A 204 -3.29 11.57 -41.20
C ASN A 204 -3.74 10.87 -39.93
N GLY A 205 -3.02 9.85 -39.47
CA GLY A 205 -3.36 9.23 -38.21
C GLY A 205 -3.57 7.74 -38.26
N THR A 206 -4.18 7.24 -39.34
CA THR A 206 -4.42 5.81 -39.51
C THR A 206 -3.88 5.36 -40.85
N GLY A 207 -3.47 4.10 -40.91
CA GLY A 207 -2.97 3.53 -42.15
C GLY A 207 -1.50 3.21 -42.11
N PRO A 208 -0.95 2.77 -43.24
CA PRO A 208 0.49 2.45 -43.29
C PRO A 208 1.35 3.68 -43.23
N CYS A 209 2.57 3.49 -42.72
CA CYS A 209 3.59 4.53 -42.68
C CYS A 209 4.86 3.90 -43.26
N PRO A 210 5.41 4.47 -44.33
CA PRO A 210 6.54 3.82 -45.02
C PRO A 210 7.92 4.18 -44.50
N SER A 211 8.03 5.04 -43.50
CA SER A 211 9.33 5.42 -42.94
C SER A 211 9.17 5.57 -41.43
N VAL A 212 9.45 4.49 -40.70
CA VAL A 212 9.34 4.48 -39.26
C VAL A 212 10.73 4.59 -38.66
N SER A 213 10.79 4.87 -37.36
CA SER A 213 12.05 4.91 -36.64
C SER A 213 11.82 4.34 -35.24
N THR A 214 12.90 3.87 -34.62
CA THR A 214 12.87 3.37 -33.26
C THR A 214 13.50 4.41 -32.36
N VAL A 215 12.72 4.91 -31.38
CA VAL A 215 13.21 5.96 -30.51
C VAL A 215 13.39 5.39 -29.12
N GLN A 216 14.34 5.96 -28.37
CA GLN A 216 14.54 5.53 -26.99
C GLN A 216 13.30 5.79 -26.16
N CYS A 217 12.81 7.03 -26.19
CA CYS A 217 11.47 7.35 -25.68
C CYS A 217 11.08 8.75 -26.14
N THR A 218 9.82 9.08 -25.89
CA THR A 218 9.16 10.21 -26.52
C THR A 218 9.71 11.54 -26.03
N HIS A 219 9.41 12.59 -26.80
CA HIS A 219 9.78 13.95 -26.44
C HIS A 219 8.85 14.48 -25.35
N GLY A 220 9.21 15.65 -24.82
CA GLY A 220 8.46 16.25 -23.73
C GLY A 220 7.01 16.52 -24.05
N ILE A 221 6.11 16.05 -23.20
CA ILE A 221 4.68 16.21 -23.38
C ILE A 221 4.14 16.98 -22.20
N LYS A 222 3.70 18.20 -22.44
CA LYS A 222 3.17 19.04 -21.36
C LYS A 222 1.72 18.65 -21.07
N PRO A 223 1.38 18.34 -19.83
CA PRO A 223 0.00 17.98 -19.48
C PRO A 223 -0.89 19.21 -19.25
N VAL A 224 -1.05 20.01 -20.30
CA VAL A 224 -1.88 21.20 -20.22
C VAL A 224 -3.34 20.81 -20.43
N VAL A 225 -4.20 21.21 -19.51
CA VAL A 225 -5.62 20.90 -19.56
C VAL A 225 -6.36 22.11 -20.10
N SER A 226 -7.11 21.92 -21.18
CA SER A 226 -7.81 23.01 -21.84
C SER A 226 -9.09 22.46 -22.45
N THR A 227 -9.72 23.27 -23.30
CA THR A 227 -10.99 22.91 -23.93
C THR A 227 -11.27 23.83 -25.11
N GLN A 228 -11.71 23.27 -26.23
CA GLN A 228 -12.25 24.02 -27.36
C GLN A 228 -11.16 24.76 -28.15
N LEU A 229 -9.95 24.78 -27.61
CA LEU A 229 -8.81 25.41 -28.28
C LEU A 229 -7.56 24.83 -27.64
N LEU A 230 -6.83 24.00 -28.37
CA LEU A 230 -5.59 23.44 -27.84
C LEU A 230 -4.55 24.54 -27.72
N LEU A 231 -3.87 24.58 -26.58
CA LEU A 231 -2.89 25.62 -26.29
C LEU A 231 -1.53 24.99 -26.08
N ASN A 232 -0.50 25.78 -26.39
CA ASN A 232 0.87 25.50 -25.98
C ASN A 232 1.40 24.17 -26.52
N GLY A 233 0.81 23.69 -27.62
CA GLY A 233 1.12 22.37 -28.16
C GLY A 233 2.19 22.38 -29.23
N SER A 234 2.24 21.26 -29.95
CA SER A 234 3.21 21.03 -31.02
C SER A 234 2.52 21.16 -32.37
N LEU A 235 3.11 21.96 -33.25
CA LEU A 235 2.54 22.22 -34.57
C LEU A 235 3.11 21.28 -35.61
N ALA A 236 2.30 20.97 -36.62
CA ALA A 236 2.69 20.11 -37.72
C ALA A 236 3.33 20.92 -38.84
N GLU A 237 4.22 20.28 -39.57
CA GLU A 237 4.89 20.91 -40.70
C GLU A 237 3.97 20.87 -41.93
N GLU A 238 4.49 21.30 -43.08
CA GLU A 238 3.74 21.36 -44.33
C GLU A 238 2.52 22.26 -44.19
N GLU A 239 1.34 21.65 -44.14
CA GLU A 239 0.08 22.40 -44.04
C GLU A 239 -0.72 21.83 -42.86
N VAL A 240 -1.89 22.44 -42.61
CA VAL A 240 -2.74 21.99 -41.53
C VAL A 240 -3.26 20.59 -41.84
N MET A 241 -3.52 19.82 -40.78
CA MET A 241 -3.93 18.43 -40.91
C MET A 241 -5.27 18.22 -40.23
N ILE A 242 -6.17 17.51 -40.91
CA ILE A 242 -7.49 17.19 -40.39
C ILE A 242 -7.53 15.70 -40.09
N ARG A 243 -7.72 15.34 -38.83
CA ARG A 243 -7.75 13.96 -38.39
C ARG A 243 -9.08 13.66 -37.72
N SER A 244 -9.67 12.53 -38.06
CA SER A 244 -10.91 12.09 -37.44
C SER A 244 -11.00 10.57 -37.55
N GLU A 245 -11.69 9.97 -36.58
CA GLU A 245 -11.86 8.53 -36.60
C GLU A 245 -12.63 8.08 -37.84
N ASN A 246 -13.74 8.77 -38.14
CA ASN A 246 -14.57 8.45 -39.29
C ASN A 246 -15.25 9.75 -39.68
N ILE A 247 -14.68 10.47 -40.65
CA ILE A 247 -15.28 11.76 -41.00
C ILE A 247 -16.32 11.52 -42.08
N THR A 248 -17.45 10.93 -41.68
CA THR A 248 -18.73 11.00 -42.38
C THR A 248 -19.90 11.08 -41.42
N ASN A 249 -19.69 10.77 -40.14
CA ASN A 249 -20.75 10.64 -39.15
C ASN A 249 -20.64 11.82 -38.19
N ASN A 250 -21.77 12.47 -37.92
CA ASN A 250 -21.78 13.64 -37.07
C ASN A 250 -21.85 13.26 -35.59
N ALA A 251 -20.96 12.38 -35.15
CA ALA A 251 -20.86 12.03 -33.74
C ALA A 251 -19.42 11.91 -33.27
N LYS A 252 -18.45 12.29 -34.10
CA LYS A 252 -17.03 12.21 -33.76
C LYS A 252 -16.37 13.54 -34.06
N ASN A 253 -15.28 13.82 -33.33
CA ASN A 253 -14.61 15.10 -33.46
C ASN A 253 -13.81 15.17 -34.75
N ILE A 254 -13.47 16.40 -35.13
CA ILE A 254 -12.79 16.69 -36.39
C ILE A 254 -11.46 17.38 -36.09
N LEU A 255 -10.80 16.95 -35.02
CA LEU A 255 -9.58 17.54 -34.49
C LEU A 255 -8.66 18.11 -35.56
N VAL A 256 -8.25 19.36 -35.39
CA VAL A 256 -7.48 20.12 -36.38
C VAL A 256 -6.18 20.57 -35.74
N GLN A 257 -5.09 20.43 -36.47
CA GLN A 257 -3.77 20.88 -36.01
C GLN A 257 -3.27 21.99 -36.93
N PHE A 258 -2.85 23.10 -36.34
CA PHE A 258 -2.45 24.28 -37.09
C PHE A 258 -1.05 24.09 -37.68
N ASN A 259 -0.59 25.09 -38.41
CA ASN A 259 0.75 25.13 -38.98
C ASN A 259 1.60 26.26 -38.41
N THR A 260 0.99 27.41 -38.14
CA THR A 260 1.65 28.53 -37.48
C THR A 260 0.83 28.94 -36.25
N PRO A 261 1.48 29.22 -35.13
CA PRO A 261 0.73 29.51 -33.91
C PRO A 261 0.04 30.86 -33.97
N VAL A 262 -1.03 30.98 -33.20
CA VAL A 262 -1.73 32.26 -33.05
C VAL A 262 -1.54 32.73 -31.61
N GLN A 263 -0.91 33.89 -31.45
CA GLN A 263 -0.63 34.39 -30.11
C GLN A 263 -1.88 34.98 -29.48
N ILE A 264 -2.13 34.61 -28.22
CA ILE A 264 -3.29 35.10 -27.48
C ILE A 264 -2.82 35.59 -26.12
N ASN A 265 -3.22 36.81 -25.76
CA ASN A 265 -2.98 37.29 -24.41
C ASN A 265 -4.23 37.14 -23.55
N CYS A 266 -4.03 37.02 -22.24
CA CYS A 266 -5.14 36.93 -21.31
C CYS A 266 -4.76 37.65 -20.03
N THR A 267 -5.71 38.40 -19.47
CA THR A 267 -5.39 39.20 -18.29
C THR A 267 -6.59 39.29 -17.36
N ARG A 268 -6.29 39.42 -16.07
CA ARG A 268 -7.23 39.78 -15.03
C ARG A 268 -6.67 41.00 -14.32
N PRO A 269 -7.35 42.16 -14.37
CA PRO A 269 -6.74 43.39 -13.86
C PRO A 269 -7.12 43.74 -12.44
N ASN A 270 -8.04 42.99 -11.84
CA ASN A 270 -8.45 43.27 -10.47
C ASN A 270 -7.28 43.08 -9.52
N ASN A 271 -7.07 44.05 -8.63
CA ASN A 271 -6.00 43.98 -7.64
C ASN A 271 -6.55 43.29 -6.40
N ASN A 272 -6.29 41.99 -6.29
CA ASN A 272 -6.86 41.17 -5.24
C ASN A 272 -5.94 41.11 -4.03
N THR A 273 -6.54 41.03 -2.85
CA THR A 273 -5.83 40.85 -1.59
C THR A 273 -6.44 39.67 -0.84
N ARG A 274 -5.60 38.76 -0.37
CA ARG A 274 -6.04 37.59 0.35
C ARG A 274 -5.91 37.80 1.86
N LYS A 275 -6.66 37.02 2.62
CA LYS A 275 -6.68 37.12 4.07
C LYS A 275 -6.93 35.74 4.66
N SER A 276 -6.16 35.39 5.68
CA SER A 276 -6.19 34.05 6.26
C SER A 276 -7.08 34.02 7.49
N ILE A 277 -7.78 32.89 7.67
CA ILE A 277 -8.61 32.62 8.84
C ILE A 277 -8.20 31.26 9.38
N ARG A 278 -8.43 31.04 10.67
CA ARG A 278 -8.13 29.77 11.31
C ARG A 278 -9.43 29.03 11.59
N ILE A 279 -9.50 27.76 11.17
CA ILE A 279 -10.70 26.98 11.35
C ILE A 279 -10.45 25.70 12.15
N GLY A 280 -9.38 25.67 12.93
CA GLY A 280 -9.09 24.51 13.75
C GLY A 280 -7.64 24.44 14.18
N PRO A 281 -7.23 23.29 14.68
CA PRO A 281 -5.83 23.10 15.14
C PRO A 281 -4.86 22.94 13.98
N GLY A 282 -4.40 24.07 13.46
CA GLY A 282 -3.45 24.07 12.36
C GLY A 282 -4.05 24.06 10.98
N GLN A 283 -5.32 24.43 10.85
CA GLN A 283 -5.99 24.48 9.55
C GLN A 283 -6.38 25.92 9.25
N ALA A 284 -5.97 26.41 8.08
CA ALA A 284 -6.22 27.77 7.67
C ALA A 284 -7.04 27.79 6.38
N PHE A 285 -7.88 28.82 6.26
CA PHE A 285 -8.75 29.02 5.11
C PHE A 285 -8.47 30.42 4.58
N TYR A 286 -7.97 30.51 3.33
CA TYR A 286 -7.51 31.78 2.73
C TYR A 286 -8.60 32.41 1.91
N ALA A 287 -9.26 33.44 2.40
CA ALA A 287 -10.40 34.02 1.71
C ALA A 287 -10.03 35.30 1.00
N THR A 288 -10.80 35.75 0.02
CA THR A 288 -10.53 37.04 -0.64
C THR A 288 -10.87 38.11 0.38
N GLY A 289 -10.76 39.38 0.05
CA GLY A 289 -11.02 40.34 1.13
C GLY A 289 -10.70 41.77 0.76
N ASP A 290 -11.47 42.40 -0.13
CA ASP A 290 -11.34 43.82 -0.52
C ASP A 290 -10.51 43.91 -1.79
N ILE A 291 -10.96 44.71 -2.74
CA ILE A 291 -10.26 44.86 -4.03
C ILE A 291 -9.89 46.33 -4.15
N ILE A 292 -8.62 46.65 -4.36
CA ILE A 292 -8.15 48.06 -4.39
C ILE A 292 -8.39 48.73 -5.75
N GLY A 293 -9.23 49.78 -5.81
CA GLY A 293 -9.51 50.54 -7.02
C GLY A 293 -10.78 50.08 -7.71
N ASP A 294 -10.88 50.42 -8.99
CA ASP A 294 -12.03 50.03 -9.78
C ASP A 294 -12.04 48.52 -10.02
N ILE A 295 -13.19 48.02 -10.44
CA ILE A 295 -13.40 46.60 -10.70
C ILE A 295 -13.70 46.44 -12.18
N ARG A 296 -12.90 45.63 -12.87
CA ARG A 296 -13.06 45.38 -14.29
C ARG A 296 -12.97 43.89 -14.55
N GLN A 297 -13.60 43.45 -15.63
CA GLN A 297 -13.69 42.04 -15.96
C GLN A 297 -12.43 41.58 -16.70
N ALA A 298 -12.01 40.35 -16.40
CA ALA A 298 -10.88 39.74 -17.09
C ALA A 298 -11.23 39.52 -18.55
N HIS A 299 -10.20 39.55 -19.41
CA HIS A 299 -10.48 39.41 -20.84
C HIS A 299 -9.23 38.88 -21.55
N CYS A 300 -9.47 38.37 -22.76
CA CYS A 300 -8.43 37.82 -23.61
C CYS A 300 -8.44 38.49 -24.97
N ASN A 301 -7.27 38.56 -25.59
CA ASN A 301 -7.04 39.32 -26.81
C ASN A 301 -6.40 38.41 -27.85
N VAL A 302 -6.93 38.44 -29.08
CA VAL A 302 -6.32 37.76 -30.22
C VAL A 302 -6.25 38.75 -31.38
N SER A 303 -5.32 38.53 -32.29
CA SER A 303 -5.25 39.36 -33.49
C SER A 303 -6.37 39.00 -34.45
N LYS A 304 -6.62 39.89 -35.41
CA LYS A 304 -7.70 39.67 -36.37
C LYS A 304 -7.18 39.10 -37.69
N ALA A 305 -6.15 39.72 -38.26
CA ALA A 305 -5.62 39.25 -39.54
C ALA A 305 -5.04 37.84 -39.42
N THR A 306 -4.28 37.57 -38.35
CA THR A 306 -3.69 36.26 -38.18
C THR A 306 -4.76 35.19 -38.04
N TRP A 307 -5.77 35.46 -37.20
CA TRP A 307 -6.87 34.52 -37.05
C TRP A 307 -7.61 34.28 -38.36
N ASN A 308 -7.87 35.34 -39.12
CA ASN A 308 -8.73 35.17 -40.26
C ASN A 308 -7.95 34.48 -41.39
N GLU A 309 -6.65 34.74 -41.47
CA GLU A 309 -5.79 33.96 -42.37
C GLU A 309 -5.78 32.48 -41.98
N THR A 310 -5.68 32.18 -40.68
CA THR A 310 -5.67 30.79 -40.24
C THR A 310 -6.99 30.11 -40.57
N LEU A 311 -8.10 30.82 -40.39
CA LEU A 311 -9.41 30.27 -40.73
C LEU A 311 -9.51 30.03 -42.23
N GLY A 312 -8.94 30.92 -43.04
CA GLY A 312 -8.90 30.69 -44.47
C GLY A 312 -8.14 29.43 -44.84
N LYS A 313 -6.98 29.21 -44.21
CA LYS A 313 -6.24 27.97 -44.45
C LYS A 313 -7.06 26.75 -44.05
N VAL A 314 -7.69 26.80 -42.88
CA VAL A 314 -8.46 25.65 -42.39
C VAL A 314 -9.62 25.34 -43.34
N VAL A 315 -10.32 26.37 -43.80
CA VAL A 315 -11.44 26.14 -44.71
C VAL A 315 -10.95 25.69 -46.08
N LYS A 316 -9.72 26.08 -46.46
CA LYS A 316 -9.17 25.59 -47.72
C LYS A 316 -8.85 24.11 -47.64
N GLN A 317 -8.32 23.65 -46.50
CA GLN A 317 -7.99 22.24 -46.36
C GLN A 317 -9.17 21.38 -45.91
N LEU A 318 -10.30 21.99 -45.57
CA LEU A 318 -11.49 21.25 -45.14
C LEU A 318 -12.44 20.94 -46.28
N ARG A 319 -12.13 21.37 -47.49
CA ARG A 319 -13.01 21.17 -48.64
C ARG A 319 -12.64 19.95 -49.46
N LYS A 320 -11.65 19.17 -49.03
CA LYS A 320 -11.27 17.97 -49.75
C LYS A 320 -12.16 16.77 -49.41
N HIS A 321 -13.05 16.90 -48.43
CA HIS A 321 -13.95 15.83 -48.04
C HIS A 321 -15.40 16.11 -48.36
N PHE A 322 -15.86 17.35 -48.19
CA PHE A 322 -17.26 17.71 -48.35
C PHE A 322 -17.50 18.50 -49.64
N GLY A 323 -16.78 18.15 -50.70
CA GLY A 323 -16.97 18.78 -51.99
C GLY A 323 -16.29 20.12 -52.10
N ASN A 324 -16.25 20.64 -53.33
CA ASN A 324 -15.60 21.90 -53.64
C ASN A 324 -16.60 23.01 -53.95
N ASN A 325 -17.89 22.77 -53.71
CA ASN A 325 -18.91 23.78 -53.96
C ASN A 325 -19.73 24.12 -52.73
N THR A 326 -19.55 23.41 -51.62
CA THR A 326 -20.36 23.64 -50.42
C THR A 326 -19.96 24.94 -49.74
N ILE A 327 -20.91 25.50 -49.00
CA ILE A 327 -20.69 26.70 -48.19
C ILE A 327 -20.35 26.25 -46.77
N ILE A 328 -19.21 26.72 -46.26
CA ILE A 328 -18.74 26.31 -44.95
C ILE A 328 -19.02 27.42 -43.95
N ARG A 329 -19.87 27.15 -42.98
CA ARG A 329 -20.33 28.15 -42.02
C ARG A 329 -19.92 27.75 -40.62
N PHE A 330 -19.23 28.64 -39.93
CA PHE A 330 -18.86 28.45 -38.54
C PHE A 330 -19.88 29.11 -37.64
N ALA A 331 -20.27 28.43 -36.56
CA ALA A 331 -21.22 28.97 -35.60
C ALA A 331 -20.74 28.69 -34.18
N ASN A 332 -21.14 29.55 -33.24
CA ASN A 332 -20.73 29.36 -31.86
C ASN A 332 -21.47 28.18 -31.22
N SER A 333 -21.12 27.89 -29.97
CA SER A 333 -21.75 26.81 -29.23
C SER A 333 -23.10 27.30 -28.67
N SER A 334 -23.75 26.46 -27.86
CA SER A 334 -25.03 26.83 -27.27
C SER A 334 -25.25 26.00 -26.03
N GLY A 335 -26.24 26.40 -25.25
CA GLY A 335 -26.62 25.64 -24.07
C GLY A 335 -25.86 26.08 -22.83
N GLY A 336 -25.86 25.19 -21.84
CA GLY A 336 -25.23 25.47 -20.56
C GLY A 336 -23.96 24.69 -20.30
N ASP A 337 -23.65 24.45 -19.02
CA ASP A 337 -22.48 23.70 -18.60
C ASP A 337 -21.20 24.37 -19.12
N LEU A 338 -20.94 25.54 -18.55
CA LEU A 338 -19.88 26.47 -18.96
C LEU A 338 -18.54 25.80 -19.25
N GLU A 339 -18.27 24.65 -18.64
CA GLU A 339 -16.99 23.97 -18.81
C GLU A 339 -16.83 23.31 -20.17
N VAL A 340 -17.88 23.24 -20.98
CA VAL A 340 -17.81 22.60 -22.29
C VAL A 340 -18.12 23.62 -23.37
N THR A 341 -18.94 24.61 -23.03
CA THR A 341 -19.36 25.61 -24.02
C THR A 341 -18.24 26.60 -24.33
N THR A 342 -17.38 26.90 -23.36
CA THR A 342 -16.47 28.02 -23.46
C THR A 342 -15.03 27.58 -23.19
N HIS A 343 -14.09 28.38 -23.70
CA HIS A 343 -12.67 28.15 -23.48
C HIS A 343 -12.35 28.13 -21.98
N SER A 344 -11.55 27.16 -21.56
CA SER A 344 -11.41 26.84 -20.14
C SER A 344 -9.95 26.62 -19.74
N PHE A 345 -9.07 27.55 -20.12
CA PHE A 345 -7.65 27.38 -19.80
C PHE A 345 -7.41 27.61 -18.30
N ASN A 346 -6.13 27.57 -17.90
CA ASN A 346 -5.72 27.58 -16.50
C ASN A 346 -4.57 28.57 -16.30
N CYS A 347 -4.77 29.80 -16.78
CA CYS A 347 -3.70 30.80 -16.80
C CYS A 347 -3.38 31.28 -15.39
N GLY A 348 -2.19 30.94 -14.91
CA GLY A 348 -1.64 31.53 -13.70
C GLY A 348 -2.34 31.22 -12.39
N GLY A 349 -2.86 30.00 -12.23
CA GLY A 349 -3.45 29.60 -10.98
C GLY A 349 -4.89 30.02 -10.77
N GLU A 350 -5.47 30.77 -11.70
CA GLU A 350 -6.87 31.15 -11.65
C GLU A 350 -7.58 30.55 -12.84
N PHE A 351 -8.74 29.93 -12.60
CA PHE A 351 -9.43 29.15 -13.62
C PHE A 351 -10.42 30.06 -14.36
N PHE A 352 -10.12 30.31 -15.62
CA PHE A 352 -10.88 31.19 -16.49
C PHE A 352 -11.95 30.41 -17.26
N TYR A 353 -12.88 31.16 -17.85
CA TYR A 353 -13.88 30.62 -18.76
C TYR A 353 -14.23 31.74 -19.72
N CYS A 354 -13.74 31.66 -20.95
CA CYS A 354 -13.81 32.77 -21.90
C CYS A 354 -14.83 32.50 -22.99
N ASN A 355 -15.59 33.53 -23.33
CA ASN A 355 -16.74 33.44 -24.23
C ASN A 355 -16.19 33.54 -25.66
N THR A 356 -16.03 32.39 -26.31
CA THR A 356 -15.50 32.35 -27.67
C THR A 356 -16.66 32.36 -28.66
N SER A 357 -17.17 33.56 -28.91
CA SER A 357 -18.23 33.76 -29.89
C SER A 357 -17.87 34.76 -30.97
N GLY A 358 -16.82 35.55 -30.77
CA GLY A 358 -16.36 36.45 -31.82
C GLY A 358 -15.43 35.82 -32.82
N LEU A 359 -14.93 34.62 -32.54
CA LEU A 359 -14.05 33.92 -33.47
C LEU A 359 -14.84 33.06 -34.45
N PHE A 360 -15.71 32.20 -33.94
CA PHE A 360 -16.50 31.29 -34.78
C PHE A 360 -17.78 31.99 -35.21
N ASN A 361 -17.61 32.96 -36.12
CA ASN A 361 -18.75 33.63 -36.76
C ASN A 361 -18.30 34.04 -38.16
N SER A 362 -18.53 33.15 -39.13
CA SER A 362 -18.12 33.38 -40.50
C SER A 362 -18.87 32.43 -41.41
N THR A 363 -18.96 32.81 -42.69
CA THR A 363 -19.50 31.95 -43.72
C THR A 363 -18.63 32.10 -44.97
N TRP A 364 -18.14 30.97 -45.49
CA TRP A 364 -17.21 30.96 -46.60
C TRP A 364 -17.90 30.31 -47.81
N ILE A 365 -17.95 31.05 -48.91
CA ILE A 365 -18.55 30.59 -50.15
C ILE A 365 -17.44 30.11 -51.06
N SER A 366 -17.81 29.30 -52.06
CA SER A 366 -16.82 28.71 -52.96
C SER A 366 -16.08 29.79 -53.74
N ASN A 367 -16.79 30.80 -54.23
CA ASN A 367 -16.17 31.87 -55.00
C ASN A 367 -16.24 33.20 -54.25
N ASN A 379 -4.28 47.44 -37.01
CA ASN A 379 -3.95 46.44 -35.99
C ASN A 379 -5.10 46.24 -35.01
N ASP A 380 -6.24 45.77 -35.53
CA ASP A 380 -7.40 45.49 -34.71
C ASP A 380 -7.19 44.20 -33.92
N SER A 381 -8.01 44.02 -32.88
CA SER A 381 -7.91 42.86 -32.02
C SER A 381 -9.30 42.40 -31.61
N ILE A 382 -9.53 41.10 -31.70
CA ILE A 382 -10.75 40.50 -31.19
C ILE A 382 -10.59 40.29 -29.69
N THR A 383 -11.55 40.81 -28.92
CA THR A 383 -11.54 40.69 -27.47
C THR A 383 -12.59 39.68 -27.05
N LEU A 384 -12.29 38.92 -25.99
CA LEU A 384 -13.16 37.88 -25.47
C LEU A 384 -13.37 38.12 -23.99
N PRO A 385 -14.59 38.38 -23.54
CA PRO A 385 -14.84 38.47 -22.09
C PRO A 385 -14.71 37.10 -21.45
N CYS A 386 -14.32 37.10 -20.17
CA CYS A 386 -14.11 35.87 -19.43
C CYS A 386 -14.67 36.02 -18.03
N ARG A 387 -15.00 34.89 -17.43
CA ARG A 387 -15.39 34.78 -16.03
C ARG A 387 -14.37 33.91 -15.32
N ILE A 388 -14.37 33.96 -13.99
CA ILE A 388 -13.42 33.22 -13.17
C ILE A 388 -14.19 32.35 -12.20
N LYS A 389 -13.72 31.12 -11.99
CA LYS A 389 -14.35 30.20 -11.07
C LYS A 389 -13.39 29.80 -9.96
N GLN A 390 -13.96 29.47 -8.80
CA GLN A 390 -13.20 29.05 -7.63
C GLN A 390 -13.34 27.56 -7.33
N ILE A 391 -14.57 27.06 -7.26
CA ILE A 391 -14.84 25.66 -6.95
C ILE A 391 -15.00 24.92 -8.26
N ILE A 392 -14.10 23.98 -8.54
CA ILE A 392 -14.07 23.24 -9.80
C ILE A 392 -13.96 21.76 -9.50
N ASN A 393 -14.24 20.96 -10.53
CA ASN A 393 -14.14 19.50 -10.46
C ASN A 393 -13.34 19.05 -11.69
N MET A 394 -12.02 19.04 -11.56
CA MET A 394 -11.16 18.60 -12.64
C MET A 394 -10.86 17.11 -12.49
N TRP A 395 -10.42 16.50 -13.59
CA TRP A 395 -10.32 15.05 -13.69
C TRP A 395 -11.66 14.41 -13.34
N GLN A 396 -12.63 14.68 -14.20
CA GLN A 396 -14.06 14.55 -13.93
C GLN A 396 -14.38 13.30 -13.16
N ARG A 397 -14.91 13.47 -11.95
CA ARG A 397 -15.21 12.39 -11.04
C ARG A 397 -16.36 12.83 -10.14
N ILE A 398 -17.04 11.84 -9.55
CA ILE A 398 -18.18 12.09 -8.70
C ILE A 398 -17.75 11.99 -7.24
N GLY A 399 -18.06 13.03 -6.46
CA GLY A 399 -17.74 13.05 -5.05
C GLY A 399 -16.48 13.78 -4.66
N GLN A 400 -15.86 14.51 -5.58
CA GLN A 400 -14.63 15.23 -5.29
C GLN A 400 -14.66 16.60 -5.95
N CYS A 401 -14.15 17.60 -5.26
CA CYS A 401 -14.05 18.95 -5.78
C CYS A 401 -12.71 19.54 -5.33
N MET A 402 -12.54 20.85 -5.55
CA MET A 402 -11.34 21.54 -5.12
C MET A 402 -11.62 23.02 -5.05
N TYR A 403 -11.06 23.68 -4.04
CA TYR A 403 -11.20 25.12 -3.86
C TYR A 403 -9.84 25.77 -4.10
N ALA A 404 -9.78 26.65 -5.09
CA ALA A 404 -8.53 27.30 -5.46
C ALA A 404 -8.38 28.60 -4.70
N PRO A 405 -7.35 28.77 -3.87
CA PRO A 405 -7.23 29.99 -3.08
C PRO A 405 -6.97 31.19 -3.97
N PRO A 406 -7.34 32.39 -3.54
CA PRO A 406 -7.14 33.57 -4.38
C PRO A 406 -5.67 33.89 -4.58
N ILE A 407 -5.39 34.56 -5.69
CA ILE A 407 -4.05 35.00 -6.05
C ILE A 407 -4.01 36.52 -6.03
N GLN A 408 -3.05 37.08 -5.31
CA GLN A 408 -2.96 38.52 -5.18
C GLN A 408 -2.17 39.13 -6.33
N GLY A 409 -2.60 40.31 -6.78
CA GLY A 409 -1.95 41.02 -7.84
C GLY A 409 -2.62 40.78 -9.19
N VAL A 410 -2.33 41.67 -10.14
CA VAL A 410 -2.85 41.53 -11.49
C VAL A 410 -2.22 40.30 -12.14
N ILE A 411 -2.96 39.68 -13.06
CA ILE A 411 -2.53 38.44 -13.69
C ILE A 411 -2.46 38.65 -15.20
N ARG A 412 -1.32 38.31 -15.79
CA ARG A 412 -1.11 38.41 -17.23
C ARG A 412 -0.49 37.12 -17.73
N CYS A 413 -0.86 36.72 -18.95
CA CYS A 413 -0.22 35.56 -19.56
C CYS A 413 -0.37 35.62 -21.07
N VAL A 414 0.55 34.92 -21.75
CA VAL A 414 0.53 34.77 -23.19
C VAL A 414 0.47 33.28 -23.50
N SER A 415 -0.04 32.95 -24.68
CA SER A 415 -0.16 31.56 -25.07
C SER A 415 -0.20 31.44 -26.58
N ASN A 416 0.03 30.22 -27.07
CA ASN A 416 -0.01 29.90 -28.48
C ASN A 416 -1.19 28.98 -28.75
N ILE A 417 -2.10 29.40 -29.61
CA ILE A 417 -3.15 28.55 -30.13
C ILE A 417 -2.57 27.77 -31.30
N THR A 418 -2.55 26.44 -31.17
CA THR A 418 -1.99 25.55 -32.19
C THR A 418 -2.92 24.38 -32.45
N GLY A 419 -4.23 24.58 -32.37
CA GLY A 419 -5.14 23.48 -32.58
C GLY A 419 -6.59 23.91 -32.48
N LEU A 420 -7.48 22.95 -32.70
CA LEU A 420 -8.91 23.17 -32.67
C LEU A 420 -9.60 21.83 -32.51
N ILE A 421 -10.80 21.86 -31.94
CA ILE A 421 -11.65 20.67 -31.82
C ILE A 421 -13.02 21.06 -32.34
N LEU A 422 -13.24 20.88 -33.65
CA LEU A 422 -14.50 21.22 -34.27
C LEU A 422 -15.49 20.07 -34.11
N THR A 423 -16.72 20.28 -34.56
CA THR A 423 -17.72 19.23 -34.59
C THR A 423 -18.77 19.61 -35.61
N ARG A 424 -19.11 18.66 -36.49
CA ARG A 424 -20.09 18.92 -37.54
C ARG A 424 -21.50 19.02 -36.96
N ASP A 425 -22.36 19.70 -37.69
CA ASP A 425 -23.76 19.86 -37.30
C ASP A 425 -24.62 18.73 -37.86
N GLY A 426 -24.66 18.58 -39.17
CA GLY A 426 -25.42 17.52 -39.80
C GLY A 426 -26.91 17.80 -39.78
N GLY A 427 -27.66 16.80 -40.22
CA GLY A 427 -29.11 16.89 -40.26
C GLY A 427 -29.69 17.51 -41.51
N SER A 428 -28.85 18.04 -42.41
CA SER A 428 -29.35 18.62 -43.65
C SER A 428 -29.77 17.55 -44.64
N THR A 429 -29.24 16.33 -44.52
CA THR A 429 -29.58 15.19 -45.37
C THR A 429 -29.19 15.45 -46.82
N ASN A 430 -29.92 16.35 -47.50
CA ASN A 430 -29.65 16.71 -48.89
C ASN A 430 -29.61 18.23 -48.98
N SER A 431 -28.44 18.80 -48.70
CA SER A 431 -28.23 20.25 -48.78
C SER A 431 -26.73 20.50 -48.68
N THR A 432 -26.33 21.69 -49.12
CA THR A 432 -24.92 22.11 -49.04
C THR A 432 -24.86 23.35 -48.16
N THR A 433 -24.82 23.12 -46.85
CA THR A 433 -24.67 24.21 -45.88
C THR A 433 -23.86 23.74 -44.68
N GLU A 434 -22.88 22.87 -44.91
CA GLU A 434 -22.15 22.21 -43.83
C GLU A 434 -21.68 23.21 -42.78
N THR A 435 -22.19 23.05 -41.56
CA THR A 435 -21.98 24.00 -40.48
C THR A 435 -21.14 23.33 -39.39
N PHE A 436 -20.13 24.04 -38.89
CA PHE A 436 -19.23 23.52 -37.87
C PHE A 436 -19.35 24.36 -36.61
N ARG A 437 -19.37 23.68 -35.46
CA ARG A 437 -19.40 24.35 -34.17
C ARG A 437 -18.27 23.81 -33.30
N PRO A 438 -17.64 24.66 -32.49
CA PRO A 438 -16.60 24.17 -31.58
C PRO A 438 -17.20 23.34 -30.46
N GLY A 439 -16.39 22.44 -29.91
CA GLY A 439 -16.84 21.63 -28.81
C GLY A 439 -15.73 20.83 -28.16
N GLY A 440 -15.62 20.90 -26.84
CA GLY A 440 -14.60 20.15 -26.13
C GLY A 440 -15.14 18.85 -25.57
N GLY A 441 -15.25 18.77 -24.24
CA GLY A 441 -15.82 17.60 -23.61
C GLY A 441 -14.79 16.76 -22.88
N ASP A 442 -14.61 15.52 -23.34
CA ASP A 442 -13.66 14.62 -22.70
C ASP A 442 -12.23 15.13 -22.88
N MET A 443 -11.40 14.86 -21.88
CA MET A 443 -10.02 15.32 -21.87
C MET A 443 -9.06 14.32 -22.49
N ARG A 444 -9.56 13.18 -22.99
CA ARG A 444 -8.69 12.23 -23.66
C ARG A 444 -8.27 12.74 -25.04
N ASP A 445 -9.16 13.45 -25.74
CA ASP A 445 -8.82 14.01 -27.03
C ASP A 445 -7.80 15.14 -26.95
N ASN A 446 -7.52 15.65 -25.74
CA ASN A 446 -6.45 16.62 -25.57
C ASN A 446 -5.08 15.97 -25.62
N TRP A 447 -4.98 14.67 -25.27
CA TRP A 447 -3.72 13.96 -25.29
C TRP A 447 -3.54 13.09 -26.53
N ARG A 448 -4.62 12.81 -27.26
CA ARG A 448 -4.51 12.10 -28.53
C ARG A 448 -3.89 12.97 -29.61
N SER A 449 -3.71 14.26 -29.36
CA SER A 449 -3.09 15.16 -30.32
C SER A 449 -1.58 15.22 -30.19
N GLU A 450 -1.00 14.56 -29.19
CA GLU A 450 0.44 14.51 -29.02
C GLU A 450 1.03 13.12 -29.19
N LEU A 451 0.25 12.07 -28.94
CA LEU A 451 0.69 10.68 -29.09
C LEU A 451 0.11 10.05 -30.35
N TYR A 452 0.00 10.80 -31.44
CA TYR A 452 -0.54 10.25 -32.68
C TYR A 452 0.51 9.61 -33.57
N LYS A 453 1.79 9.72 -33.22
CA LYS A 453 2.86 9.02 -33.95
C LYS A 453 3.74 8.32 -32.92
N TYR A 454 3.28 7.16 -32.46
CA TYR A 454 3.98 6.36 -31.44
C TYR A 454 3.29 5.01 -31.35
N LYS A 455 4.10 3.96 -31.15
CA LYS A 455 3.55 2.63 -30.97
C LYS A 455 4.51 1.82 -30.10
N VAL A 456 3.94 0.90 -29.33
CA VAL A 456 4.70 0.02 -28.45
C VAL A 456 4.65 -1.39 -29.01
N VAL A 457 5.82 -1.97 -29.25
CA VAL A 457 5.92 -3.31 -29.83
C VAL A 457 6.73 -4.21 -28.90
N LYS A 458 6.28 -5.45 -28.76
CA LYS A 458 6.95 -6.45 -27.95
C LYS A 458 7.76 -7.37 -28.87
N ILE A 459 9.02 -7.60 -28.50
CA ILE A 459 9.96 -8.30 -29.37
C ILE A 459 10.01 -9.77 -28.99
N GLU A 460 9.82 -10.63 -29.98
CA GLU A 460 9.98 -12.08 -29.82
C GLU A 460 11.18 -12.54 -30.63
N PRO A 461 12.26 -12.97 -29.98
CA PRO A 461 13.53 -13.18 -30.69
C PRO A 461 13.80 -14.58 -31.19
N LEU A 462 12.88 -15.54 -31.02
CA LEU A 462 13.11 -16.89 -31.50
C LEU A 462 12.72 -17.02 -32.96
N GLY A 463 13.44 -17.89 -33.68
CA GLY A 463 13.15 -18.12 -35.08
C GLY A 463 13.61 -19.48 -35.53
N VAL A 464 12.96 -20.00 -36.57
CA VAL A 464 13.28 -21.29 -37.14
C VAL A 464 13.40 -21.14 -38.65
N ALA A 465 14.49 -21.64 -39.22
CA ALA A 465 14.75 -21.51 -40.65
C ALA A 465 15.35 -22.80 -41.19
N PRO A 466 15.13 -23.10 -42.47
CA PRO A 466 15.75 -24.29 -43.06
C PRO A 466 17.09 -24.01 -43.69
N THR A 467 18.05 -24.90 -43.44
CA THR A 467 19.37 -24.78 -44.03
C THR A 467 20.06 -26.15 -43.98
N ARG A 468 21.19 -26.24 -44.67
CA ARG A 468 21.92 -27.50 -44.82
C ARG A 468 22.99 -27.60 -43.74
N CYS A 469 22.62 -28.22 -42.61
CA CYS A 469 23.54 -28.48 -41.53
C CYS A 469 22.90 -29.47 -40.57
N LYS A 470 23.68 -30.45 -40.12
CA LYS A 470 23.20 -31.48 -39.20
C LYS A 470 24.09 -31.53 -37.98
N ARG A 471 23.48 -31.66 -36.81
CA ARG A 471 24.24 -31.76 -35.57
C ARG A 471 24.99 -33.08 -35.56
N ARG A 472 26.31 -33.02 -35.68
CA ARG A 472 27.11 -34.24 -35.74
C ARG A 472 27.06 -34.97 -34.40
N VAL A 473 27.04 -36.30 -34.47
CA VAL A 473 26.95 -37.13 -33.27
C VAL A 473 28.26 -37.84 -33.03
N VAL B 7 29.37 0.48 -40.01
CA VAL B 7 28.74 -0.72 -39.47
C VAL B 7 27.31 -0.42 -39.04
N PHE B 8 26.40 -1.37 -39.29
CA PHE B 8 24.98 -1.17 -39.03
C PHE B 8 24.65 -1.60 -37.59
N LEU B 9 25.12 -0.79 -36.65
CA LEU B 9 24.84 -1.02 -35.23
C LEU B 9 23.46 -0.46 -34.89
N GLY B 10 23.12 -0.46 -33.61
CA GLY B 10 21.86 0.08 -33.16
C GLY B 10 20.83 -1.01 -32.91
N PHE B 11 19.98 -0.77 -31.91
CA PHE B 11 18.91 -1.69 -31.59
C PHE B 11 17.94 -1.79 -32.76
N LEU B 12 17.61 -3.03 -33.15
CA LEU B 12 16.71 -3.31 -34.26
C LEU B 12 17.18 -2.64 -35.55
N GLY B 13 18.50 -2.49 -35.70
CA GLY B 13 19.02 -1.77 -36.85
C GLY B 13 18.75 -2.46 -38.16
N ALA B 14 18.89 -3.78 -38.21
CA ALA B 14 18.78 -4.56 -39.43
C ALA B 14 17.39 -5.17 -39.60
N ALA B 15 16.35 -4.51 -39.11
CA ALA B 15 15.00 -5.03 -39.24
C ALA B 15 14.50 -5.05 -40.68
N GLY B 16 15.19 -4.34 -41.58
CA GLY B 16 14.79 -4.32 -42.97
C GLY B 16 15.73 -5.05 -43.88
N SER B 17 16.92 -5.36 -43.39
CA SER B 17 17.90 -6.09 -44.19
C SER B 17 17.44 -7.51 -44.44
N THR B 18 17.95 -8.10 -45.52
CA THR B 18 17.54 -9.44 -45.91
C THR B 18 17.97 -10.47 -44.86
N MET B 19 17.34 -11.64 -44.92
CA MET B 19 17.57 -12.66 -43.91
C MET B 19 19.02 -13.13 -43.91
N GLY B 20 19.70 -13.07 -45.06
CA GLY B 20 21.09 -13.50 -45.10
C GLY B 20 22.02 -12.60 -44.29
N ALA B 21 21.84 -11.29 -44.40
CA ALA B 21 22.71 -10.33 -43.74
C ALA B 21 22.17 -9.86 -42.39
N ALA B 22 20.99 -10.34 -41.98
CA ALA B 22 20.42 -9.99 -40.69
C ALA B 22 20.80 -10.98 -39.59
N SER B 23 21.51 -12.05 -39.93
CA SER B 23 21.93 -13.05 -38.96
C SER B 23 23.33 -12.79 -38.42
N MET B 24 23.96 -11.68 -38.79
CA MET B 24 25.27 -11.36 -38.24
C MET B 24 25.15 -10.64 -36.91
N THR B 25 24.23 -9.68 -36.80
CA THR B 25 24.05 -8.89 -35.59
C THR B 25 22.97 -9.46 -34.67
N LEU B 26 23.07 -10.77 -34.41
CA LEU B 26 22.11 -11.40 -33.50
C LEU B 26 22.34 -11.03 -32.05
N THR B 27 23.51 -10.46 -31.73
CA THR B 27 23.86 -10.23 -30.33
C THR B 27 23.07 -9.08 -29.73
N VAL B 28 22.94 -7.96 -30.45
CA VAL B 28 22.39 -6.75 -29.85
C VAL B 28 20.93 -6.93 -29.46
N GLN B 29 20.14 -7.61 -30.30
CA GLN B 29 18.74 -7.84 -29.95
C GLN B 29 18.59 -8.77 -28.75
N ALA B 30 19.62 -9.53 -28.42
CA ALA B 30 19.62 -10.37 -27.23
C ALA B 30 20.28 -9.70 -26.03
N ARG B 31 21.28 -8.86 -26.26
CA ARG B 31 21.88 -8.12 -25.16
C ARG B 31 20.93 -7.08 -24.60
N ASN B 32 20.17 -6.41 -25.45
CA ASN B 32 19.16 -5.46 -25.00
C ASN B 32 17.80 -6.13 -24.81
N LEU B 33 17.80 -7.25 -24.10
CA LEU B 33 16.58 -7.99 -23.79
C LEU B 33 16.32 -8.15 -22.31
N LEU B 34 17.33 -7.98 -21.46
CA LEU B 34 17.15 -7.97 -20.02
C LEU B 34 17.24 -6.55 -19.45
N SER B 35 18.37 -5.87 -19.69
CA SER B 35 18.55 -4.44 -19.48
C SER B 35 17.86 -3.91 -18.22
N GLY B 36 17.96 -4.65 -17.12
CA GLY B 36 17.31 -4.25 -15.89
C GLY B 36 17.91 -3.00 -15.27
N LEU B 57 2.61 6.18 -0.77
CA LEU B 57 2.95 5.41 -1.95
C LEU B 57 2.37 6.05 -3.21
N THR B 58 3.23 6.72 -3.98
CA THR B 58 2.83 7.41 -5.19
C THR B 58 2.70 6.40 -6.33
N VAL B 59 2.60 6.91 -7.56
CA VAL B 59 2.60 6.08 -8.75
C VAL B 59 3.97 5.41 -8.87
N TRP B 60 4.07 4.39 -9.73
CA TRP B 60 5.27 3.56 -9.84
C TRP B 60 5.52 2.78 -8.55
N GLY B 61 4.46 2.12 -8.06
CA GLY B 61 4.58 1.26 -6.91
C GLY B 61 4.62 -0.20 -7.29
N ILE B 62 3.47 -0.88 -7.17
CA ILE B 62 3.40 -2.30 -7.50
C ILE B 62 3.55 -2.53 -9.00
N LYS B 63 3.15 -1.57 -9.83
CA LYS B 63 3.12 -1.78 -11.27
C LYS B 63 4.52 -2.00 -11.83
N GLN B 64 5.50 -1.21 -11.38
CA GLN B 64 6.87 -1.37 -11.88
C GLN B 64 7.44 -2.73 -11.50
N LEU B 65 7.21 -3.16 -10.25
CA LEU B 65 7.68 -4.47 -9.83
C LEU B 65 7.01 -5.57 -10.63
N GLN B 66 5.72 -5.43 -10.91
CA GLN B 66 5.01 -6.41 -11.72
C GLN B 66 5.62 -6.50 -13.11
N ALA B 67 5.90 -5.35 -13.73
CA ALA B 67 6.49 -5.36 -15.07
C ALA B 67 7.87 -6.01 -15.07
N ARG B 68 8.71 -5.67 -14.08
CA ARG B 68 10.05 -6.24 -14.03
C ARG B 68 9.99 -7.76 -13.80
N VAL B 69 9.13 -8.21 -12.91
CA VAL B 69 9.00 -9.65 -12.65
C VAL B 69 8.51 -10.37 -13.90
N LEU B 70 7.56 -9.77 -14.62
CA LEU B 70 7.07 -10.38 -15.85
C LEU B 70 8.17 -10.49 -16.90
N ALA B 71 8.99 -9.44 -17.03
CA ALA B 71 10.09 -9.49 -17.99
C ALA B 71 11.09 -10.58 -17.64
N VAL B 72 11.44 -10.70 -16.34
CA VAL B 72 12.38 -11.74 -15.93
C VAL B 72 11.80 -13.12 -16.22
N GLU B 73 10.51 -13.32 -15.92
CA GLU B 73 9.88 -14.61 -16.16
C GLU B 73 9.86 -14.95 -17.64
N ARG B 74 9.56 -13.97 -18.50
CA ARG B 74 9.57 -14.22 -19.94
C ARG B 74 10.95 -14.62 -20.42
N TYR B 75 11.99 -13.91 -19.97
CA TYR B 75 13.35 -14.25 -20.38
C TYR B 75 13.72 -15.66 -19.93
N LEU B 76 13.39 -16.01 -18.69
CA LEU B 76 13.71 -17.34 -18.18
C LEU B 76 12.97 -18.43 -18.96
N ARG B 77 11.70 -18.18 -19.29
CA ARG B 77 10.93 -19.16 -20.05
C ARG B 77 11.54 -19.39 -21.43
N ASP B 78 11.92 -18.31 -22.12
CA ASP B 78 12.54 -18.46 -23.42
C ASP B 78 13.86 -19.21 -23.32
N GLN B 79 14.66 -18.89 -22.30
CA GLN B 79 15.95 -19.56 -22.15
C GLN B 79 15.77 -21.05 -21.87
N GLN B 80 14.81 -21.41 -21.01
CA GLN B 80 14.57 -22.82 -20.73
C GLN B 80 14.09 -23.56 -21.97
N LEU B 81 13.18 -22.95 -22.73
CA LEU B 81 12.69 -23.59 -23.95
C LEU B 81 13.83 -23.80 -24.93
N LEU B 82 14.72 -22.82 -25.07
CA LEU B 82 15.88 -22.99 -25.94
C LEU B 82 16.81 -24.09 -25.43
N GLY B 83 16.96 -24.20 -24.11
CA GLY B 83 17.88 -25.17 -23.55
C GLY B 83 17.39 -26.59 -23.59
N ILE B 84 16.08 -26.80 -23.62
CA ILE B 84 15.56 -28.17 -23.66
C ILE B 84 15.90 -28.84 -25.00
N TRP B 85 15.83 -28.09 -26.10
CA TRP B 85 16.07 -28.63 -27.43
C TRP B 85 17.53 -29.02 -27.68
N GLY B 86 18.42 -28.84 -26.70
CA GLY B 86 19.80 -29.19 -26.85
C GLY B 86 20.72 -28.02 -27.17
N CYS B 87 20.17 -26.91 -27.65
CA CYS B 87 20.94 -25.71 -27.92
C CYS B 87 21.22 -25.03 -26.58
N SER B 88 22.28 -25.48 -25.92
CA SER B 88 22.52 -25.07 -24.53
C SER B 88 22.91 -23.60 -24.44
N GLY B 89 24.02 -23.23 -25.07
CA GLY B 89 24.56 -21.91 -24.83
C GLY B 89 23.73 -20.77 -25.39
N LYS B 90 23.75 -20.58 -26.71
CA LYS B 90 22.96 -19.53 -27.36
C LYS B 90 23.15 -19.52 -28.88
N LEU B 91 22.40 -18.63 -29.54
CA LEU B 91 22.61 -18.27 -30.94
C LEU B 91 22.40 -19.45 -31.89
N ILE B 92 23.12 -19.43 -33.02
CA ILE B 92 22.87 -20.39 -34.09
C ILE B 92 23.12 -21.80 -33.59
N CYS B 93 22.09 -22.63 -33.72
CA CYS B 93 22.14 -24.02 -33.28
C CYS B 93 21.50 -24.91 -34.33
N CYS B 94 22.02 -26.13 -34.47
CA CYS B 94 21.57 -27.05 -35.50
C CYS B 94 20.96 -28.29 -34.85
N THR B 95 19.88 -28.78 -35.45
CA THR B 95 19.17 -29.95 -34.96
C THR B 95 18.91 -30.89 -36.13
N ASN B 96 18.41 -32.09 -35.82
CA ASN B 96 18.18 -33.06 -36.89
C ASN B 96 16.87 -32.79 -37.61
N VAL B 97 15.75 -33.08 -36.95
CA VAL B 97 14.40 -32.55 -37.23
C VAL B 97 14.21 -32.35 -38.73
N PRO B 98 14.00 -33.41 -39.51
CA PRO B 98 13.93 -33.25 -40.97
C PRO B 98 12.89 -32.23 -41.39
N TRP B 99 13.26 -31.42 -42.39
CA TRP B 99 12.44 -30.29 -42.82
C TRP B 99 11.36 -30.78 -43.78
N ASN B 100 10.12 -30.81 -43.30
CA ASN B 100 9.00 -31.20 -44.15
C ASN B 100 8.80 -30.17 -45.26
N SER B 101 8.67 -30.66 -46.49
CA SER B 101 8.46 -29.75 -47.61
C SER B 101 7.10 -29.06 -47.53
N SER B 102 6.08 -29.76 -47.04
CA SER B 102 4.74 -29.20 -47.00
C SER B 102 4.63 -27.96 -46.14
N TRP B 103 5.57 -27.76 -45.20
CA TRP B 103 5.56 -26.55 -44.41
C TRP B 103 5.77 -25.31 -45.28
N SER B 104 6.71 -25.37 -46.22
CA SER B 104 6.95 -24.26 -47.13
C SER B 104 7.63 -24.80 -48.38
N ASN B 105 6.86 -24.95 -49.46
CA ASN B 105 7.41 -25.36 -50.75
C ASN B 105 8.13 -24.17 -51.39
N ARG B 106 9.33 -23.90 -50.87
CA ARG B 106 10.09 -22.73 -51.28
C ARG B 106 11.57 -23.09 -51.41
N ASN B 107 12.26 -22.36 -52.27
CA ASN B 107 13.68 -22.60 -52.52
C ASN B 107 14.54 -21.87 -51.49
N LEU B 108 15.71 -22.46 -51.19
CA LEU B 108 16.63 -21.87 -50.24
C LEU B 108 17.17 -20.53 -50.76
N SER B 109 17.50 -20.47 -52.05
CA SER B 109 18.10 -19.27 -52.61
C SER B 109 17.16 -18.08 -52.51
N GLU B 110 15.88 -18.28 -52.82
CA GLU B 110 14.91 -17.19 -52.67
C GLU B 110 14.68 -16.86 -51.21
N ILE B 111 14.76 -17.86 -50.33
CA ILE B 111 14.46 -17.64 -48.92
C ILE B 111 15.53 -16.76 -48.28
N TRP B 112 16.80 -17.08 -48.50
CA TRP B 112 17.88 -16.46 -47.73
C TRP B 112 18.51 -15.25 -48.42
N ASP B 113 18.04 -14.85 -49.59
CA ASP B 113 18.67 -13.76 -50.32
C ASP B 113 17.81 -12.50 -50.46
N ASN B 114 16.50 -12.63 -50.63
CA ASN B 114 15.65 -11.47 -50.92
C ASN B 114 14.39 -11.47 -50.05
N MET B 115 14.54 -11.73 -48.76
CA MET B 115 13.41 -11.70 -47.84
C MET B 115 13.90 -11.31 -46.44
N THR B 116 13.09 -10.51 -45.75
CA THR B 116 13.39 -10.10 -44.39
C THR B 116 12.70 -11.03 -43.40
N TRP B 117 13.13 -10.95 -42.14
CA TRP B 117 12.65 -11.86 -41.12
C TRP B 117 11.17 -11.66 -40.82
N LEU B 118 10.68 -10.42 -40.91
CA LEU B 118 9.27 -10.15 -40.60
C LEU B 118 8.36 -10.89 -41.56
N GLN B 119 8.66 -10.85 -42.86
CA GLN B 119 7.85 -11.57 -43.83
C GLN B 119 7.89 -13.08 -43.57
N TRP B 120 9.06 -13.60 -43.23
CA TRP B 120 9.18 -15.04 -42.97
C TRP B 120 8.33 -15.44 -41.77
N ASP B 121 8.46 -14.74 -40.64
CA ASP B 121 7.69 -15.09 -39.47
C ASP B 121 6.21 -14.80 -39.63
N LYS B 122 5.84 -13.92 -40.56
CA LYS B 122 4.43 -13.79 -40.90
C LYS B 122 3.94 -15.00 -41.69
N GLU B 123 4.76 -15.50 -42.62
CA GLU B 123 4.35 -16.63 -43.45
C GLU B 123 4.19 -17.90 -42.61
N ILE B 124 5.20 -18.24 -41.82
CA ILE B 124 5.18 -19.46 -41.02
C ILE B 124 4.71 -19.06 -39.62
N SER B 125 3.42 -19.19 -39.38
CA SER B 125 2.86 -18.93 -38.06
C SER B 125 2.01 -20.07 -37.54
N ASN B 126 1.28 -20.76 -38.42
CA ASN B 126 0.46 -21.90 -38.01
C ASN B 126 1.24 -23.21 -37.98
N TYR B 127 2.44 -23.24 -38.53
CA TYR B 127 3.28 -24.44 -38.57
C TYR B 127 4.40 -24.38 -37.54
N THR B 128 4.12 -23.79 -36.38
CA THR B 128 5.14 -23.58 -35.35
C THR B 128 5.00 -24.55 -34.17
N GLN B 129 3.78 -24.79 -33.70
CA GLN B 129 3.58 -25.62 -32.52
C GLN B 129 3.91 -27.09 -32.76
N ILE B 130 4.10 -27.51 -34.01
CA ILE B 130 4.50 -28.88 -34.29
C ILE B 130 6.01 -29.02 -34.35
N ILE B 131 6.69 -28.00 -34.87
CA ILE B 131 8.15 -28.04 -34.95
C ILE B 131 8.76 -28.12 -33.57
N TYR B 132 8.18 -27.42 -32.59
CA TYR B 132 8.69 -27.45 -31.23
C TYR B 132 8.61 -28.85 -30.65
N GLY B 133 7.48 -29.52 -30.83
CA GLY B 133 7.34 -30.88 -30.37
C GLY B 133 8.29 -31.84 -31.06
N LEU B 134 8.47 -31.67 -32.37
CA LEU B 134 9.42 -32.50 -33.10
C LEU B 134 10.83 -32.32 -32.55
N LEU B 135 11.23 -31.07 -32.30
CA LEU B 135 12.56 -30.82 -31.74
C LEU B 135 12.72 -31.45 -30.38
N GLU B 136 11.71 -31.30 -29.52
CA GLU B 136 11.80 -31.86 -28.17
C GLU B 136 11.93 -33.38 -28.21
N GLU B 137 11.11 -34.04 -29.03
CA GLU B 137 11.15 -35.50 -29.09
C GLU B 137 12.46 -35.99 -29.69
N SER B 138 12.98 -35.29 -30.71
CA SER B 138 14.25 -35.68 -31.30
C SER B 138 15.39 -35.56 -30.29
N GLN B 139 15.41 -34.46 -29.52
CA GLN B 139 16.46 -34.30 -28.52
C GLN B 139 16.36 -35.37 -27.44
N ASN B 140 15.13 -35.68 -27.00
CA ASN B 140 14.97 -36.74 -26.00
C ASN B 140 15.49 -38.07 -26.50
N GLN B 141 15.15 -38.42 -27.74
CA GLN B 141 15.62 -39.68 -28.32
C GLN B 141 17.15 -39.70 -28.41
N GLN B 142 17.75 -38.60 -28.86
CA GLN B 142 19.20 -38.55 -28.99
C GLN B 142 19.89 -38.66 -27.64
N GLU B 143 19.33 -38.01 -26.61
CA GLU B 143 19.90 -38.10 -25.28
C GLU B 143 19.83 -39.52 -24.73
N LYS B 144 18.68 -40.18 -24.93
CA LYS B 144 18.56 -41.57 -24.47
C LYS B 144 19.55 -42.48 -25.21
N ASN B 145 19.71 -42.26 -26.52
CA ASN B 145 20.66 -43.07 -27.28
C ASN B 145 22.08 -42.86 -26.77
N GLU B 146 22.47 -41.62 -26.50
CA GLU B 146 23.81 -41.37 -25.99
C GLU B 146 24.02 -42.01 -24.62
N GLN B 147 23.01 -41.91 -23.74
CA GLN B 147 23.12 -42.52 -22.42
C GLN B 147 23.28 -44.03 -22.52
N ASP B 148 22.49 -44.67 -23.40
CA ASP B 148 22.63 -46.11 -23.58
C ASP B 148 23.99 -46.48 -24.16
N LEU B 149 24.48 -45.69 -25.12
CA LEU B 149 25.77 -46.00 -25.74
C LEU B 149 26.91 -45.87 -24.74
N LEU B 150 26.85 -44.87 -23.86
CA LEU B 150 27.95 -44.65 -22.92
C LEU B 150 28.13 -45.81 -21.96
N ALA B 151 27.10 -46.62 -21.74
CA ALA B 151 27.22 -47.75 -20.82
C ALA B 151 28.12 -48.85 -21.38
N LEU B 152 28.12 -49.04 -22.69
CA LEU B 152 28.92 -50.11 -23.29
C LEU B 152 30.41 -49.87 -23.05
N ASP B 153 30.86 -48.63 -23.22
CA ASP B 153 32.27 -48.30 -23.04
C ASP B 153 32.48 -47.43 -21.80
N ALA C 1 55.37 -19.02 -23.65
CA ALA C 1 55.90 -17.99 -22.76
C ALA C 1 55.68 -16.60 -23.38
N GLU C 2 56.16 -16.41 -24.60
CA GLU C 2 56.01 -15.13 -25.28
C GLU C 2 54.59 -14.89 -25.76
N ASN C 3 53.73 -15.90 -25.74
CA ASN C 3 52.34 -15.77 -26.16
C ASN C 3 51.43 -15.92 -24.94
N LEU C 4 50.55 -14.95 -24.74
CA LEU C 4 49.60 -14.96 -23.64
C LEU C 4 48.20 -14.65 -24.16
N TRP C 5 47.21 -15.22 -23.52
CA TRP C 5 45.82 -15.04 -23.90
C TRP C 5 44.98 -14.73 -22.66
N VAL C 6 43.92 -13.95 -22.86
CA VAL C 6 43.04 -13.62 -21.76
C VAL C 6 42.30 -14.87 -21.27
N THR C 7 41.75 -14.77 -20.08
CA THR C 7 41.00 -15.88 -19.49
C THR C 7 40.07 -15.32 -18.43
N VAL C 8 38.81 -15.74 -18.48
CA VAL C 8 37.77 -15.19 -17.62
C VAL C 8 37.56 -16.12 -16.43
N TYR C 9 37.51 -15.54 -15.23
CA TYR C 9 37.22 -16.26 -14.01
C TYR C 9 35.93 -15.72 -13.42
N TYR C 10 35.06 -16.62 -12.99
CA TYR C 10 33.80 -16.26 -12.34
C TYR C 10 33.84 -16.66 -10.87
N GLY C 11 33.29 -15.81 -10.01
CA GLY C 11 33.35 -16.05 -8.58
C GLY C 11 34.72 -15.74 -8.01
N VAL C 12 35.10 -14.47 -8.02
CA VAL C 12 36.44 -14.05 -7.60
C VAL C 12 36.29 -13.16 -6.37
N PRO C 13 37.26 -13.13 -5.46
CA PRO C 13 37.14 -12.25 -4.26
C PRO C 13 37.47 -10.78 -4.51
N VAL C 14 36.50 -10.04 -5.02
CA VAL C 14 36.65 -8.62 -5.29
C VAL C 14 35.36 -7.92 -4.86
N TRP C 15 35.50 -6.77 -4.20
CA TRP C 15 34.36 -6.01 -3.72
C TRP C 15 34.52 -4.54 -4.05
N LYS C 16 33.40 -3.82 -4.03
CA LYS C 16 33.37 -2.38 -4.25
C LYS C 16 32.39 -1.75 -3.27
N ASP C 17 32.66 -0.50 -2.91
CA ASP C 17 31.80 0.22 -1.97
C ASP C 17 30.46 0.53 -2.61
N ALA C 18 29.37 0.23 -1.89
CA ALA C 18 28.03 0.45 -2.39
C ALA C 18 27.07 0.57 -1.22
N GLU C 19 25.79 0.76 -1.53
CA GLU C 19 24.76 0.92 -0.53
C GLU C 19 23.54 0.09 -0.93
N THR C 20 22.77 -0.34 0.06
CA THR C 20 21.59 -1.17 -0.16
C THR C 20 20.67 -1.00 1.04
N THR C 21 19.67 -1.88 1.13
CA THR C 21 18.69 -1.88 2.21
C THR C 21 18.85 -3.16 3.01
N LEU C 22 19.36 -3.05 4.23
CA LEU C 22 19.48 -4.18 5.13
C LEU C 22 18.11 -4.56 5.67
N PHE C 23 18.06 -5.59 6.51
CA PHE C 23 16.77 -6.03 7.04
C PHE C 23 16.91 -6.50 8.48
N CYS C 24 15.76 -6.59 9.14
CA CYS C 24 15.68 -6.97 10.56
C CYS C 24 16.38 -8.28 10.87
N ALA C 25 16.68 -8.44 12.16
CA ALA C 25 16.94 -9.75 12.76
C ALA C 25 16.78 -9.56 14.26
N SER C 26 15.89 -10.33 14.88
CA SER C 26 15.58 -10.15 16.28
C SER C 26 15.60 -11.47 17.02
N ASP C 27 15.82 -11.40 18.33
CA ASP C 27 15.78 -12.59 19.16
C ASP C 27 14.38 -13.19 19.15
N ALA C 28 14.32 -14.51 19.14
CA ALA C 28 13.04 -15.21 19.02
C ALA C 28 12.10 -14.90 20.17
N LYS C 29 12.49 -15.30 21.39
CA LYS C 29 11.71 -15.07 22.60
C LYS C 29 10.35 -15.75 22.56
N ALA C 30 10.08 -16.49 21.48
CA ALA C 30 8.83 -17.20 21.24
C ALA C 30 7.65 -16.25 21.06
N TYR C 31 7.89 -14.96 21.25
CA TYR C 31 6.87 -13.90 21.13
C TYR C 31 5.56 -14.31 21.79
N GLU C 32 5.65 -14.65 23.08
CA GLU C 32 4.50 -15.11 23.85
C GLU C 32 4.12 -14.14 24.97
N THR C 33 5.06 -13.81 25.85
CA THR C 33 4.79 -12.95 26.99
C THR C 33 4.93 -11.46 26.68
N GLU C 34 5.34 -11.12 25.45
CA GLU C 34 5.52 -9.72 25.09
C GLU C 34 4.19 -8.99 25.06
N LYS C 35 4.19 -7.76 25.57
CA LYS C 35 3.01 -6.92 25.62
C LYS C 35 2.97 -5.90 24.48
N HIS C 36 3.45 -6.30 23.31
CA HIS C 36 3.44 -5.46 22.11
C HIS C 36 4.24 -4.17 22.33
N ASN C 37 5.55 -4.36 22.50
CA ASN C 37 6.46 -3.23 22.53
C ASN C 37 6.26 -2.34 21.31
N VAL C 38 6.47 -1.04 21.50
CA VAL C 38 6.33 -0.11 20.38
C VAL C 38 7.27 -0.49 19.24
N TRP C 39 8.50 -0.89 19.58
CA TRP C 39 9.42 -1.46 18.60
C TRP C 39 9.13 -2.96 18.44
N ALA C 40 7.92 -3.23 17.93
CA ALA C 40 7.46 -4.59 17.80
C ALA C 40 8.37 -5.38 16.87
N THR C 41 8.77 -6.57 17.32
CA THR C 41 9.70 -7.41 16.59
C THR C 41 9.03 -8.53 15.83
N HIS C 42 7.70 -8.50 15.69
CA HIS C 42 7.03 -9.54 14.92
C HIS C 42 7.31 -9.39 13.43
N ALA C 43 7.58 -8.17 12.96
CA ALA C 43 7.92 -7.96 11.56
C ALA C 43 9.43 -8.00 11.33
N CYS C 44 10.07 -9.02 11.89
CA CYS C 44 11.47 -9.34 11.63
C CYS C 44 11.71 -10.82 11.89
N VAL C 45 12.50 -11.43 11.03
CA VAL C 45 12.73 -12.88 11.08
C VAL C 45 13.61 -13.21 12.29
N PRO C 46 13.42 -14.35 12.93
CA PRO C 46 14.32 -14.74 14.02
C PRO C 46 15.76 -14.88 13.55
N THR C 47 16.68 -14.57 14.45
CA THR C 47 18.11 -14.61 14.15
C THR C 47 18.66 -16.01 14.38
N ASP C 48 19.80 -16.28 13.76
CA ASP C 48 20.48 -17.56 13.94
C ASP C 48 21.02 -17.64 15.36
N PRO C 49 20.86 -18.78 16.05
CA PRO C 49 21.38 -18.87 17.42
C PRO C 49 22.88 -18.65 17.54
N ASN C 50 23.65 -19.10 16.54
CA ASN C 50 25.10 -18.91 16.60
C ASN C 50 25.57 -18.01 15.47
N PRO C 51 26.50 -17.10 15.76
CA PRO C 51 27.03 -16.23 14.72
C PRO C 51 28.27 -16.81 14.06
N GLN C 52 28.59 -16.27 12.89
CA GLN C 52 29.77 -16.67 12.13
C GLN C 52 30.61 -15.44 11.82
N GLU C 53 31.89 -15.48 12.17
CA GLU C 53 32.82 -14.40 11.91
C GLU C 53 34.07 -14.96 11.26
N ILE C 54 34.38 -14.50 10.06
CA ILE C 54 35.53 -14.95 9.30
C ILE C 54 36.60 -13.86 9.34
N HIS C 55 37.80 -14.22 9.78
CA HIS C 55 38.88 -13.26 9.94
C HIS C 55 39.66 -13.17 8.65
N LEU C 56 39.41 -12.12 7.87
CA LEU C 56 40.18 -11.86 6.66
C LEU C 56 41.61 -11.52 7.02
N GLU C 57 42.55 -11.96 6.18
CA GLU C 57 43.97 -11.77 6.42
C GLU C 57 44.57 -10.87 5.35
N ASN C 58 45.49 -10.00 5.77
CA ASN C 58 46.25 -9.13 4.87
C ASN C 58 45.36 -8.12 4.14
N VAL C 59 44.24 -7.74 4.74
CA VAL C 59 43.30 -6.80 4.14
C VAL C 59 43.35 -5.49 4.92
N THR C 60 43.47 -4.38 4.20
CA THR C 60 43.47 -3.04 4.80
C THR C 60 42.38 -2.23 4.10
N GLU C 61 41.19 -2.17 4.70
CA GLU C 61 40.07 -1.42 4.17
C GLU C 61 40.00 -0.04 4.82
N GLU C 62 39.56 0.94 4.04
CA GLU C 62 39.49 2.33 4.49
C GLU C 62 38.07 2.64 4.94
N PHE C 63 37.93 3.06 6.19
CA PHE C 63 36.63 3.37 6.79
C PHE C 63 36.46 4.88 6.94
N ASN C 64 35.19 5.31 6.92
CA ASN C 64 34.86 6.72 7.13
C ASN C 64 33.50 6.73 7.83
N MET C 65 33.51 6.99 9.15
CA MET C 65 32.29 6.84 9.94
C MET C 65 31.33 8.01 9.72
N TRP C 66 31.83 9.17 9.31
CA TRP C 66 30.97 10.34 9.18
C TRP C 66 30.18 10.38 7.89
N LYS C 67 30.45 9.48 6.93
CA LYS C 67 29.68 9.39 5.70
C LYS C 67 29.04 8.02 5.55
N ASN C 68 28.79 7.35 6.67
CA ASN C 68 28.15 6.05 6.63
C ASN C 68 26.71 6.16 6.16
N ASN C 69 26.28 5.20 5.35
CA ASN C 69 24.91 5.16 4.87
C ASN C 69 24.02 4.26 5.71
N MET C 70 24.57 3.56 6.70
CA MET C 70 23.75 2.72 7.55
C MET C 70 22.93 3.54 8.54
N VAL C 71 23.42 4.71 8.93
CA VAL C 71 22.72 5.50 9.94
C VAL C 71 21.39 6.03 9.41
N GLU C 72 21.38 6.47 8.14
CA GLU C 72 20.14 6.97 7.56
C GLU C 72 19.10 5.87 7.44
N GLN C 73 19.50 4.67 7.01
CA GLN C 73 18.58 3.56 6.90
C GLN C 73 18.07 3.14 8.27
N MET C 74 18.96 3.12 9.28
CA MET C 74 18.54 2.88 10.66
C MET C 74 17.49 3.88 11.09
N HIS C 75 17.74 5.17 10.86
CA HIS C 75 16.82 6.21 11.32
C HIS C 75 15.46 6.08 10.66
N THR C 76 15.45 5.87 9.34
CA THR C 76 14.18 5.71 8.63
C THR C 76 13.43 4.47 9.10
N ASP C 77 14.14 3.35 9.31
CA ASP C 77 13.49 2.14 9.77
C ASP C 77 12.88 2.33 11.16
N ILE C 78 13.62 2.97 12.06
CA ILE C 78 13.11 3.19 13.42
C ILE C 78 11.88 4.09 13.39
N ILE C 79 11.94 5.17 12.61
CA ILE C 79 10.80 6.09 12.52
C ILE C 79 9.57 5.35 11.97
N SER C 80 9.77 4.57 10.90
CA SER C 80 8.63 3.91 10.28
C SER C 80 8.05 2.82 11.17
N LEU C 81 8.90 2.13 11.94
CA LEU C 81 8.41 1.09 12.82
C LEU C 81 7.72 1.69 14.05
N TRP C 82 8.14 2.88 14.47
CA TRP C 82 7.46 3.54 15.58
C TRP C 82 6.07 4.02 15.18
N ASP C 83 5.92 4.56 13.97
CA ASP C 83 4.63 5.07 13.54
C ASP C 83 3.75 3.96 12.99
N GLN C 84 3.63 2.87 13.74
CA GLN C 84 2.68 1.81 13.42
C GLN C 84 1.95 1.40 14.69
N SER C 85 2.65 1.47 15.83
CA SER C 85 2.04 1.17 17.11
C SER C 85 1.12 2.28 17.58
N LEU C 86 1.34 3.53 17.16
CA LEU C 86 0.49 4.64 17.55
C LEU C 86 -0.72 4.80 16.64
N LYS C 87 -0.80 4.07 15.54
CA LYS C 87 -1.95 4.19 14.65
C LYS C 87 -3.25 3.74 15.31
N PRO C 88 -3.36 2.54 15.91
CA PRO C 88 -4.65 2.10 16.45
C PRO C 88 -4.88 2.45 17.93
N CYS C 89 -4.89 3.75 18.23
CA CYS C 89 -5.43 4.19 19.51
C CYS C 89 -5.91 5.63 19.38
N VAL C 90 -6.58 6.10 20.45
CA VAL C 90 -7.43 7.27 20.37
C VAL C 90 -6.65 8.53 19.98
N LYS C 91 -7.29 9.36 19.16
CA LYS C 91 -6.76 10.67 18.75
C LYS C 91 -7.53 11.73 19.54
N LEU C 92 -6.81 12.53 20.32
CA LEU C 92 -7.45 13.49 21.22
C LEU C 92 -7.85 14.77 20.51
N THR C 93 -8.81 14.67 19.59
CA THR C 93 -9.32 15.88 18.93
C THR C 93 -10.28 16.71 19.80
N PRO C 94 -11.08 16.12 20.74
CA PRO C 94 -12.03 16.97 21.47
C PRO C 94 -11.44 17.57 22.74
N LEU C 95 -10.12 17.53 22.89
CA LEU C 95 -9.49 18.04 24.10
C LEU C 95 -9.11 19.51 24.00
N CYS C 96 -9.21 20.12 22.81
CA CYS C 96 -8.91 21.53 22.64
C CYS C 96 -10.07 22.35 23.20
N VAL C 97 -10.07 22.50 24.52
CA VAL C 97 -11.09 23.27 25.23
C VAL C 97 -10.35 24.22 26.17
N THR C 98 -11.01 25.33 26.50
CA THR C 98 -10.43 26.31 27.41
C THR C 98 -10.53 25.78 28.84
N LEU C 99 -9.38 25.51 29.45
CA LEU C 99 -9.34 25.00 30.81
C LEU C 99 -9.61 26.12 31.81
N GLN C 100 -9.73 25.73 33.08
CA GLN C 100 -9.84 26.68 34.20
C GLN C 100 -9.01 26.11 35.34
N CYS C 101 -7.75 26.52 35.40
CA CYS C 101 -6.76 25.88 36.26
C CYS C 101 -6.56 26.66 37.54
N THR C 102 -6.36 25.93 38.64
CA THR C 102 -5.96 26.53 39.91
C THR C 102 -4.79 25.74 40.49
N ASN C 103 -3.93 26.43 41.22
CA ASN C 103 -2.79 25.79 41.86
C ASN C 103 -3.28 24.78 42.90
N VAL C 104 -2.50 23.72 43.08
CA VAL C 104 -2.77 22.70 44.09
C VAL C 104 -1.74 22.84 45.20
N THR C 105 -2.22 22.98 46.43
CA THR C 105 -1.35 23.27 47.57
C THR C 105 -1.71 22.37 48.75
N ASN C 106 -1.83 21.06 48.49
CA ASN C 106 -2.08 20.09 49.54
C ASN C 106 -0.75 19.57 50.05
N ASN C 107 -0.26 20.16 51.14
CA ASN C 107 1.02 19.84 51.76
C ASN C 107 2.11 19.62 50.71
N ILE C 108 2.35 20.67 49.93
CA ILE C 108 3.33 20.62 48.86
C ILE C 108 4.68 21.10 49.38
N THR C 109 5.74 20.72 48.67
CA THR C 109 7.08 21.13 49.04
C THR C 109 7.39 22.51 48.46
N ASP C 110 8.22 23.27 49.18
CA ASP C 110 8.58 24.61 48.72
C ASP C 110 9.38 24.57 47.43
N ASP C 111 10.19 23.52 47.23
CA ASP C 111 10.93 23.40 45.98
C ASP C 111 9.99 23.23 44.79
N MET C 112 8.96 22.41 44.93
CA MET C 112 7.99 22.19 43.86
C MET C 112 6.78 23.10 44.07
N ARG C 113 7.06 24.40 43.97
CA ARG C 113 6.01 25.41 43.99
C ARG C 113 5.49 25.62 42.58
N GLY C 114 4.17 25.68 42.44
CA GLY C 114 3.60 25.62 41.10
C GLY C 114 3.86 24.25 40.51
N GLU C 115 4.09 24.22 39.20
CA GLU C 115 4.50 23.01 38.48
C GLU C 115 3.38 21.98 38.47
N LEU C 116 2.27 22.29 39.15
CA LEU C 116 1.12 21.40 39.19
C LEU C 116 -0.12 22.27 39.40
N LYS C 117 -0.99 22.31 38.41
CA LYS C 117 -2.26 23.01 38.52
C LYS C 117 -3.34 22.03 38.13
N ASN C 118 -4.47 21.99 38.84
CA ASN C 118 -5.50 21.13 38.27
C ASN C 118 -6.61 22.00 37.70
N CYS C 119 -7.17 21.52 36.60
CA CYS C 119 -8.10 22.26 35.78
C CYS C 119 -9.35 21.40 35.58
N SER C 120 -10.41 22.07 35.12
CA SER C 120 -11.70 21.42 34.88
C SER C 120 -12.19 21.83 33.50
N PHE C 121 -11.79 21.07 32.48
CA PHE C 121 -12.38 21.24 31.15
C PHE C 121 -13.79 20.64 31.21
N ASN C 122 -14.55 20.73 30.13
CA ASN C 122 -15.99 20.59 30.29
C ASN C 122 -16.52 20.06 28.96
N MET C 123 -16.60 18.72 28.91
CA MET C 123 -16.32 17.85 27.76
C MET C 123 -17.60 17.25 27.19
N THR C 124 -17.43 16.27 26.30
CA THR C 124 -18.52 15.54 25.66
C THR C 124 -18.45 14.06 26.02
N THR C 125 -19.62 13.44 26.19
CA THR C 125 -19.73 12.03 26.49
C THR C 125 -19.96 11.23 25.21
N GLU C 126 -20.28 9.94 25.34
CA GLU C 126 -20.49 9.11 24.16
C GLU C 126 -21.72 9.56 23.37
N LEU C 127 -22.81 9.86 24.07
CA LEU C 127 -23.99 10.41 23.42
C LEU C 127 -23.73 11.86 23.05
N ARG C 128 -24.07 12.24 21.81
CA ARG C 128 -23.76 13.57 21.31
C ARG C 128 -24.53 14.66 22.03
N ASP C 129 -25.61 14.32 22.72
CA ASP C 129 -26.44 15.34 23.35
C ASP C 129 -25.82 15.91 24.62
N LYS C 130 -25.27 15.05 25.47
CA LYS C 130 -24.91 15.43 26.83
C LYS C 130 -23.44 15.79 26.94
N LYS C 131 -23.09 16.37 28.10
CA LYS C 131 -21.74 16.85 28.37
C LYS C 131 -21.37 16.55 29.82
N GLN C 132 -20.08 16.47 30.09
CA GLN C 132 -19.55 16.20 31.41
C GLN C 132 -18.87 17.44 31.99
N LYS C 133 -18.35 17.29 33.20
CA LYS C 133 -17.60 18.35 33.87
C LYS C 133 -16.38 17.77 34.58
N VAL C 134 -15.63 16.94 33.87
CA VAL C 134 -14.49 16.23 34.44
C VAL C 134 -13.37 17.20 34.78
N TYR C 135 -12.37 16.72 35.54
CA TYR C 135 -11.24 17.53 35.95
C TYR C 135 -9.99 16.68 36.00
N SER C 136 -8.83 17.32 35.90
CA SER C 136 -7.57 16.59 35.91
C SER C 136 -6.43 17.51 36.27
N LEU C 137 -5.32 16.91 36.70
CA LEU C 137 -4.12 17.63 37.09
C LEU C 137 -3.15 17.71 35.93
N PHE C 138 -2.61 18.91 35.67
CA PHE C 138 -1.69 19.15 34.57
C PHE C 138 -0.43 19.82 35.09
N TYR C 139 0.70 19.44 34.51
CA TYR C 139 1.96 20.08 34.82
C TYR C 139 2.04 21.45 34.17
N ARG C 140 2.94 22.28 34.67
CA ARG C 140 3.05 23.66 34.17
C ARG C 140 3.60 23.72 32.75
N LEU C 141 4.26 22.65 32.28
CA LEU C 141 4.89 22.69 30.98
C LEU C 141 3.94 22.34 29.83
N ASP C 142 2.68 22.02 30.11
CA ASP C 142 1.74 21.62 29.09
C ASP C 142 0.50 22.52 29.04
N VAL C 143 0.57 23.72 29.62
CA VAL C 143 -0.53 24.67 29.58
C VAL C 143 0.03 26.06 29.31
N VAL C 144 -0.63 26.80 28.43
CA VAL C 144 -0.26 28.16 28.09
C VAL C 144 -1.42 29.07 28.43
N GLN C 145 -1.12 30.23 29.00
CA GLN C 145 -2.15 31.17 29.40
C GLN C 145 -2.71 31.92 28.20
N ILE C 146 -4.03 32.07 28.16
CA ILE C 146 -4.72 32.85 27.15
C ILE C 146 -5.58 33.90 27.84
N ASN C 147 -6.12 34.82 27.05
CA ASN C 147 -6.94 35.92 27.55
C ASN C 147 -6.18 36.75 28.59
N GLU C 148 -4.90 36.96 28.34
CA GLU C 148 -4.06 37.72 29.26
C GLU C 148 -4.24 39.22 29.04
N ASN C 158 -8.13 31.80 38.95
CA ASN C 158 -8.87 30.91 38.07
C ASN C 158 -8.88 31.45 36.64
N LYS C 159 -7.73 31.91 36.17
CA LYS C 159 -7.62 32.41 34.81
C LYS C 159 -7.68 31.26 33.81
N GLU C 160 -8.11 31.58 32.60
CA GLU C 160 -8.24 30.57 31.55
C GLU C 160 -6.88 30.14 31.04
N TYR C 161 -6.76 28.85 30.71
CA TYR C 161 -5.55 28.28 30.14
C TYR C 161 -5.90 27.55 28.85
N ARG C 162 -4.90 26.94 28.23
CA ARG C 162 -5.14 26.19 27.00
C ARG C 162 -4.01 25.19 26.82
N LEU C 163 -4.33 24.05 26.20
CA LEU C 163 -3.32 23.05 25.92
C LEU C 163 -2.28 23.62 24.96
N ILE C 164 -1.04 23.15 25.10
CA ILE C 164 0.07 23.79 24.37
C ILE C 164 -0.03 23.52 22.87
N ASN C 165 -0.63 22.40 22.48
CA ASN C 165 -0.69 22.03 21.06
C ASN C 165 -2.06 22.30 20.44
N CYS C 166 -2.80 23.26 20.95
CA CYS C 166 -4.09 23.64 20.38
C CYS C 166 -3.94 24.72 19.31
N ASN C 167 -2.72 24.95 18.85
CA ASN C 167 -2.40 26.04 17.93
C ASN C 167 -1.60 25.59 16.73
N THR C 168 -1.03 24.39 16.76
CA THR C 168 -0.28 23.83 15.64
C THR C 168 -0.92 22.57 15.09
N SER C 169 -1.18 21.57 15.94
CA SER C 169 -1.71 20.31 15.44
C SER C 169 -2.27 19.52 16.62
N ALA C 170 -3.29 18.71 16.34
CA ALA C 170 -3.91 17.86 17.33
C ALA C 170 -2.98 16.71 17.72
N CYS C 171 -3.19 16.19 18.92
CA CYS C 171 -2.31 15.19 19.52
C CYS C 171 -2.99 13.83 19.57
N THR C 172 -2.18 12.79 19.39
CA THR C 172 -2.64 11.40 19.41
C THR C 172 -2.14 10.74 20.68
N GLN C 173 -3.07 10.19 21.47
CA GLN C 173 -2.69 9.56 22.73
C GLN C 173 -2.02 8.22 22.49
N ALA C 174 -0.88 8.02 23.14
CA ALA C 174 -0.19 6.74 23.04
C ALA C 174 -1.05 5.64 23.64
N CYS C 175 -1.09 4.49 22.97
CA CYS C 175 -1.89 3.39 23.46
C CYS C 175 -1.37 2.97 24.84
N PRO C 176 -2.26 2.61 25.77
CA PRO C 176 -1.83 2.49 27.17
C PRO C 176 -1.14 1.17 27.51
N LYS C 177 -1.44 0.12 26.76
CA LYS C 177 -0.86 -1.19 27.08
C LYS C 177 0.59 -1.32 26.67
N VAL C 178 0.98 -0.68 25.56
CA VAL C 178 2.34 -0.87 25.04
C VAL C 178 3.37 -0.26 25.98
N SER C 179 4.62 -0.70 25.81
CA SER C 179 5.73 -0.23 26.62
C SER C 179 6.88 0.20 25.69
N PHE C 180 7.68 1.15 26.17
CA PHE C 180 8.77 1.72 25.39
C PHE C 180 10.13 1.16 25.79
N GLU C 181 10.18 -0.08 26.23
CA GLU C 181 11.44 -0.69 26.62
C GLU C 181 12.22 -1.14 25.38
N PRO C 182 13.44 -0.67 25.18
CA PRO C 182 14.19 -1.06 23.97
C PRO C 182 14.60 -2.52 23.98
N ILE C 183 14.75 -3.07 22.78
CA ILE C 183 15.23 -4.44 22.61
C ILE C 183 16.21 -4.49 21.45
N PRO C 184 17.19 -5.39 21.54
CA PRO C 184 18.22 -5.46 20.48
C PRO C 184 17.63 -5.81 19.12
N ILE C 185 18.19 -5.20 18.08
CA ILE C 185 17.77 -5.42 16.70
C ILE C 185 19.01 -5.46 15.83
N HIS C 186 19.39 -6.65 15.35
CA HIS C 186 20.49 -6.76 14.40
C HIS C 186 20.00 -6.42 13.01
N TYR C 187 20.91 -5.92 12.17
CA TYR C 187 20.61 -5.63 10.77
C TYR C 187 21.51 -6.51 9.90
N CYS C 188 20.89 -7.32 9.05
CA CYS C 188 21.63 -8.23 8.20
C CYS C 188 21.51 -7.80 6.75
N ALA C 189 22.50 -8.17 5.95
CA ALA C 189 22.69 -7.77 4.57
C ALA C 189 22.13 -8.82 3.63
N PRO C 190 21.47 -8.41 2.55
CA PRO C 190 20.89 -9.36 1.61
C PRO C 190 21.99 -10.09 0.84
N ALA C 191 21.58 -11.19 0.19
CA ALA C 191 22.51 -11.99 -0.58
C ALA C 191 23.11 -11.17 -1.73
N GLY C 192 24.41 -11.31 -1.92
CA GLY C 192 25.15 -10.51 -2.88
C GLY C 192 25.96 -9.39 -2.27
N PHE C 193 25.74 -9.07 -1.00
CA PHE C 193 26.46 -8.03 -0.29
C PHE C 193 27.22 -8.66 0.87
N ALA C 194 28.06 -7.85 1.51
CA ALA C 194 28.84 -8.29 2.66
C ALA C 194 29.01 -7.15 3.64
N ILE C 195 29.14 -7.50 4.91
CA ILE C 195 29.32 -6.53 5.98
C ILE C 195 30.71 -6.73 6.58
N LEU C 196 31.52 -5.68 6.52
CA LEU C 196 32.87 -5.69 7.06
C LEU C 196 32.91 -4.93 8.37
N LYS C 197 33.56 -5.54 9.36
CA LYS C 197 33.70 -4.97 10.70
C LYS C 197 35.19 -4.83 11.02
N CYS C 198 35.58 -3.65 11.50
CA CYS C 198 36.98 -3.35 11.76
C CYS C 198 37.32 -3.73 13.20
N LYS C 199 38.09 -4.81 13.35
CA LYS C 199 38.48 -5.31 14.67
C LYS C 199 39.79 -4.64 15.07
N ASP C 200 39.68 -3.39 15.51
CA ASP C 200 40.83 -2.60 15.94
C ASP C 200 40.49 -1.92 17.26
N LYS C 201 41.54 -1.61 18.03
CA LYS C 201 41.36 -0.99 19.33
C LYS C 201 41.64 0.50 19.34
N LYS C 202 42.64 0.96 18.56
CA LYS C 202 42.97 2.38 18.46
C LYS C 202 42.33 3.02 17.24
N PHE C 203 41.20 2.48 16.79
CA PHE C 203 40.51 3.02 15.63
C PHE C 203 39.69 4.24 16.04
N ASN C 204 39.90 5.36 15.34
CA ASN C 204 39.26 6.62 15.68
C ASN C 204 38.09 6.95 14.75
N GLY C 205 37.72 6.04 13.85
CA GLY C 205 36.57 6.24 13.01
C GLY C 205 36.84 6.73 11.60
N THR C 206 38.10 6.92 11.22
CA THR C 206 38.44 7.40 9.89
C THR C 206 39.83 6.94 9.51
N GLY C 207 39.98 6.37 8.32
CA GLY C 207 41.27 5.96 7.83
C GLY C 207 41.36 4.47 7.57
N PRO C 208 42.56 3.98 7.30
CA PRO C 208 42.74 2.53 7.09
C PRO C 208 42.58 1.75 8.38
N CYS C 209 42.09 0.53 8.25
CA CYS C 209 41.96 -0.41 9.36
C CYS C 209 42.76 -1.66 9.04
N PRO C 210 43.92 -1.86 9.65
CA PRO C 210 44.82 -2.94 9.20
C PRO C 210 44.25 -4.34 9.36
N SER C 211 43.26 -4.54 10.23
CA SER C 211 42.68 -5.87 10.47
C SER C 211 41.17 -5.77 10.40
N VAL C 212 40.58 -6.29 9.33
CA VAL C 212 39.14 -6.28 9.15
C VAL C 212 38.62 -7.71 9.25
N SER C 213 37.30 -7.85 9.28
CA SER C 213 36.66 -9.15 9.29
C SER C 213 35.32 -9.05 8.60
N THR C 214 34.80 -10.19 8.18
CA THR C 214 33.49 -10.27 7.54
C THR C 214 32.52 -10.91 8.52
N VAL C 215 31.41 -10.24 8.78
CA VAL C 215 30.44 -10.75 9.74
C VAL C 215 29.12 -10.99 9.02
N GLN C 216 28.38 -11.99 9.51
CA GLN C 216 27.06 -12.26 8.94
C GLN C 216 26.15 -11.06 9.10
N CYS C 217 26.03 -10.55 10.32
CA CYS C 217 25.40 -9.26 10.57
C CYS C 217 25.71 -8.80 11.99
N THR C 218 25.36 -7.54 12.25
CA THR C 218 25.85 -6.81 13.40
C THR C 218 25.27 -7.36 14.71
N HIS C 219 25.91 -6.98 15.81
CA HIS C 219 25.43 -7.32 17.14
C HIS C 219 24.22 -6.47 17.50
N GLY C 220 23.54 -6.86 18.58
CA GLY C 220 22.33 -6.19 19.01
C GLY C 220 22.52 -4.72 19.32
N ILE C 221 21.69 -3.87 18.73
CA ILE C 221 21.78 -2.43 18.91
C ILE C 221 20.44 -1.93 19.46
N LYS C 222 20.49 -1.37 20.65
CA LYS C 222 19.32 -0.88 21.38
C LYS C 222 18.98 0.54 20.92
N PRO C 223 17.76 0.80 20.47
CA PRO C 223 17.38 2.16 20.03
C PRO C 223 17.01 3.07 21.20
N VAL C 224 17.96 3.29 22.10
CA VAL C 224 17.74 4.19 23.23
C VAL C 224 17.83 5.62 22.73
N VAL C 225 17.16 6.54 23.43
CA VAL C 225 17.10 7.94 23.05
C VAL C 225 17.56 8.79 24.23
N SER C 226 18.57 9.63 23.98
CA SER C 226 19.08 10.57 24.98
C SER C 226 19.54 11.81 24.25
N THR C 227 19.97 12.82 25.02
CA THR C 227 20.36 14.09 24.43
C THR C 227 21.68 14.66 24.93
N GLN C 228 22.19 14.20 26.08
CA GLN C 228 23.42 14.77 26.62
C GLN C 228 24.41 13.74 27.12
N LEU C 229 23.97 12.54 27.51
CA LEU C 229 24.86 11.49 28.00
C LEU C 229 24.30 10.17 27.51
N LEU C 230 25.01 9.53 26.58
CA LEU C 230 24.54 8.26 26.03
C LEU C 230 24.43 7.22 27.13
N LEU C 231 23.28 6.54 27.17
CA LEU C 231 22.98 5.58 28.23
C LEU C 231 22.85 4.17 27.65
N ASN C 232 23.26 3.19 28.45
CA ASN C 232 23.15 1.78 28.09
C ASN C 232 23.83 1.49 26.75
N GLY C 233 24.97 2.14 26.52
CA GLY C 233 25.71 1.98 25.28
C GLY C 233 26.73 0.86 25.37
N SER C 234 27.60 0.83 24.36
CA SER C 234 28.67 -0.17 24.27
C SER C 234 29.98 0.48 24.67
N LEU C 235 30.66 -0.15 25.63
CA LEU C 235 31.92 0.41 26.13
C LEU C 235 33.04 0.21 25.13
N ALA C 236 34.11 0.96 25.32
CA ALA C 236 35.30 0.87 24.47
C ALA C 236 36.47 0.32 25.30
N GLU C 237 37.27 -0.53 24.67
CA GLU C 237 38.42 -1.11 25.33
C GLU C 237 39.58 -0.11 25.37
N GLU C 238 40.70 -0.54 25.93
CA GLU C 238 41.89 0.30 26.08
C GLU C 238 41.58 1.54 26.92
N GLU C 239 41.48 2.70 26.27
CA GLU C 239 41.22 3.96 26.94
C GLU C 239 40.05 4.66 26.25
N VAL C 240 39.66 5.81 26.80
CA VAL C 240 38.56 6.57 26.24
C VAL C 240 38.96 7.11 24.86
N MET C 241 38.04 6.98 23.91
CA MET C 241 38.30 7.38 22.53
C MET C 241 37.50 8.62 22.19
N ILE C 242 38.11 9.51 21.41
CA ILE C 242 37.53 10.81 21.07
C ILE C 242 37.49 10.92 19.56
N ARG C 243 36.29 11.06 19.01
CA ARG C 243 36.08 11.06 17.57
C ARG C 243 35.35 12.31 17.13
N SER C 244 35.80 12.90 16.02
CA SER C 244 35.14 14.07 15.45
C SER C 244 35.50 14.20 13.98
N GLU C 245 34.58 14.79 13.22
CA GLU C 245 34.83 15.04 11.79
C GLU C 245 35.91 16.10 11.59
N ASN C 246 35.83 17.18 12.36
CA ASN C 246 36.83 18.25 12.42
C ASN C 246 37.05 18.63 13.88
N ILE C 247 38.26 18.38 14.38
CA ILE C 247 38.63 18.86 15.70
C ILE C 247 38.83 20.37 15.69
N THR C 248 39.47 20.89 14.65
CA THR C 248 39.77 22.32 14.59
C THR C 248 38.52 23.16 14.36
N ASN C 249 37.50 22.60 13.73
CA ASN C 249 36.29 23.36 13.48
C ASN C 249 35.51 23.55 14.78
N ASN C 250 34.58 24.51 14.76
CA ASN C 250 33.77 24.85 15.91
C ASN C 250 32.42 24.12 15.91
N ALA C 251 31.71 24.15 14.78
CA ALA C 251 30.35 23.60 14.73
C ALA C 251 30.38 22.10 14.41
N LYS C 252 31.08 21.36 15.26
CA LYS C 252 31.17 19.90 15.13
C LYS C 252 31.20 19.27 16.51
N ASN C 253 30.56 18.12 16.63
CA ASN C 253 30.49 17.42 17.91
C ASN C 253 31.77 16.62 18.16
N ILE C 254 32.03 16.36 19.44
CA ILE C 254 33.30 15.81 19.88
C ILE C 254 33.02 14.52 20.65
N LEU C 255 32.08 13.72 20.13
CA LEU C 255 31.62 12.47 20.77
C LEU C 255 32.72 11.73 21.53
N VAL C 256 32.45 11.39 22.79
CA VAL C 256 33.41 10.76 23.67
C VAL C 256 32.83 9.42 24.12
N GLN C 257 33.64 8.37 24.08
CA GLN C 257 33.25 7.05 24.53
C GLN C 257 34.06 6.66 25.75
N PHE C 258 33.37 6.27 26.82
CA PHE C 258 34.02 5.99 28.08
C PHE C 258 34.67 4.62 28.08
N ASN C 259 35.50 4.38 29.11
CA ASN C 259 36.18 3.11 29.30
C ASN C 259 35.53 2.26 30.39
N THR C 260 35.04 2.88 31.45
CA THR C 260 34.31 2.22 32.52
C THR C 260 32.97 2.91 32.74
N PRO C 261 31.88 2.16 32.85
CA PRO C 261 30.57 2.79 33.01
C PRO C 261 30.43 3.50 34.35
N VAL C 262 29.59 4.53 34.36
CA VAL C 262 29.25 5.27 35.57
C VAL C 262 27.78 5.03 35.85
N GLN C 263 27.49 4.44 37.00
CA GLN C 263 26.11 4.09 37.35
C GLN C 263 25.33 5.32 37.77
N ILE C 264 24.07 5.38 37.36
CA ILE C 264 23.17 6.46 37.72
C ILE C 264 21.84 5.86 38.20
N ASN C 265 21.49 6.14 39.45
CA ASN C 265 20.14 5.88 39.96
C ASN C 265 19.28 7.02 39.51
N CYS C 266 17.96 6.80 39.41
CA CYS C 266 17.01 7.88 39.69
C CYS C 266 15.55 7.48 39.69
N THR C 267 14.75 8.32 40.35
CA THR C 267 13.39 7.99 40.73
C THR C 267 12.48 9.21 40.60
N ARG C 268 11.18 8.90 40.57
CA ARG C 268 10.11 9.90 40.68
C ARG C 268 9.23 9.53 41.86
N PRO C 269 9.47 10.13 43.03
CA PRO C 269 8.68 9.76 44.24
C PRO C 269 7.33 10.47 44.32
N ASN C 270 6.35 9.92 43.61
CA ASN C 270 5.00 10.47 43.62
C ASN C 270 4.02 9.34 43.36
N ASN C 271 3.17 9.05 44.34
CA ASN C 271 2.19 7.97 44.23
C ASN C 271 1.01 8.47 43.41
N ASN C 272 1.11 8.33 42.10
CA ASN C 272 0.08 8.83 41.20
C ASN C 272 -1.13 7.91 41.18
N THR C 273 -2.25 8.46 40.69
CA THR C 273 -3.49 7.71 40.51
C THR C 273 -4.07 8.05 39.15
N ARG C 274 -4.52 7.03 38.43
CA ARG C 274 -5.04 7.18 37.08
C ARG C 274 -6.57 7.06 37.10
N LYS C 275 -7.23 7.99 36.43
CA LYS C 275 -8.68 7.99 36.29
C LYS C 275 -9.04 8.09 34.81
N SER C 276 -10.03 7.29 34.40
CA SER C 276 -10.39 7.16 33.00
C SER C 276 -11.65 7.97 32.70
N ILE C 277 -11.70 8.55 31.51
CA ILE C 277 -12.83 9.35 31.04
C ILE C 277 -13.20 8.87 29.65
N ARG C 278 -14.50 8.79 29.38
CA ARG C 278 -15.01 8.29 28.10
C ARG C 278 -15.22 9.45 27.15
N ILE C 279 -14.41 9.51 26.08
CA ILE C 279 -14.53 10.59 25.11
C ILE C 279 -15.78 10.41 24.26
N GLY C 280 -15.99 9.20 23.73
CA GLY C 280 -17.07 8.94 22.83
C GLY C 280 -17.31 7.46 22.63
N PRO C 281 -17.57 7.06 21.38
CA PRO C 281 -17.86 5.64 21.12
C PRO C 281 -16.61 4.77 21.18
N GLY C 282 -16.25 4.32 22.37
CA GLY C 282 -15.12 3.42 22.51
C GLY C 282 -13.77 4.07 22.57
N GLN C 283 -13.67 5.24 23.22
CA GLN C 283 -12.42 5.97 23.36
C GLN C 283 -12.27 6.43 24.80
N ALA C 284 -11.02 6.50 25.26
CA ALA C 284 -10.72 6.79 26.64
C ALA C 284 -9.66 7.88 26.74
N PHE C 285 -9.65 8.58 27.87
CA PHE C 285 -8.77 9.71 28.12
C PHE C 285 -8.14 9.60 29.51
N TYR C 286 -7.26 8.61 29.65
CA TYR C 286 -6.62 8.32 30.94
C TYR C 286 -6.02 9.61 31.48
N ALA C 287 -6.56 10.14 32.55
CA ALA C 287 -6.11 11.44 33.06
C ALA C 287 -5.62 11.25 34.47
N THR C 288 -4.85 12.18 35.04
CA THR C 288 -4.28 11.96 36.39
C THR C 288 -5.41 12.12 37.39
N GLY C 289 -5.13 12.20 38.66
CA GLY C 289 -6.30 12.18 39.55
C GLY C 289 -6.11 12.75 40.93
N ASP C 290 -5.15 12.25 41.73
CA ASP C 290 -4.90 12.90 43.03
C ASP C 290 -3.69 12.29 43.74
N ILE C 291 -2.51 12.84 43.52
CA ILE C 291 -1.30 12.37 44.22
C ILE C 291 -1.65 12.04 45.66
N ILE C 292 -1.36 10.81 46.13
CA ILE C 292 -1.63 10.35 47.52
C ILE C 292 -0.39 10.59 48.40
N GLY C 293 -0.40 11.62 49.26
CA GLY C 293 0.72 11.87 50.19
C GLY C 293 1.44 13.17 49.92
N ASP C 294 2.61 13.40 50.52
CA ASP C 294 3.36 14.61 50.17
C ASP C 294 3.73 14.59 48.69
N ILE C 295 4.17 15.75 48.20
CA ILE C 295 4.58 15.93 46.81
C ILE C 295 6.04 16.33 46.79
N ARG C 296 6.85 15.57 46.05
CA ARG C 296 8.29 15.84 45.96
C ARG C 296 8.72 15.71 44.50
N GLN C 297 9.83 16.36 44.17
CA GLN C 297 10.30 16.42 42.80
C GLN C 297 11.20 15.24 42.47
N ALA C 298 11.13 14.79 41.23
CA ALA C 298 11.93 13.66 40.79
C ALA C 298 13.41 14.04 40.68
N HIS C 299 14.28 13.05 40.88
CA HIS C 299 15.70 13.39 40.89
C HIS C 299 16.54 12.18 40.51
N CYS C 300 17.76 12.48 40.06
CA CYS C 300 18.75 11.47 39.67
C CYS C 300 20.04 11.61 40.45
N ASN C 301 20.64 10.47 40.77
CA ASN C 301 21.85 10.39 41.59
C ASN C 301 22.99 9.75 40.81
N VAL C 302 24.15 10.39 40.88
CA VAL C 302 25.42 9.82 40.44
C VAL C 302 26.44 10.01 41.54
N SER C 303 27.43 9.13 41.58
CA SER C 303 28.49 9.26 42.56
C SER C 303 29.41 10.42 42.20
N LYS C 304 30.27 10.80 43.15
CA LYS C 304 31.16 11.92 42.94
C LYS C 304 32.57 11.48 42.57
N ALA C 305 33.12 10.50 43.28
CA ALA C 305 34.48 10.03 42.99
C ALA C 305 34.57 9.41 41.60
N THR C 306 33.59 8.58 41.24
CA THR C 306 33.63 7.92 39.93
C THR C 306 33.53 8.93 38.80
N TRP C 307 32.60 9.89 38.93
CA TRP C 307 32.51 10.95 37.94
C TRP C 307 33.79 11.77 37.87
N ASN C 308 34.37 12.09 39.01
CA ASN C 308 35.54 12.97 38.99
C ASN C 308 36.71 12.24 38.33
N GLU C 309 36.88 10.95 38.63
CA GLU C 309 37.90 10.15 37.97
C GLU C 309 37.67 10.09 36.47
N THR C 310 36.42 9.90 36.05
CA THR C 310 36.13 9.82 34.62
C THR C 310 36.43 11.14 33.91
N LEU C 311 36.09 12.26 34.55
CA LEU C 311 36.41 13.56 33.96
C LEU C 311 37.91 13.77 33.88
N GLY C 312 38.65 13.28 34.89
CA GLY C 312 40.10 13.35 34.82
C GLY C 312 40.65 12.57 33.63
N LYS C 313 40.12 11.36 33.40
CA LYS C 313 40.56 10.59 32.23
C LYS C 313 40.23 11.30 30.92
N VAL C 314 39.02 11.86 30.83
CA VAL C 314 38.62 12.56 29.60
C VAL C 314 39.51 13.77 29.35
N VAL C 315 39.82 14.53 30.41
CA VAL C 315 40.69 15.68 30.27
C VAL C 315 42.09 15.25 29.85
N LYS C 316 42.59 14.15 30.44
CA LYS C 316 43.93 13.67 30.09
C LYS C 316 44.00 13.26 28.62
N GLN C 317 42.96 12.60 28.12
CA GLN C 317 42.97 12.20 26.72
C GLN C 317 42.53 13.31 25.76
N LEU C 318 42.03 14.42 26.27
CA LEU C 318 41.63 15.55 25.44
C LEU C 318 42.76 16.55 25.21
N ARG C 319 43.94 16.32 25.78
CA ARG C 319 45.04 17.25 25.67
C ARG C 319 46.02 16.91 24.54
N LYS C 320 45.76 15.84 23.78
CA LYS C 320 46.63 15.52 22.66
C LYS C 320 46.43 16.47 21.49
N HIS C 321 45.24 17.04 21.34
CA HIS C 321 44.93 17.93 20.22
C HIS C 321 45.18 19.40 20.54
N PHE C 322 44.79 19.85 21.73
CA PHE C 322 44.81 21.28 22.08
C PHE C 322 45.99 21.62 22.99
N GLY C 323 47.15 21.00 22.79
CA GLY C 323 48.33 21.35 23.53
C GLY C 323 48.39 20.73 24.91
N ASN C 324 49.57 20.83 25.53
CA ASN C 324 49.83 20.27 26.84
C ASN C 324 49.87 21.33 27.94
N ASN C 325 49.56 22.58 27.61
CA ASN C 325 49.61 23.67 28.58
C ASN C 325 48.28 24.41 28.72
N THR C 326 47.29 24.09 27.90
CA THR C 326 46.03 24.81 27.94
C THR C 326 45.21 24.43 29.16
N ILE C 327 44.33 25.34 29.58
CA ILE C 327 43.42 25.13 30.69
C ILE C 327 42.10 24.64 30.12
N ILE C 328 41.61 23.50 30.61
CA ILE C 328 40.39 22.90 30.09
C ILE C 328 39.27 23.18 31.09
N ARG C 329 38.29 23.98 30.69
CA ARG C 329 37.23 24.42 31.57
C ARG C 329 35.89 23.93 31.04
N PHE C 330 35.10 23.29 31.88
CA PHE C 330 33.77 22.84 31.53
C PHE C 330 32.72 23.83 32.01
N ALA C 331 31.66 23.99 31.24
CA ALA C 331 30.56 24.87 31.62
C ALA C 331 29.25 24.28 31.16
N ASN C 332 28.17 24.64 31.85
CA ASN C 332 26.87 24.08 31.49
C ASN C 332 26.25 24.86 30.34
N SER C 333 25.02 24.54 29.96
CA SER C 333 24.39 25.21 28.84
C SER C 333 23.81 26.55 29.30
N SER C 334 23.17 27.27 28.37
CA SER C 334 22.70 28.63 28.66
C SER C 334 21.44 28.86 27.83
N GLY C 335 20.29 28.63 28.45
CA GLY C 335 19.01 28.86 27.78
C GLY C 335 18.77 27.92 26.61
N GLY C 336 17.55 27.88 26.10
CA GLY C 336 17.25 27.05 24.97
C GLY C 336 15.87 26.47 25.06
N ASP C 337 15.67 25.35 24.38
CA ASP C 337 14.37 24.73 24.25
C ASP C 337 14.04 23.76 25.37
N LEU C 338 15.05 23.32 26.14
CA LEU C 338 14.96 22.39 27.27
C LEU C 338 14.92 20.93 26.85
N GLU C 339 14.86 20.65 25.54
CA GLU C 339 15.18 19.30 25.05
C GLU C 339 16.61 19.16 24.56
N VAL C 340 17.37 20.25 24.49
CA VAL C 340 18.76 20.20 24.06
C VAL C 340 19.71 20.80 25.06
N THR C 341 19.21 21.37 26.16
CA THR C 341 20.06 21.96 27.19
C THR C 341 20.02 21.17 28.49
N THR C 342 19.23 20.11 28.57
CA THR C 342 19.10 19.31 29.78
C THR C 342 18.96 17.84 29.40
N HIS C 343 19.51 16.97 30.24
CA HIS C 343 19.43 15.53 29.99
C HIS C 343 17.98 15.11 29.85
N SER C 344 17.68 14.33 28.81
CA SER C 344 16.31 14.12 28.35
C SER C 344 16.05 12.64 28.10
N PHE C 345 16.41 11.78 29.05
CA PHE C 345 16.24 10.36 28.86
C PHE C 345 14.76 9.98 29.02
N ASN C 346 14.50 8.67 28.99
CA ASN C 346 13.17 8.12 29.16
C ASN C 346 13.30 6.94 30.11
N CYS C 347 12.40 6.83 31.08
CA CYS C 347 12.51 5.83 32.13
C CYS C 347 11.13 5.40 32.57
N GLY C 348 10.71 4.21 32.15
CA GLY C 348 9.45 3.63 32.60
C GLY C 348 8.21 4.35 32.12
N GLY C 349 8.23 4.85 30.88
CA GLY C 349 7.07 5.48 30.30
C GLY C 349 6.85 6.94 30.67
N GLU C 350 7.72 7.51 31.50
CA GLU C 350 7.62 8.92 31.88
C GLU C 350 8.87 9.63 31.36
N PHE C 351 8.67 10.81 30.77
CA PHE C 351 9.73 11.52 30.07
C PHE C 351 10.29 12.62 30.99
N PHE C 352 11.49 12.36 31.52
CA PHE C 352 12.18 13.28 32.41
C PHE C 352 12.95 14.32 31.60
N TYR C 353 13.36 15.39 32.29
CA TYR C 353 14.23 16.40 31.69
C TYR C 353 15.13 16.94 32.80
N CYS C 354 16.32 16.37 32.94
CA CYS C 354 17.12 16.60 34.12
C CYS C 354 18.27 17.59 33.89
N ASN C 355 18.57 18.35 34.93
CA ASN C 355 19.35 19.59 34.86
C ASN C 355 20.80 19.27 35.20
N THR C 356 21.56 18.86 34.18
CA THR C 356 22.98 18.52 34.35
C THR C 356 23.78 19.82 34.41
N SER C 357 23.82 20.40 35.61
CA SER C 357 24.62 21.59 35.86
C SER C 357 25.67 21.37 36.93
N GLY C 358 25.46 20.45 37.87
CA GLY C 358 26.49 20.10 38.82
C GLY C 358 27.53 19.14 38.28
N LEU C 359 27.30 18.59 37.09
CA LEU C 359 28.28 17.70 36.47
C LEU C 359 29.39 18.50 35.78
N PHE C 360 29.03 19.34 34.82
CA PHE C 360 29.99 20.12 34.04
C PHE C 360 30.17 21.48 34.69
N ASN C 361 30.98 21.50 35.76
CA ASN C 361 31.36 22.76 36.42
C ASN C 361 32.72 22.49 37.04
N SER C 362 33.78 22.82 36.32
CA SER C 362 35.14 22.58 36.79
C SER C 362 36.13 23.23 35.84
N THR C 363 37.37 23.35 36.31
CA THR C 363 38.47 23.84 35.51
C THR C 363 39.72 23.03 35.84
N TRP C 364 40.45 22.61 34.81
CA TRP C 364 41.62 21.77 34.95
C TRP C 364 42.84 22.51 34.42
N ILE C 365 43.86 22.62 35.25
CA ILE C 365 45.08 23.31 34.91
C ILE C 365 46.13 22.29 34.47
N SER C 366 47.21 22.77 33.86
CA SER C 366 48.25 21.88 33.36
C SER C 366 48.92 21.11 34.50
N ASN C 367 49.20 21.78 35.60
CA ASN C 367 49.86 21.14 36.73
C ASN C 367 48.97 21.12 37.97
N ASN C 379 31.61 8.40 50.44
CA ASN C 379 30.55 8.42 49.43
C ASN C 379 29.84 9.76 49.42
N ASP C 380 29.32 10.15 48.27
CA ASP C 380 28.59 11.41 48.12
C ASP C 380 27.64 11.27 46.95
N SER C 381 27.05 12.40 46.53
CA SER C 381 26.12 12.40 45.41
C SER C 381 26.11 13.78 44.78
N ILE C 382 25.70 13.82 43.52
CA ILE C 382 25.69 15.05 42.73
C ILE C 382 24.24 15.22 42.30
N THR C 383 23.32 14.89 43.21
CA THR C 383 21.89 14.81 42.93
C THR C 383 21.40 15.94 42.05
N LEU C 384 20.75 15.56 40.94
CA LEU C 384 20.20 16.47 39.96
C LEU C 384 18.69 16.47 40.06
N PRO C 385 18.06 17.61 40.34
CA PRO C 385 16.59 17.67 40.39
C PRO C 385 16.01 17.96 39.02
N CYS C 386 14.85 17.38 38.74
CA CYS C 386 14.29 17.54 37.41
C CYS C 386 12.79 17.33 37.38
N ARG C 387 12.23 17.59 36.20
CA ARG C 387 10.80 17.65 35.96
C ARG C 387 10.41 16.62 34.91
N ILE C 388 9.11 16.46 34.74
CA ILE C 388 8.54 15.47 33.84
C ILE C 388 7.63 16.20 32.84
N LYS C 389 7.51 15.63 31.64
CA LYS C 389 6.66 16.21 30.62
C LYS C 389 5.67 15.18 30.10
N GLN C 390 4.51 15.66 29.65
CA GLN C 390 3.46 14.80 29.10
C GLN C 390 3.38 14.89 27.58
N ILE C 391 3.35 16.10 27.03
CA ILE C 391 3.21 16.31 25.60
C ILE C 391 4.60 16.45 24.99
N ILE C 392 4.92 15.57 24.05
CA ILE C 392 6.25 15.51 23.45
C ILE C 392 6.12 15.40 21.93
N ASN C 393 7.21 15.74 21.25
CA ASN C 393 7.33 15.61 19.80
C ASN C 393 8.63 14.89 19.52
N MET C 394 8.59 13.56 19.54
CA MET C 394 9.76 12.74 19.27
C MET C 394 9.81 12.36 17.80
N TRP C 395 11.01 12.00 17.33
CA TRP C 395 11.27 11.84 15.90
C TRP C 395 10.89 13.13 15.17
N GLN C 396 11.64 14.18 15.49
CA GLN C 396 11.26 15.57 15.27
C GLN C 396 10.59 15.78 13.92
N ARG C 397 9.33 16.20 13.96
CA ARG C 397 8.52 16.39 12.77
C ARG C 397 7.53 17.50 13.04
N ILE C 398 7.01 18.09 11.96
CA ILE C 398 6.08 19.21 12.06
C ILE C 398 4.65 18.66 11.92
N GLY C 399 3.77 19.11 12.80
CA GLY C 399 2.37 18.73 12.73
C GLY C 399 2.00 17.44 13.41
N GLN C 400 2.86 16.88 14.24
CA GLN C 400 2.56 15.64 14.95
C GLN C 400 2.82 15.85 16.44
N CYS C 401 2.37 14.89 17.24
CA CYS C 401 2.33 15.04 18.68
C CYS C 401 2.18 13.66 19.32
N MET C 402 2.22 13.61 20.65
CA MET C 402 2.06 12.38 21.39
C MET C 402 1.80 12.72 22.85
N TYR C 403 0.76 12.11 23.42
CA TYR C 403 0.38 12.32 24.81
C TYR C 403 0.64 11.04 25.59
N ALA C 404 1.54 11.10 26.56
CA ALA C 404 1.91 9.94 27.33
C ALA C 404 1.01 9.81 28.55
N PRO C 405 0.23 8.73 28.67
CA PRO C 405 -0.68 8.62 29.82
C PRO C 405 0.08 8.44 31.11
N PRO C 406 -0.51 8.80 32.24
CA PRO C 406 0.21 8.68 33.52
C PRO C 406 0.47 7.23 33.90
N ILE C 407 1.44 7.05 34.80
CA ILE C 407 1.86 5.74 35.27
C ILE C 407 1.62 5.67 36.77
N GLN C 408 0.94 4.62 37.21
CA GLN C 408 0.62 4.45 38.62
C GLN C 408 1.84 4.00 39.40
N GLY C 409 1.95 4.49 40.63
CA GLY C 409 3.03 4.08 41.52
C GLY C 409 4.30 4.86 41.27
N VAL C 410 5.28 4.60 42.13
CA VAL C 410 6.60 5.22 42.02
C VAL C 410 7.39 4.48 40.95
N ILE C 411 8.35 5.18 40.35
CA ILE C 411 9.19 4.59 39.31
C ILE C 411 10.65 4.88 39.64
N ARG C 412 11.48 3.84 39.51
CA ARG C 412 12.92 3.93 39.69
C ARG C 412 13.62 3.23 38.53
N CYS C 413 14.83 3.70 38.21
CA CYS C 413 15.62 3.02 37.19
C CYS C 413 17.10 3.28 37.43
N VAL C 414 17.92 2.37 36.91
CA VAL C 414 19.37 2.42 37.05
C VAL C 414 19.99 2.24 35.67
N SER C 415 20.94 3.09 35.33
CA SER C 415 21.54 3.06 33.99
C SER C 415 23.03 3.29 34.07
N ASN C 416 23.70 3.14 32.92
CA ASN C 416 25.11 3.40 32.78
C ASN C 416 25.32 4.58 31.83
N ILE C 417 26.21 5.50 32.22
CA ILE C 417 26.51 6.68 31.41
C ILE C 417 27.77 6.35 30.63
N THR C 418 27.60 5.73 29.47
CA THR C 418 28.72 5.36 28.59
C THR C 418 28.83 6.31 27.40
N GLY C 419 29.11 7.58 27.65
CA GLY C 419 29.28 8.50 26.54
C GLY C 419 29.19 9.94 26.97
N LEU C 420 29.37 10.82 25.98
CA LEU C 420 29.36 12.27 26.15
C LEU C 420 29.34 12.89 24.76
N ILE C 421 28.65 14.03 24.65
CA ILE C 421 28.43 14.66 23.34
C ILE C 421 28.95 16.09 23.44
N LEU C 422 30.08 16.27 24.14
CA LEU C 422 30.70 17.58 24.31
C LEU C 422 30.79 18.38 23.01
N THR C 423 30.76 19.71 23.12
CA THR C 423 30.85 20.60 21.97
C THR C 423 31.70 21.79 22.34
N ARG C 424 32.69 22.11 21.50
CA ARG C 424 33.63 23.17 21.80
C ARG C 424 32.96 24.53 21.75
N ASP C 425 33.59 25.49 22.44
CA ASP C 425 33.08 26.86 22.51
C ASP C 425 33.80 27.78 21.54
N GLY C 426 35.12 27.93 21.70
CA GLY C 426 35.92 28.77 20.82
C GLY C 426 35.49 30.23 20.83
N GLY C 427 36.13 30.98 19.93
CA GLY C 427 35.78 32.37 19.73
C GLY C 427 36.94 33.34 19.93
N SER C 428 37.78 33.08 20.93
CA SER C 428 38.92 33.95 21.16
C SER C 428 39.95 33.82 20.05
N THR C 429 40.32 32.58 19.70
CA THR C 429 41.22 32.23 18.61
C THR C 429 42.66 32.64 18.89
N ASN C 430 42.89 33.40 19.96
CA ASN C 430 44.24 33.70 20.46
C ASN C 430 44.15 33.73 21.98
N SER C 431 44.31 32.56 22.61
CA SER C 431 44.28 32.40 24.05
C SER C 431 44.50 30.92 24.34
N THR C 432 44.62 30.58 25.62
CA THR C 432 44.62 29.19 26.08
C THR C 432 43.58 29.10 27.21
N THR C 433 42.31 28.99 26.82
CA THR C 433 41.22 28.81 27.77
C THR C 433 40.15 27.91 27.17
N GLU C 434 40.56 26.80 26.57
CA GLU C 434 39.65 25.91 25.86
C GLU C 434 38.46 25.51 26.74
N THR C 435 37.26 25.94 26.36
CA THR C 435 36.06 25.74 27.16
C THR C 435 35.10 24.81 26.43
N PHE C 436 34.54 23.85 27.16
CA PHE C 436 33.63 22.86 26.60
C PHE C 436 32.27 22.93 27.30
N ARG C 437 31.22 22.85 26.49
CA ARG C 437 29.85 22.80 26.95
C ARG C 437 29.14 21.61 26.33
N PRO C 438 28.18 21.02 27.02
CA PRO C 438 27.45 19.88 26.46
C PRO C 438 26.44 20.35 25.42
N GLY C 439 25.67 19.39 24.92
CA GLY C 439 24.62 19.69 23.96
C GLY C 439 24.46 18.63 22.90
N GLY C 440 23.23 18.19 22.70
CA GLY C 440 22.94 17.17 21.70
C GLY C 440 22.19 17.74 20.51
N GLY C 441 20.88 17.55 20.47
CA GLY C 441 20.09 18.04 19.37
C GLY C 441 19.65 16.95 18.42
N ASP C 442 20.30 16.87 17.27
CA ASP C 442 19.96 15.83 16.30
C ASP C 442 20.20 14.45 16.89
N MET C 443 19.31 13.52 16.55
CA MET C 443 19.34 12.18 17.09
C MET C 443 20.13 11.21 16.22
N ARG C 444 20.69 11.66 15.10
CA ARG C 444 21.52 10.78 14.29
C ARG C 444 22.86 10.49 14.97
N ASP C 445 23.40 11.46 15.71
CA ASP C 445 24.66 11.24 16.41
C ASP C 445 24.52 10.28 17.57
N ASN C 446 23.30 9.92 17.98
CA ASN C 446 23.11 8.89 18.98
C ASN C 446 23.32 7.50 18.41
N TRP C 447 23.11 7.34 17.10
CA TRP C 447 23.31 6.05 16.45
C TRP C 447 24.64 5.94 15.72
N ARG C 448 25.27 7.07 15.40
CA ARG C 448 26.62 7.03 14.83
C ARG C 448 27.65 6.55 15.83
N SER C 449 27.30 6.45 17.11
CA SER C 449 28.20 5.95 18.14
C SER C 449 28.17 4.44 18.25
N GLU C 450 27.32 3.75 17.49
CA GLU C 450 27.25 2.30 17.48
C GLU C 450 27.68 1.69 16.15
N LEU C 451 27.29 2.29 15.03
CA LEU C 451 27.70 1.84 13.71
C LEU C 451 28.95 2.58 13.24
N TYR C 452 29.99 2.59 14.06
CA TYR C 452 31.23 3.25 13.71
C TYR C 452 32.31 2.27 13.24
N LYS C 453 31.98 0.98 13.14
CA LYS C 453 32.93 -0.03 12.71
C LYS C 453 32.34 -1.00 11.70
N TYR C 454 31.24 -0.63 11.05
CA TYR C 454 30.58 -1.49 10.07
C TYR C 454 30.51 -0.77 8.74
N LYS C 455 30.75 -1.52 7.65
CA LYS C 455 30.55 -0.99 6.31
C LYS C 455 29.99 -2.07 5.42
N VAL C 456 29.29 -1.66 4.36
CA VAL C 456 28.60 -2.55 3.45
C VAL C 456 29.29 -2.50 2.09
N VAL C 457 29.65 -3.67 1.56
CA VAL C 457 30.31 -3.76 0.27
C VAL C 457 29.53 -4.71 -0.63
N LYS C 458 29.68 -4.52 -1.94
CA LYS C 458 29.03 -5.36 -2.94
C LYS C 458 30.12 -6.07 -3.74
N ILE C 459 30.03 -7.38 -3.81
CA ILE C 459 31.08 -8.19 -4.44
C ILE C 459 30.78 -8.34 -5.92
N GLU C 460 31.80 -8.13 -6.75
CA GLU C 460 31.71 -8.32 -8.19
C GLU C 460 32.59 -9.50 -8.59
N PRO C 461 32.03 -10.59 -9.09
CA PRO C 461 32.78 -11.83 -9.24
C PRO C 461 33.53 -12.04 -10.55
N LEU C 462 33.26 -11.25 -11.59
CA LEU C 462 33.91 -11.47 -12.87
C LEU C 462 35.32 -10.90 -12.87
N GLY C 463 36.25 -11.62 -13.50
CA GLY C 463 37.62 -11.15 -13.60
C GLY C 463 38.28 -11.67 -14.85
N VAL C 464 39.32 -10.96 -15.29
CA VAL C 464 40.06 -11.30 -16.51
C VAL C 464 41.54 -11.30 -16.19
N ALA C 465 42.22 -12.39 -16.51
CA ALA C 465 43.64 -12.52 -16.24
C ALA C 465 44.33 -13.19 -17.41
N PRO C 466 45.62 -12.92 -17.63
CA PRO C 466 46.33 -13.55 -18.75
C PRO C 466 47.02 -14.85 -18.34
N THR C 467 46.96 -15.83 -19.23
CA THR C 467 47.63 -17.10 -19.01
C THR C 467 47.91 -17.75 -20.35
N ARG C 468 48.31 -19.03 -20.33
CA ARG C 468 48.78 -19.72 -21.52
C ARG C 468 47.75 -20.72 -22.07
N CYS C 469 46.49 -20.60 -21.68
CA CYS C 469 45.45 -21.44 -22.24
C CYS C 469 45.18 -21.04 -23.69
N LYS C 470 44.64 -21.98 -24.46
CA LYS C 470 44.48 -21.78 -25.90
C LYS C 470 43.06 -21.95 -26.41
N ARG C 471 42.26 -22.83 -25.80
CA ARG C 471 40.92 -23.16 -26.28
C ARG C 471 40.98 -23.69 -27.72
N ARG C 472 41.57 -24.87 -27.84
CA ARG C 472 41.71 -25.51 -29.14
C ARG C 472 40.34 -25.76 -29.76
N VAL C 473 40.27 -25.60 -31.08
CA VAL C 473 39.01 -25.80 -31.81
C VAL C 473 39.01 -27.15 -32.50
N PHE D 8 41.51 -22.38 2.76
CA PHE D 8 40.59 -21.83 3.74
C PHE D 8 39.14 -22.05 3.33
N LEU D 9 38.23 -21.79 4.25
CA LEU D 9 36.80 -21.92 4.01
C LEU D 9 36.11 -20.61 4.37
N GLY D 10 34.81 -20.56 4.14
CA GLY D 10 34.03 -19.39 4.47
C GLY D 10 33.93 -18.39 3.33
N PHE D 11 32.87 -17.59 3.38
CA PHE D 11 32.64 -16.56 2.37
C PHE D 11 33.76 -15.52 2.42
N LEU D 12 34.32 -15.21 1.25
CA LEU D 12 35.38 -14.22 1.11
C LEU D 12 36.58 -14.53 2.00
N GLY D 13 36.82 -15.81 2.28
CA GLY D 13 37.87 -16.19 3.21
C GLY D 13 39.28 -16.01 2.66
N ALA D 14 39.43 -16.01 1.34
CA ALA D 14 40.75 -15.91 0.72
C ALA D 14 40.95 -14.58 -0.01
N ALA D 15 40.37 -13.51 0.53
CA ALA D 15 40.49 -12.20 -0.11
C ALA D 15 41.89 -11.61 0.02
N GLY D 16 42.77 -12.21 0.82
CA GLY D 16 44.11 -11.70 0.98
C GLY D 16 45.17 -12.61 0.40
N SER D 17 44.81 -13.87 0.16
CA SER D 17 45.75 -14.82 -0.40
C SER D 17 46.03 -14.49 -1.86
N THR D 18 47.17 -14.97 -2.35
CA THR D 18 47.60 -14.69 -3.71
C THR D 18 46.67 -15.35 -4.72
N MET D 19 46.90 -15.07 -6.01
CA MET D 19 46.02 -15.56 -7.06
C MET D 19 45.98 -17.08 -7.10
N GLY D 20 47.13 -17.72 -6.94
CA GLY D 20 47.17 -19.18 -7.02
C GLY D 20 46.30 -19.85 -5.97
N ALA D 21 46.37 -19.37 -4.73
CA ALA D 21 45.54 -19.93 -3.67
C ALA D 21 44.09 -19.45 -3.77
N ALA D 22 43.86 -18.26 -4.32
CA ALA D 22 42.51 -17.71 -4.41
C ALA D 22 41.72 -18.26 -5.59
N SER D 23 42.37 -18.90 -6.54
CA SER D 23 41.68 -19.47 -7.69
C SER D 23 41.17 -20.88 -7.46
N MET D 24 41.39 -21.44 -6.26
CA MET D 24 40.91 -22.77 -5.94
C MET D 24 39.57 -22.77 -5.21
N THR D 25 39.06 -21.61 -4.82
CA THR D 25 37.83 -21.51 -4.03
C THR D 25 36.84 -20.58 -4.72
N LEU D 26 36.64 -20.76 -6.02
CA LEU D 26 35.69 -19.92 -6.73
C LEU D 26 34.25 -20.31 -6.43
N THR D 27 33.99 -21.61 -6.20
CA THR D 27 32.62 -22.06 -5.98
C THR D 27 32.03 -21.49 -4.70
N VAL D 28 32.86 -21.24 -3.68
CA VAL D 28 32.36 -20.71 -2.42
C VAL D 28 31.73 -19.34 -2.64
N GLN D 29 32.40 -18.48 -3.40
CA GLN D 29 31.84 -17.16 -3.70
C GLN D 29 30.72 -17.26 -4.73
N ALA D 30 30.81 -18.22 -5.65
CA ALA D 30 29.78 -18.36 -6.68
C ALA D 30 28.44 -18.75 -6.05
N ARG D 31 28.46 -19.65 -5.07
CA ARG D 31 27.23 -20.16 -4.46
C ARG D 31 26.52 -19.14 -3.58
N ASN D 32 27.17 -18.03 -3.25
CA ASN D 32 26.58 -17.01 -2.40
C ASN D 32 26.11 -15.79 -3.16
N LEU D 33 26.20 -15.79 -4.49
CA LEU D 33 25.68 -14.68 -5.28
C LEU D 33 24.17 -14.64 -5.31
N LEU D 34 23.51 -15.75 -4.95
CA LEU D 34 22.05 -15.82 -4.96
C LEU D 34 21.66 -16.86 -3.92
N SER D 35 21.09 -16.39 -2.80
CA SER D 35 20.78 -17.26 -1.68
C SER D 35 19.40 -16.89 -1.15
N GLY D 36 19.05 -17.46 0.00
CA GLY D 36 17.76 -17.21 0.61
C GLY D 36 17.42 -18.22 1.71
N LEU D 57 2.50 -1.36 3.16
CA LEU D 57 3.58 -0.98 4.06
C LEU D 57 4.88 -0.76 3.29
N THR D 58 5.93 -0.37 4.00
CA THR D 58 7.26 -0.20 3.43
C THR D 58 8.27 -1.16 4.03
N VAL D 59 8.36 -1.21 5.36
CA VAL D 59 9.24 -2.18 6.01
C VAL D 59 8.72 -3.58 5.73
N TRP D 60 9.59 -4.44 5.21
CA TRP D 60 9.23 -5.78 4.75
C TRP D 60 8.13 -5.75 3.70
N GLY D 61 8.03 -4.65 2.96
CA GLY D 61 7.04 -4.51 1.91
C GLY D 61 7.66 -4.34 0.54
N ILE D 62 7.59 -3.13 0.01
CA ILE D 62 8.08 -2.87 -1.34
C ILE D 62 9.60 -2.96 -1.40
N LYS D 63 10.28 -2.49 -0.34
CA LYS D 63 11.74 -2.38 -0.38
C LYS D 63 12.42 -3.74 -0.50
N GLN D 64 11.96 -4.72 0.28
CA GLN D 64 12.57 -6.05 0.21
C GLN D 64 12.34 -6.69 -1.16
N LEU D 65 11.14 -6.53 -1.71
CA LEU D 65 10.86 -7.06 -3.04
C LEU D 65 11.75 -6.40 -4.09
N GLN D 66 11.95 -5.08 -3.96
CA GLN D 66 12.84 -4.38 -4.88
C GLN D 66 14.25 -4.93 -4.79
N ALA D 67 14.74 -5.16 -3.57
CA ALA D 67 16.09 -5.67 -3.39
C ALA D 67 16.23 -7.07 -4.00
N ARG D 68 15.25 -7.95 -3.77
CA ARG D 68 15.33 -9.31 -4.29
C ARG D 68 15.27 -9.31 -5.82
N VAL D 69 14.39 -8.49 -6.39
CA VAL D 69 14.29 -8.40 -7.85
C VAL D 69 15.60 -7.88 -8.44
N LEU D 70 16.20 -6.88 -7.79
CA LEU D 70 17.48 -6.36 -8.28
C LEU D 70 18.56 -7.43 -8.21
N ALA D 71 18.58 -8.21 -7.15
CA ALA D 71 19.58 -9.27 -7.02
C ALA D 71 19.45 -10.30 -8.14
N VAL D 72 18.22 -10.76 -8.39
CA VAL D 72 18.04 -11.78 -9.43
C VAL D 72 18.35 -11.20 -10.80
N GLU D 73 18.03 -9.92 -11.03
CA GLU D 73 18.34 -9.30 -12.31
C GLU D 73 19.85 -9.19 -12.52
N ARG D 74 20.59 -8.80 -11.49
CA ARG D 74 22.04 -8.71 -11.60
C ARG D 74 22.65 -10.08 -11.88
N TYR D 75 22.19 -11.11 -11.16
CA TYR D 75 22.72 -12.45 -11.39
C TYR D 75 22.44 -12.92 -12.82
N LEU D 76 21.21 -12.69 -13.32
CA LEU D 76 20.88 -13.09 -14.67
C LEU D 76 21.70 -12.34 -15.70
N ARG D 77 21.96 -11.05 -15.47
CA ARG D 77 22.76 -10.27 -16.40
C ARG D 77 24.19 -10.80 -16.48
N ASP D 78 24.79 -11.08 -15.33
CA ASP D 78 26.14 -11.63 -15.33
C ASP D 78 26.19 -12.99 -16.04
N GLN D 79 25.20 -13.84 -15.77
CA GLN D 79 25.17 -15.14 -16.41
C GLN D 79 24.99 -15.02 -17.92
N GLN D 80 24.15 -14.09 -18.37
CA GLN D 80 23.95 -13.90 -19.80
C GLN D 80 25.23 -13.41 -20.48
N LEU D 81 25.94 -12.48 -19.84
CA LEU D 81 27.20 -12.01 -20.41
C LEU D 81 28.20 -13.16 -20.53
N LEU D 82 28.34 -13.94 -19.45
CA LEU D 82 29.29 -15.05 -19.46
C LEU D 82 28.92 -16.07 -20.53
N GLY D 83 27.62 -16.36 -20.69
CA GLY D 83 27.20 -17.29 -21.72
C GLY D 83 27.43 -16.77 -23.12
N ILE D 84 27.23 -15.46 -23.32
CA ILE D 84 27.47 -14.86 -24.63
C ILE D 84 28.94 -14.97 -25.01
N TRP D 85 29.84 -14.74 -24.04
CA TRP D 85 31.25 -14.61 -24.41
C TRP D 85 31.82 -15.88 -25.03
N GLY D 86 32.07 -16.91 -24.23
CA GLY D 86 32.35 -18.22 -24.78
C GLY D 86 31.99 -19.36 -23.86
N CYS D 87 31.50 -19.03 -22.67
CA CYS D 87 31.53 -19.94 -21.54
C CYS D 87 30.10 -20.28 -21.14
N SER D 88 29.75 -21.56 -21.23
CA SER D 88 28.39 -21.98 -20.96
C SER D 88 28.15 -22.28 -19.49
N GLY D 89 28.87 -23.27 -18.94
CA GLY D 89 28.58 -23.71 -17.59
C GLY D 89 28.97 -22.74 -16.51
N LYS D 90 30.27 -22.61 -16.23
CA LYS D 90 30.76 -21.72 -15.18
C LYS D 90 32.28 -21.74 -15.03
N LEU D 91 32.79 -20.88 -14.15
CA LEU D 91 34.15 -20.96 -13.61
C LEU D 91 35.22 -20.77 -14.67
N ILE D 92 36.40 -21.36 -14.45
CA ILE D 92 37.53 -21.12 -15.33
C ILE D 92 37.19 -21.54 -16.75
N CYS D 93 37.37 -20.63 -17.69
CA CYS D 93 36.98 -20.86 -19.08
C CYS D 93 37.97 -20.14 -19.98
N CYS D 94 38.72 -20.92 -20.77
CA CYS D 94 39.69 -20.36 -21.68
C CYS D 94 39.01 -19.62 -22.83
N THR D 95 39.80 -18.88 -23.59
CA THR D 95 39.29 -18.15 -24.74
C THR D 95 40.45 -17.87 -25.69
N ASN D 96 40.14 -17.20 -26.80
CA ASN D 96 41.04 -17.06 -27.93
C ASN D 96 41.22 -15.60 -28.32
N VAL D 97 41.49 -14.75 -27.33
CA VAL D 97 41.77 -13.33 -27.54
C VAL D 97 43.21 -13.07 -27.12
N PRO D 98 44.09 -12.64 -28.03
CA PRO D 98 45.49 -12.39 -27.65
C PRO D 98 45.60 -11.30 -26.60
N TRP D 99 46.58 -11.45 -25.72
CA TRP D 99 46.81 -10.52 -24.62
C TRP D 99 47.68 -9.37 -25.13
N ASN D 100 47.05 -8.23 -25.42
CA ASN D 100 47.79 -7.06 -25.84
C ASN D 100 48.71 -6.60 -24.73
N SER D 101 49.99 -6.39 -25.06
CA SER D 101 50.96 -5.96 -24.05
C SER D 101 50.68 -4.54 -23.57
N SER D 102 49.98 -3.73 -24.36
CA SER D 102 49.73 -2.34 -23.96
C SER D 102 48.92 -2.28 -22.67
N TRP D 103 48.03 -3.24 -22.45
CA TRP D 103 47.21 -3.24 -21.24
C TRP D 103 48.07 -3.42 -20.00
N SER D 104 49.06 -4.31 -20.06
CA SER D 104 49.95 -4.53 -18.92
C SER D 104 51.21 -5.24 -19.40
N ASN D 105 52.36 -4.74 -18.96
CA ASN D 105 53.66 -5.34 -19.30
C ASN D 105 54.20 -5.95 -18.02
N ARG D 106 53.81 -7.19 -17.73
CA ARG D 106 54.24 -7.86 -16.52
C ARG D 106 54.41 -9.35 -16.78
N ASN D 107 55.40 -9.93 -16.11
CA ASN D 107 55.66 -11.36 -16.26
C ASN D 107 54.57 -12.17 -15.57
N LEU D 108 54.44 -13.43 -16.03
CA LEU D 108 53.41 -14.32 -15.47
C LEU D 108 53.70 -14.64 -14.01
N SER D 109 54.96 -14.94 -13.68
CA SER D 109 55.30 -15.32 -12.31
C SER D 109 55.12 -14.16 -11.35
N GLU D 110 55.52 -12.95 -11.75
CA GLU D 110 55.35 -11.80 -10.88
C GLU D 110 53.89 -11.38 -10.74
N ILE D 111 53.00 -11.97 -11.51
CA ILE D 111 51.58 -11.67 -11.45
C ILE D 111 50.83 -12.71 -10.62
N TRP D 112 51.11 -13.99 -10.84
CA TRP D 112 50.30 -15.06 -10.27
C TRP D 112 50.82 -15.59 -8.94
N ASP D 113 51.93 -15.08 -8.41
CA ASP D 113 52.47 -15.59 -7.15
C ASP D 113 52.68 -14.53 -6.07
N ASN D 114 52.52 -13.24 -6.37
CA ASN D 114 52.75 -12.22 -5.35
C ASN D 114 51.74 -11.07 -5.40
N MET D 115 50.58 -11.28 -6.01
CA MET D 115 49.57 -10.23 -6.13
C MET D 115 48.23 -10.75 -5.62
N THR D 116 47.30 -9.83 -5.44
CA THR D 116 45.96 -10.14 -4.95
C THR D 116 44.93 -9.58 -5.92
N TRP D 117 43.74 -10.19 -5.92
CA TRP D 117 42.74 -9.86 -6.93
C TRP D 117 42.25 -8.42 -6.81
N LEU D 118 42.23 -7.86 -5.60
CA LEU D 118 41.84 -6.46 -5.45
C LEU D 118 42.87 -5.53 -6.11
N GLN D 119 44.15 -5.85 -5.95
CA GLN D 119 45.20 -5.08 -6.62
C GLN D 119 45.05 -5.16 -8.12
N TRP D 120 44.75 -6.36 -8.64
CA TRP D 120 44.54 -6.51 -10.08
C TRP D 120 43.35 -5.70 -10.56
N ASP D 121 42.25 -5.73 -9.81
CA ASP D 121 41.08 -4.95 -10.19
C ASP D 121 41.42 -3.47 -10.23
N LYS D 122 42.17 -2.99 -9.24
CA LYS D 122 42.60 -1.60 -9.24
C LYS D 122 43.51 -1.29 -10.42
N GLU D 123 44.30 -2.27 -10.87
CA GLU D 123 45.29 -2.00 -11.90
C GLU D 123 44.64 -1.76 -13.27
N ILE D 124 43.70 -2.62 -13.65
CA ILE D 124 43.17 -2.61 -15.02
C ILE D 124 41.72 -2.16 -15.03
N SER D 125 41.35 -1.27 -14.12
CA SER D 125 39.96 -0.87 -13.97
C SER D 125 39.43 -0.12 -15.19
N ASN D 126 40.30 0.36 -16.08
CA ASN D 126 39.87 1.14 -17.23
C ASN D 126 39.99 0.39 -18.55
N TYR D 127 40.70 -0.73 -18.60
CA TYR D 127 40.89 -1.47 -19.84
C TYR D 127 39.87 -2.59 -20.04
N THR D 128 38.89 -2.72 -19.14
CA THR D 128 37.97 -3.84 -19.17
C THR D 128 36.74 -3.59 -20.03
N GLN D 129 36.62 -2.42 -20.66
CA GLN D 129 35.48 -2.13 -21.53
C GLN D 129 35.76 -2.43 -22.99
N ILE D 130 37.00 -2.77 -23.35
CA ILE D 130 37.32 -3.19 -24.70
C ILE D 130 37.58 -4.68 -24.81
N ILE D 131 38.07 -5.31 -23.74
CA ILE D 131 38.27 -6.76 -23.75
C ILE D 131 36.95 -7.48 -23.94
N TYR D 132 35.87 -6.94 -23.37
CA TYR D 132 34.55 -7.56 -23.51
C TYR D 132 34.12 -7.60 -24.97
N GLY D 133 34.25 -6.46 -25.65
CA GLY D 133 33.91 -6.42 -27.07
C GLY D 133 34.80 -7.31 -27.91
N LEU D 134 36.10 -7.34 -27.58
CA LEU D 134 37.02 -8.23 -28.29
C LEU D 134 36.56 -9.68 -28.17
N LEU D 135 36.23 -10.11 -26.96
CA LEU D 135 35.77 -11.48 -26.74
C LEU D 135 34.49 -11.77 -27.51
N GLU D 136 33.54 -10.83 -27.46
CA GLU D 136 32.26 -11.03 -28.14
C GLU D 136 32.45 -11.19 -29.64
N GLU D 137 33.24 -10.29 -30.25
CA GLU D 137 33.45 -10.38 -31.69
C GLU D 137 34.24 -11.63 -32.08
N SER D 138 35.22 -12.02 -31.25
CA SER D 138 35.98 -13.22 -31.54
C SER D 138 35.08 -14.45 -31.54
N GLN D 139 34.19 -14.57 -30.55
CA GLN D 139 33.32 -15.73 -30.52
C GLN D 139 32.28 -15.69 -31.64
N ASN D 140 31.81 -14.50 -32.03
CA ASN D 140 30.91 -14.43 -33.18
C ASN D 140 31.58 -14.97 -34.43
N GLN D 141 32.83 -14.55 -34.66
CA GLN D 141 33.57 -15.07 -35.81
C GLN D 141 33.77 -16.58 -35.72
N GLN D 142 34.12 -17.07 -34.52
CA GLN D 142 34.35 -18.50 -34.35
C GLN D 142 33.08 -19.31 -34.61
N GLU D 143 31.94 -18.81 -34.12
CA GLU D 143 30.67 -19.51 -34.35
C GLU D 143 30.32 -19.53 -35.84
N LYS D 144 30.52 -18.41 -36.53
CA LYS D 144 30.26 -18.39 -37.97
C LYS D 144 31.15 -19.40 -38.70
N ASN D 145 32.42 -19.45 -38.33
CA ASN D 145 33.34 -20.40 -38.96
C ASN D 145 32.91 -21.84 -38.69
N GLU D 146 32.50 -22.14 -37.46
CA GLU D 146 32.06 -23.49 -37.13
C GLU D 146 30.82 -23.87 -37.92
N GLN D 147 29.86 -22.95 -38.05
CA GLN D 147 28.66 -23.24 -38.82
C GLN D 147 28.99 -23.49 -40.28
N ASP D 148 29.89 -22.69 -40.85
CA ASP D 148 30.27 -22.90 -42.25
C ASP D 148 30.98 -24.25 -42.42
N LEU D 149 31.87 -24.60 -41.49
CA LEU D 149 32.56 -25.88 -41.58
C LEU D 149 31.57 -27.05 -41.49
N LEU D 150 30.60 -26.95 -40.57
CA LEU D 150 29.60 -28.01 -40.46
C LEU D 150 28.75 -28.09 -41.73
N ALA D 151 28.45 -26.95 -42.34
CA ALA D 151 27.72 -26.97 -43.61
C ALA D 151 28.53 -27.67 -44.69
N LEU D 152 29.83 -27.40 -44.74
CA LEU D 152 30.69 -28.10 -45.71
C LEU D 152 30.74 -29.59 -45.40
N ASP D 153 30.81 -29.96 -44.13
CA ASP D 153 30.85 -31.36 -43.73
C ASP D 153 29.51 -32.05 -44.02
N ALA E 1 28.71 -54.21 -13.00
CA ALA E 1 28.35 -54.98 -11.83
C ALA E 1 29.10 -54.49 -10.60
N GLU E 2 30.41 -54.78 -10.56
CA GLU E 2 31.25 -54.35 -9.45
C GLU E 2 31.46 -52.84 -9.41
N ASN E 3 31.11 -52.13 -10.48
CA ASN E 3 31.28 -50.68 -10.56
C ASN E 3 29.93 -50.02 -10.72
N LEU E 4 29.62 -49.07 -9.84
CA LEU E 4 28.42 -48.27 -9.92
C LEU E 4 28.78 -46.81 -9.72
N TRP E 5 28.07 -45.93 -10.43
CA TRP E 5 28.39 -44.51 -10.43
C TRP E 5 27.14 -43.68 -10.20
N VAL E 6 27.34 -42.55 -9.52
CA VAL E 6 26.25 -41.62 -9.24
C VAL E 6 25.79 -40.98 -10.55
N THR E 7 24.48 -40.73 -10.64
CA THR E 7 23.89 -40.08 -11.80
C THR E 7 22.79 -39.15 -11.34
N VAL E 8 22.73 -37.97 -11.95
CA VAL E 8 21.82 -36.90 -11.55
C VAL E 8 20.68 -36.85 -12.56
N TYR E 9 19.45 -36.82 -12.05
CA TYR E 9 18.25 -36.70 -12.88
C TYR E 9 17.53 -35.42 -12.49
N TYR E 10 17.09 -34.66 -13.49
CA TYR E 10 16.33 -33.44 -13.27
C TYR E 10 14.93 -33.62 -13.84
N GLY E 11 13.92 -33.28 -13.05
CA GLY E 11 12.54 -33.48 -13.46
C GLY E 11 12.01 -34.85 -13.09
N VAL E 12 12.04 -35.18 -11.81
CA VAL E 12 11.62 -36.48 -11.31
C VAL E 12 10.30 -36.32 -10.55
N PRO E 13 9.36 -37.26 -10.67
CA PRO E 13 8.07 -37.12 -9.94
C PRO E 13 8.19 -37.38 -8.45
N VAL E 14 8.59 -36.36 -7.68
CA VAL E 14 8.71 -36.46 -6.23
C VAL E 14 8.16 -35.18 -5.62
N TRP E 15 7.39 -35.32 -4.54
CA TRP E 15 6.75 -34.19 -3.90
C TRP E 15 6.93 -34.26 -2.39
N LYS E 16 6.73 -33.12 -1.74
CA LYS E 16 6.73 -32.99 -0.29
C LYS E 16 5.52 -32.18 0.13
N ASP E 17 5.16 -32.31 1.41
CA ASP E 17 4.07 -31.53 1.97
C ASP E 17 4.57 -30.12 2.30
N ALA E 18 3.83 -29.11 1.86
CA ALA E 18 4.23 -27.72 2.06
C ALA E 18 2.97 -26.85 2.07
N GLU E 19 3.18 -25.54 2.07
CA GLU E 19 2.08 -24.58 2.08
C GLU E 19 2.49 -23.36 1.27
N THR E 20 1.50 -22.68 0.71
CA THR E 20 1.75 -21.51 -0.12
C THR E 20 0.47 -20.67 -0.16
N THR E 21 0.43 -19.71 -1.08
CA THR E 21 -0.73 -18.85 -1.29
C THR E 21 -1.33 -19.16 -2.66
N LEU E 22 -2.61 -19.54 -2.67
CA LEU E 22 -3.31 -19.83 -3.90
C LEU E 22 -3.94 -18.53 -4.43
N PHE E 23 -4.76 -18.63 -5.47
CA PHE E 23 -5.36 -17.43 -6.04
C PHE E 23 -6.70 -17.80 -6.70
N CYS E 24 -7.40 -16.75 -7.15
CA CYS E 24 -8.75 -16.86 -7.68
C CYS E 24 -8.82 -17.62 -9.00
N ALA E 25 -10.01 -18.13 -9.27
CA ALA E 25 -10.44 -18.45 -10.63
C ALA E 25 -11.97 -18.51 -10.60
N SER E 26 -12.62 -17.53 -11.22
CA SER E 26 -14.07 -17.44 -11.19
C SER E 26 -14.60 -17.26 -12.60
N ASP E 27 -15.85 -17.68 -12.80
CA ASP E 27 -16.49 -17.52 -14.09
C ASP E 27 -16.61 -16.04 -14.46
N ALA E 28 -16.34 -15.73 -15.72
CA ALA E 28 -16.19 -14.34 -16.14
C ALA E 28 -17.53 -13.63 -16.22
N LYS E 29 -18.45 -14.16 -17.03
CA LYS E 29 -19.76 -13.57 -17.31
C LYS E 29 -19.65 -12.18 -17.94
N ALA E 30 -18.45 -11.78 -18.37
CA ALA E 30 -18.16 -10.49 -18.99
C ALA E 30 -18.35 -9.33 -18.00
N TYR E 31 -18.79 -9.63 -16.78
CA TYR E 31 -19.01 -8.66 -15.72
C TYR E 31 -19.74 -7.42 -16.24
N GLU E 32 -20.94 -7.65 -16.77
CA GLU E 32 -21.76 -6.58 -17.32
C GLU E 32 -23.04 -6.35 -16.54
N THR E 33 -23.86 -7.38 -16.35
CA THR E 33 -25.13 -7.25 -15.65
C THR E 33 -25.00 -7.37 -14.14
N GLU E 34 -23.79 -7.62 -13.63
CA GLU E 34 -23.60 -7.77 -12.19
C GLU E 34 -23.84 -6.45 -11.49
N LYS E 35 -24.43 -6.52 -10.29
CA LYS E 35 -24.74 -5.35 -9.47
C LYS E 35 -23.70 -5.12 -8.38
N HIS E 36 -22.43 -5.41 -8.65
CA HIS E 36 -21.33 -5.22 -7.71
C HIS E 36 -21.56 -6.03 -6.42
N ASN E 37 -21.53 -7.35 -6.59
CA ASN E 37 -21.58 -8.25 -5.46
C ASN E 37 -20.44 -7.94 -4.48
N VAL E 38 -20.70 -8.17 -3.19
CA VAL E 38 -19.67 -7.94 -2.19
C VAL E 38 -18.46 -8.82 -2.45
N TRP E 39 -18.69 -10.08 -2.82
CA TRP E 39 -17.62 -10.98 -3.26
C TRP E 39 -17.22 -10.59 -4.69
N ALA E 40 -16.53 -9.46 -4.78
CA ALA E 40 -16.18 -8.88 -6.08
C ALA E 40 -15.26 -9.80 -6.86
N THR E 41 -15.77 -10.37 -7.95
CA THR E 41 -14.98 -11.25 -8.80
C THR E 41 -14.23 -10.51 -9.89
N HIS E 42 -14.45 -9.20 -10.06
CA HIS E 42 -13.67 -8.42 -11.01
C HIS E 42 -12.24 -8.21 -10.54
N ALA E 43 -11.95 -8.49 -9.27
CA ALA E 43 -10.62 -8.23 -8.70
C ALA E 43 -9.65 -9.39 -8.90
N CYS E 44 -10.06 -10.47 -9.55
CA CYS E 44 -9.18 -11.61 -9.70
C CYS E 44 -9.56 -12.42 -10.93
N VAL E 45 -8.56 -13.16 -11.43
CA VAL E 45 -8.50 -13.70 -12.79
C VAL E 45 -9.61 -14.71 -13.09
N PRO E 46 -10.19 -14.68 -14.29
CA PRO E 46 -11.20 -15.69 -14.66
C PRO E 46 -10.57 -17.06 -14.87
N THR E 47 -11.42 -18.03 -15.22
CA THR E 47 -11.03 -19.42 -15.29
C THR E 47 -11.33 -20.01 -16.66
N ASP E 48 -10.53 -21.00 -17.04
CA ASP E 48 -10.75 -21.74 -18.28
C ASP E 48 -11.90 -22.73 -18.11
N PRO E 49 -12.86 -22.79 -19.03
CA PRO E 49 -13.98 -23.72 -18.89
C PRO E 49 -13.67 -25.17 -19.26
N ASN E 50 -12.40 -25.53 -19.40
CA ASN E 50 -11.99 -26.89 -19.77
C ASN E 50 -11.00 -27.40 -18.74
N PRO E 51 -11.49 -27.88 -17.60
CA PRO E 51 -10.58 -28.33 -16.54
C PRO E 51 -9.87 -29.64 -16.91
N GLN E 52 -8.74 -29.87 -16.24
CA GLN E 52 -7.94 -31.06 -16.43
C GLN E 52 -7.86 -31.84 -15.12
N GLU E 53 -8.06 -33.15 -15.21
CA GLU E 53 -7.95 -34.03 -14.05
C GLU E 53 -7.19 -35.29 -14.48
N ILE E 54 -5.96 -35.42 -14.01
CA ILE E 54 -5.10 -36.54 -14.36
C ILE E 54 -5.18 -37.56 -13.23
N HIS E 55 -5.56 -38.79 -13.57
CA HIS E 55 -5.78 -39.83 -12.57
C HIS E 55 -4.45 -40.52 -12.26
N LEU E 56 -3.84 -40.16 -11.15
CA LEU E 56 -2.66 -40.86 -10.67
C LEU E 56 -3.02 -42.30 -10.29
N GLU E 57 -2.06 -43.20 -10.43
CA GLU E 57 -2.30 -44.61 -10.18
C GLU E 57 -1.19 -45.17 -9.29
N ASN E 58 -1.52 -46.22 -8.56
CA ASN E 58 -0.62 -46.99 -7.70
C ASN E 58 -0.10 -46.19 -6.51
N VAL E 59 -0.62 -45.00 -6.25
CA VAL E 59 -0.08 -44.11 -5.23
C VAL E 59 -1.12 -43.92 -4.13
N THR E 60 -0.68 -44.05 -2.88
CA THR E 60 -1.52 -43.81 -1.71
C THR E 60 -0.95 -42.64 -0.92
N GLU E 61 -1.79 -41.68 -0.58
CA GLU E 61 -1.34 -40.46 0.10
C GLU E 61 -2.15 -40.24 1.37
N GLU E 62 -1.48 -39.81 2.43
CA GLU E 62 -2.14 -39.61 3.71
C GLU E 62 -2.71 -38.20 3.79
N PHE E 63 -3.90 -38.08 4.39
CA PHE E 63 -4.61 -36.83 4.53
C PHE E 63 -4.95 -36.59 5.99
N ASN E 64 -5.07 -35.32 6.35
CA ASN E 64 -5.50 -34.92 7.70
C ASN E 64 -6.23 -33.60 7.57
N MET E 65 -7.56 -33.65 7.52
CA MET E 65 -8.36 -32.48 7.24
C MET E 65 -8.48 -31.51 8.41
N TRP E 66 -8.06 -31.92 9.61
CA TRP E 66 -8.13 -31.07 10.78
C TRP E 66 -6.89 -30.23 10.99
N LYS E 67 -5.86 -30.42 10.17
CA LYS E 67 -4.67 -29.57 10.17
C LYS E 67 -4.40 -28.99 8.79
N ASN E 68 -5.43 -28.87 7.96
CA ASN E 68 -5.27 -28.28 6.65
C ASN E 68 -4.91 -26.80 6.74
N ASN E 69 -4.03 -26.36 5.85
CA ASN E 69 -3.63 -24.97 5.79
C ASN E 69 -4.43 -24.17 4.78
N MET E 70 -5.33 -24.81 4.03
CA MET E 70 -6.15 -24.10 3.06
C MET E 70 -7.27 -23.31 3.72
N VAL E 71 -7.78 -23.79 4.86
CA VAL E 71 -8.93 -23.14 5.49
C VAL E 71 -8.54 -21.77 6.03
N GLU E 72 -7.35 -21.64 6.63
CA GLU E 72 -6.93 -20.36 7.16
C GLU E 72 -6.74 -19.34 6.04
N GLN E 73 -6.09 -19.76 4.95
CA GLN E 73 -5.90 -18.86 3.82
C GLN E 73 -7.23 -18.45 3.20
N MET E 74 -8.17 -19.40 3.10
CA MET E 74 -9.50 -19.07 2.57
C MET E 74 -10.22 -18.08 3.47
N HIS E 75 -10.12 -18.27 4.78
CA HIS E 75 -10.78 -17.34 5.71
C HIS E 75 -10.21 -15.94 5.59
N THR E 76 -8.87 -15.82 5.53
CA THR E 76 -8.26 -14.51 5.36
C THR E 76 -8.66 -13.90 4.02
N ASP E 77 -8.72 -14.71 2.97
CA ASP E 77 -9.16 -14.25 1.66
C ASP E 77 -10.57 -13.66 1.74
N ILE E 78 -11.50 -14.39 2.36
CA ILE E 78 -12.88 -13.93 2.42
C ILE E 78 -12.99 -12.66 3.24
N ILE E 79 -12.27 -12.58 4.37
CA ILE E 79 -12.32 -11.38 5.21
C ILE E 79 -11.80 -10.17 4.43
N SER E 80 -10.68 -10.34 3.73
CA SER E 80 -10.12 -9.22 2.98
C SER E 80 -11.00 -8.83 1.80
N LEU E 81 -11.64 -9.80 1.15
CA LEU E 81 -12.56 -9.47 0.05
C LEU E 81 -13.78 -8.72 0.58
N TRP E 82 -14.27 -9.10 1.76
CA TRP E 82 -15.44 -8.44 2.32
C TRP E 82 -15.11 -7.02 2.79
N ASP E 83 -13.96 -6.85 3.44
CA ASP E 83 -13.62 -5.51 3.93
C ASP E 83 -12.98 -4.67 2.83
N GLN E 84 -13.61 -4.65 1.66
CA GLN E 84 -13.26 -3.72 0.60
C GLN E 84 -14.46 -3.12 -0.12
N SER E 85 -15.62 -3.78 -0.11
CA SER E 85 -16.83 -3.20 -0.65
C SER E 85 -17.58 -2.35 0.37
N LEU E 86 -17.22 -2.44 1.64
CA LEU E 86 -17.81 -1.61 2.68
C LEU E 86 -17.03 -0.32 2.92
N LYS E 87 -15.87 -0.17 2.30
CA LYS E 87 -15.10 1.07 2.46
C LYS E 87 -15.81 2.28 1.89
N PRO E 88 -16.31 2.30 0.64
CA PRO E 88 -16.88 3.53 0.07
C PRO E 88 -18.39 3.65 0.28
N CYS E 89 -18.83 3.66 1.54
CA CYS E 89 -20.19 4.11 1.85
C CYS E 89 -20.22 4.64 3.27
N VAL E 90 -21.32 5.33 3.59
CA VAL E 90 -21.39 6.22 4.74
C VAL E 90 -21.14 5.48 6.05
N LYS E 91 -20.37 6.11 6.94
CA LYS E 91 -20.16 5.66 8.30
C LYS E 91 -21.10 6.44 9.21
N LEU E 92 -21.97 5.74 9.92
CA LEU E 92 -23.00 6.38 10.73
C LEU E 92 -22.47 6.84 12.07
N THR E 93 -21.62 7.86 12.07
CA THR E 93 -21.13 8.42 13.32
C THR E 93 -22.13 9.33 14.04
N PRO E 94 -23.01 10.09 13.36
CA PRO E 94 -23.93 10.95 14.12
C PRO E 94 -25.14 10.22 14.70
N LEU E 95 -25.19 8.90 14.57
CA LEU E 95 -26.32 8.13 15.08
C LEU E 95 -26.00 7.52 16.45
N CYS E 96 -25.66 8.40 17.39
CA CYS E 96 -25.60 8.03 18.82
C CYS E 96 -26.29 9.16 19.58
N VAL E 97 -27.61 9.07 19.69
CA VAL E 97 -28.41 10.09 20.35
C VAL E 97 -29.46 9.37 21.20
N THR E 98 -30.00 10.10 22.17
CA THR E 98 -31.01 9.54 23.06
C THR E 98 -32.33 9.44 22.32
N LEU E 99 -32.63 8.25 21.82
CA LEU E 99 -33.90 8.02 21.14
C LEU E 99 -35.05 8.13 22.13
N GLN E 100 -36.17 8.69 21.68
CA GLN E 100 -37.41 8.68 22.45
C GLN E 100 -38.34 7.69 21.76
N CYS E 101 -38.61 6.57 22.41
CA CYS E 101 -39.28 5.45 21.76
C CYS E 101 -40.56 5.08 22.49
N THR E 102 -41.55 4.67 21.69
CA THR E 102 -42.82 4.15 22.17
C THR E 102 -43.10 2.82 21.48
N ASN E 103 -44.10 2.11 21.96
CA ASN E 103 -44.53 0.88 21.30
C ASN E 103 -45.35 1.22 20.07
N VAL E 104 -45.54 0.23 19.20
CA VAL E 104 -46.42 0.35 18.04
C VAL E 104 -47.49 -0.73 18.15
N THR E 105 -48.75 -0.32 17.99
CA THR E 105 -49.88 -1.22 18.17
C THR E 105 -50.91 -0.99 17.06
N ASN E 106 -50.44 -0.91 15.82
CA ASN E 106 -51.31 -0.71 14.66
C ASN E 106 -51.48 -2.05 13.96
N ASN E 107 -52.61 -2.71 14.23
CA ASN E 107 -52.94 -4.02 13.62
C ASN E 107 -51.85 -5.05 13.91
N ILE E 108 -51.36 -5.07 15.15
CA ILE E 108 -50.29 -5.99 15.52
C ILE E 108 -50.88 -7.37 15.82
N THR E 109 -50.00 -8.36 15.87
CA THR E 109 -50.35 -9.74 16.18
C THR E 109 -49.88 -10.07 17.59
N ASP E 110 -50.71 -10.81 18.33
CA ASP E 110 -50.40 -11.12 19.73
C ASP E 110 -49.09 -11.87 19.85
N ASP E 111 -48.71 -12.66 18.83
CA ASP E 111 -47.42 -13.33 18.87
C ASP E 111 -46.26 -12.37 18.71
N MET E 112 -46.50 -11.18 18.17
CA MET E 112 -45.45 -10.20 17.91
C MET E 112 -45.68 -8.95 18.77
N ARG E 113 -46.04 -9.16 20.03
CA ARG E 113 -46.14 -8.04 20.96
C ARG E 113 -44.76 -7.45 21.22
N GLY E 114 -44.69 -6.13 21.26
CA GLY E 114 -43.39 -5.49 21.30
C GLY E 114 -42.66 -5.74 19.99
N GLU E 115 -41.34 -5.92 20.09
CA GLU E 115 -40.46 -6.30 18.99
C GLU E 115 -40.34 -5.18 17.95
N LEU E 116 -41.12 -4.11 18.08
CA LEU E 116 -41.01 -2.97 17.17
C LEU E 116 -41.23 -1.71 17.98
N LYS E 117 -40.39 -0.70 17.75
CA LYS E 117 -40.44 0.54 18.52
C LYS E 117 -40.49 1.72 17.56
N ASN E 118 -41.41 2.63 17.81
CA ASN E 118 -41.50 3.89 17.08
C ASN E 118 -40.61 4.90 17.80
N CYS E 119 -39.50 5.28 17.16
CA CYS E 119 -38.47 6.07 17.81
C CYS E 119 -38.26 7.39 17.09
N SER E 120 -38.23 8.48 17.86
CA SER E 120 -37.94 9.81 17.35
C SER E 120 -36.62 10.30 17.93
N PHE E 121 -35.92 11.14 17.16
CA PHE E 121 -34.64 11.65 17.60
C PHE E 121 -34.30 12.90 16.78
N ASN E 122 -33.08 13.39 16.97
CA ASN E 122 -32.61 14.65 16.43
C ASN E 122 -31.37 14.41 15.59
N MET E 123 -31.35 14.96 14.38
CA MET E 123 -30.25 14.71 13.46
C MET E 123 -29.81 15.99 12.75
N THR E 124 -28.54 16.02 12.38
CA THR E 124 -27.97 17.17 11.67
C THR E 124 -28.24 17.06 10.17
N THR E 125 -28.60 18.18 9.57
CA THR E 125 -28.84 18.24 8.14
C THR E 125 -27.51 18.52 7.42
N GLU E 126 -27.58 18.80 6.12
CA GLU E 126 -26.35 19.08 5.37
C GLU E 126 -25.66 20.33 5.89
N LEU E 127 -26.43 21.37 6.19
CA LEU E 127 -25.87 22.57 6.80
C LEU E 127 -25.74 22.37 8.31
N ARG E 128 -24.59 22.79 8.85
CA ARG E 128 -24.30 22.54 10.26
C ARG E 128 -25.20 23.33 11.19
N ASP E 129 -25.92 24.34 10.69
CA ASP E 129 -26.73 25.19 11.56
C ASP E 129 -27.99 24.50 12.03
N LYS E 130 -28.69 23.79 11.15
CA LYS E 130 -30.05 23.34 11.41
C LYS E 130 -30.08 21.87 11.82
N LYS E 131 -31.26 21.45 12.30
CA LYS E 131 -31.50 20.09 12.76
C LYS E 131 -32.88 19.64 12.28
N GLN E 132 -33.13 18.34 12.35
CA GLN E 132 -34.39 17.76 11.94
C GLN E 132 -35.04 17.01 13.11
N LYS E 133 -36.18 16.39 12.84
CA LYS E 133 -36.89 15.57 13.81
C LYS E 133 -37.37 14.28 13.16
N VAL E 134 -36.44 13.60 12.47
CA VAL E 134 -36.78 12.37 11.76
C VAL E 134 -37.14 11.27 12.75
N TYR E 135 -38.06 10.39 12.33
CA TYR E 135 -38.49 9.25 13.12
C TYR E 135 -38.32 7.96 12.31
N SER E 136 -38.23 6.85 13.03
CA SER E 136 -38.01 5.55 12.39
C SER E 136 -38.64 4.44 13.22
N LEU E 137 -38.57 3.22 12.69
CA LEU E 137 -39.04 2.03 13.37
C LEU E 137 -37.85 1.10 13.60
N PHE E 138 -37.61 0.76 14.86
CA PHE E 138 -36.44 -0.02 15.24
C PHE E 138 -36.87 -1.32 15.90
N TYR E 139 -36.19 -2.41 15.55
CA TYR E 139 -36.46 -3.69 16.19
C TYR E 139 -35.95 -3.66 17.63
N ARG E 140 -36.56 -4.49 18.48
CA ARG E 140 -36.22 -4.47 19.90
C ARG E 140 -34.78 -4.91 20.12
N LEU E 141 -34.25 -5.79 19.25
CA LEU E 141 -32.91 -6.30 19.44
C LEU E 141 -31.82 -5.27 19.19
N ASP E 142 -32.17 -4.10 18.65
CA ASP E 142 -31.17 -3.09 18.28
C ASP E 142 -31.23 -1.85 19.15
N VAL E 143 -32.00 -1.85 20.23
CA VAL E 143 -32.08 -0.72 21.14
C VAL E 143 -32.00 -1.23 22.57
N VAL E 144 -31.30 -0.50 23.43
CA VAL E 144 -31.21 -0.82 24.85
C VAL E 144 -31.60 0.40 25.66
N GLN E 145 -32.06 0.14 26.88
CA GLN E 145 -32.64 1.19 27.71
C GLN E 145 -31.57 1.85 28.58
N ILE E 146 -31.66 3.17 28.68
CA ILE E 146 -30.79 3.96 29.55
C ILE E 146 -31.66 4.78 30.49
N ASN E 147 -31.01 5.42 31.46
CA ASN E 147 -31.69 6.25 32.46
C ASN E 147 -32.77 5.45 33.19
N GLU E 148 -32.42 4.25 33.62
CA GLU E 148 -33.35 3.39 34.33
C GLU E 148 -33.67 3.93 35.71
N ASN E 158 -43.38 6.65 26.16
CA ASN E 158 -42.22 7.37 25.66
C ASN E 158 -41.05 7.27 26.63
N LYS E 159 -40.08 6.43 26.33
CA LYS E 159 -38.92 6.24 27.18
C LYS E 159 -37.64 6.51 26.39
N GLU E 160 -36.55 6.71 27.13
CA GLU E 160 -35.26 7.04 26.54
C GLU E 160 -34.49 5.76 26.26
N TYR E 161 -34.29 5.47 24.98
CA TYR E 161 -33.50 4.33 24.52
C TYR E 161 -32.24 4.82 23.82
N ARG E 162 -31.39 3.88 23.45
CA ARG E 162 -30.20 4.21 22.69
C ARG E 162 -29.79 3.01 21.86
N LEU E 163 -28.96 3.28 20.85
CA LEU E 163 -28.46 2.21 19.99
C LEU E 163 -27.55 1.29 20.80
N ILE E 164 -27.44 0.05 20.32
CA ILE E 164 -26.75 -0.97 21.12
C ILE E 164 -25.24 -0.80 21.07
N ASN E 165 -24.72 -0.05 20.11
CA ASN E 165 -23.28 0.04 19.89
C ASN E 165 -22.71 1.43 20.17
N CYS E 166 -23.37 2.23 21.00
CA CYS E 166 -22.82 3.54 21.33
C CYS E 166 -21.66 3.46 22.31
N ASN E 167 -21.58 2.40 23.09
CA ASN E 167 -20.40 2.04 23.89
C ASN E 167 -19.27 1.37 23.10
N THR E 168 -19.54 0.71 21.99
CA THR E 168 -18.54 -0.13 21.35
C THR E 168 -18.29 0.33 19.92
N SER E 169 -18.04 1.63 19.76
CA SER E 169 -17.62 2.25 18.50
C SER E 169 -18.74 2.36 17.48
N ALA E 170 -18.83 3.50 16.81
CA ALA E 170 -19.73 3.69 15.69
C ALA E 170 -19.30 2.79 14.53
N CYS E 171 -20.25 2.49 13.66
CA CYS E 171 -20.01 1.48 12.63
C CYS E 171 -20.88 1.75 11.40
N THR E 172 -20.47 1.19 10.26
CA THR E 172 -20.82 1.71 8.95
C THR E 172 -22.05 1.06 8.32
N GLN E 173 -22.89 1.87 7.69
CA GLN E 173 -24.01 1.37 6.90
C GLN E 173 -23.51 0.63 5.67
N ALA E 174 -24.04 -0.57 5.43
CA ALA E 174 -23.71 -1.31 4.21
C ALA E 174 -24.21 -0.56 3.00
N CYS E 175 -23.38 -0.52 1.96
CA CYS E 175 -23.75 0.21 0.75
C CYS E 175 -25.02 -0.41 0.17
N PRO E 176 -26.03 0.40 -0.16
CA PRO E 176 -27.36 -0.17 -0.46
C PRO E 176 -27.47 -0.86 -1.81
N LYS E 177 -26.60 -0.55 -2.78
CA LYS E 177 -26.72 -1.16 -4.10
C LYS E 177 -26.21 -2.59 -4.12
N VAL E 178 -25.15 -2.89 -3.34
CA VAL E 178 -24.52 -4.20 -3.43
C VAL E 178 -25.45 -5.27 -2.88
N SER E 179 -25.16 -6.52 -3.25
CA SER E 179 -25.93 -7.68 -2.84
C SER E 179 -24.99 -8.72 -2.22
N PHE E 180 -25.53 -9.50 -1.29
CA PHE E 180 -24.75 -10.47 -0.54
C PHE E 180 -24.88 -11.89 -1.09
N GLU E 181 -25.45 -12.07 -2.27
CA GLU E 181 -25.66 -13.40 -2.80
C GLU E 181 -24.33 -14.07 -3.11
N PRO E 182 -24.06 -15.25 -2.55
CA PRO E 182 -22.77 -15.91 -2.80
C PRO E 182 -22.63 -16.38 -4.24
N ILE E 183 -21.38 -16.40 -4.71
CA ILE E 183 -21.06 -16.90 -6.04
C ILE E 183 -19.81 -17.76 -5.97
N PRO E 184 -19.75 -18.81 -6.79
CA PRO E 184 -18.63 -19.76 -6.69
C PRO E 184 -17.29 -19.11 -7.02
N ILE E 185 -16.25 -19.55 -6.31
CA ILE E 185 -14.88 -19.13 -6.57
C ILE E 185 -13.98 -20.35 -6.44
N HIS E 186 -13.10 -20.55 -7.42
CA HIS E 186 -12.15 -21.64 -7.42
C HIS E 186 -10.80 -21.16 -6.91
N TYR E 187 -10.08 -22.03 -6.22
CA TYR E 187 -8.77 -21.73 -5.66
C TYR E 187 -7.72 -22.53 -6.42
N CYS E 188 -6.86 -21.84 -7.16
CA CYS E 188 -5.83 -22.49 -7.96
C CYS E 188 -4.45 -22.18 -7.42
N ALA E 189 -3.57 -23.18 -7.46
CA ALA E 189 -2.19 -23.27 -6.98
C ALA E 189 -1.22 -22.65 -7.99
N PRO E 190 -0.20 -21.95 -7.50
CA PRO E 190 0.76 -21.33 -8.42
C PRO E 190 1.68 -22.37 -9.05
N ALA E 191 2.52 -21.90 -9.95
CA ALA E 191 3.45 -22.77 -10.65
C ALA E 191 4.50 -23.31 -9.68
N GLY E 192 4.80 -24.60 -9.80
CA GLY E 192 5.71 -25.27 -8.90
C GLY E 192 5.03 -26.12 -7.84
N PHE E 193 3.73 -25.94 -7.62
CA PHE E 193 2.96 -26.71 -6.66
C PHE E 193 1.92 -27.56 -7.39
N ALA E 194 1.26 -28.42 -6.62
CA ALA E 194 0.23 -29.29 -7.16
C ALA E 194 -0.86 -29.49 -6.12
N ILE E 195 -2.08 -29.72 -6.60
CA ILE E 195 -3.23 -29.94 -5.74
C ILE E 195 -3.71 -31.36 -5.94
N LEU E 196 -3.78 -32.12 -4.86
CA LEU E 196 -4.24 -33.51 -4.87
C LEU E 196 -5.61 -33.60 -4.22
N LYS E 197 -6.46 -34.44 -4.82
CA LYS E 197 -7.82 -34.64 -4.35
C LYS E 197 -8.07 -36.14 -4.24
N CYS E 198 -8.69 -36.55 -3.13
CA CYS E 198 -8.93 -37.96 -2.85
C CYS E 198 -10.29 -38.36 -3.43
N LYS E 199 -10.27 -39.24 -4.43
CA LYS E 199 -11.50 -39.70 -5.07
C LYS E 199 -11.98 -41.01 -4.44
N ASP E 200 -12.25 -40.94 -3.14
CA ASP E 200 -12.73 -42.08 -2.37
C ASP E 200 -14.18 -41.84 -1.94
N LYS E 201 -14.78 -42.87 -1.35
CA LYS E 201 -16.15 -42.79 -0.88
C LYS E 201 -16.33 -43.16 0.59
N LYS E 202 -15.39 -43.89 1.18
CA LYS E 202 -15.41 -44.23 2.60
C LYS E 202 -14.40 -43.41 3.37
N PHE E 203 -14.25 -42.14 2.98
CA PHE E 203 -13.23 -41.27 3.53
C PHE E 203 -13.79 -40.50 4.72
N ASN E 204 -13.13 -40.64 5.88
CA ASN E 204 -13.57 -39.96 7.09
C ASN E 204 -12.67 -38.79 7.47
N GLY E 205 -11.74 -38.40 6.61
CA GLY E 205 -10.80 -37.35 6.96
C GLY E 205 -9.39 -37.87 7.20
N THR E 206 -8.98 -37.97 8.46
CA THR E 206 -7.64 -38.45 8.77
C THR E 206 -7.44 -39.86 8.24
N GLY E 207 -6.31 -40.10 7.56
CA GLY E 207 -5.99 -41.43 7.11
C GLY E 207 -5.48 -41.46 5.68
N PRO E 208 -5.07 -42.64 5.21
CA PRO E 208 -4.54 -42.76 3.85
C PRO E 208 -5.62 -42.99 2.81
N CYS E 209 -5.40 -42.40 1.63
CA CYS E 209 -6.23 -42.58 0.45
C CYS E 209 -5.49 -43.45 -0.55
N PRO E 210 -6.10 -44.54 -1.03
CA PRO E 210 -5.43 -45.40 -2.00
C PRO E 210 -5.56 -44.95 -3.45
N SER E 211 -6.43 -43.98 -3.75
CA SER E 211 -6.62 -43.49 -5.12
C SER E 211 -6.73 -41.98 -5.09
N VAL E 212 -5.58 -41.31 -5.18
CA VAL E 212 -5.54 -39.86 -5.27
C VAL E 212 -5.58 -39.46 -6.74
N SER E 213 -5.84 -38.18 -6.99
CA SER E 213 -5.80 -37.64 -8.34
C SER E 213 -5.39 -36.18 -8.28
N THR E 214 -4.43 -35.79 -9.10
CA THR E 214 -4.08 -34.38 -9.19
C THR E 214 -5.16 -33.64 -9.98
N VAL E 215 -5.31 -32.35 -9.67
CA VAL E 215 -6.27 -31.51 -10.37
C VAL E 215 -5.67 -30.14 -10.58
N GLN E 216 -6.12 -29.46 -11.63
CA GLN E 216 -5.64 -28.10 -11.89
C GLN E 216 -6.00 -27.18 -10.74
N CYS E 217 -7.27 -27.16 -10.35
CA CYS E 217 -7.69 -26.52 -9.11
C CYS E 217 -9.13 -26.93 -8.77
N THR E 218 -9.54 -26.53 -7.57
CA THR E 218 -10.74 -27.05 -6.93
C THR E 218 -12.01 -26.58 -7.64
N HIS E 219 -13.08 -27.34 -7.42
CA HIS E 219 -14.40 -26.94 -7.89
C HIS E 219 -14.90 -25.74 -7.08
N GLY E 220 -15.81 -24.98 -7.71
CA GLY E 220 -16.32 -23.77 -7.09
C GLY E 220 -17.02 -23.99 -5.77
N ILE E 221 -16.59 -23.27 -4.74
CA ILE E 221 -17.17 -23.37 -3.40
C ILE E 221 -17.77 -22.03 -3.05
N LYS E 222 -19.03 -22.06 -2.59
CA LYS E 222 -19.75 -20.83 -2.25
C LYS E 222 -19.45 -20.41 -0.82
N PRO E 223 -19.17 -19.14 -0.58
CA PRO E 223 -18.91 -18.68 0.80
C PRO E 223 -20.19 -18.37 1.57
N VAL E 224 -21.00 -19.42 1.78
CA VAL E 224 -22.23 -19.27 2.55
C VAL E 224 -21.89 -19.22 4.03
N VAL E 225 -22.77 -18.59 4.81
CA VAL E 225 -22.56 -18.41 6.25
C VAL E 225 -23.79 -18.93 6.98
N SER E 226 -23.58 -19.88 7.89
CA SER E 226 -24.64 -20.43 8.72
C SER E 226 -24.03 -20.79 10.07
N THR E 227 -24.87 -21.26 10.99
CA THR E 227 -24.41 -21.54 12.34
C THR E 227 -24.86 -22.87 12.93
N GLN E 228 -25.93 -23.48 12.42
CA GLN E 228 -26.42 -24.73 13.02
C GLN E 228 -26.78 -25.81 12.02
N LEU E 229 -27.07 -25.46 10.77
CA LEU E 229 -27.40 -26.44 9.73
C LEU E 229 -26.68 -26.01 8.47
N LEU E 230 -25.70 -26.80 8.03
CA LEU E 230 -24.94 -26.44 6.85
C LEU E 230 -25.85 -26.34 5.64
N LEU E 231 -26.03 -25.11 5.16
CA LEU E 231 -26.90 -24.80 4.04
C LEU E 231 -26.21 -25.12 2.72
N ASN E 232 -26.67 -24.46 1.66
CA ASN E 232 -26.42 -24.75 0.25
C ASN E 232 -25.01 -25.29 0.08
N GLY E 233 -24.89 -26.51 -0.43
CA GLY E 233 -23.60 -27.15 -0.41
C GLY E 233 -23.54 -28.45 -1.19
N SER E 234 -22.55 -29.26 -0.84
CA SER E 234 -22.21 -30.47 -1.58
C SER E 234 -22.60 -31.72 -0.82
N LEU E 235 -23.30 -32.62 -1.50
CA LEU E 235 -23.73 -33.87 -0.90
C LEU E 235 -22.57 -34.87 -0.85
N ALA E 236 -22.78 -35.93 -0.08
CA ALA E 236 -21.85 -37.05 -0.01
C ALA E 236 -22.53 -38.29 -0.54
N GLU E 237 -21.81 -39.06 -1.36
CA GLU E 237 -22.35 -40.26 -1.96
C GLU E 237 -22.43 -41.38 -0.91
N GLU E 238 -22.95 -42.53 -1.35
CA GLU E 238 -23.13 -43.70 -0.49
C GLU E 238 -24.07 -43.39 0.67
N GLU E 239 -23.51 -43.22 1.87
CA GLU E 239 -24.30 -42.97 3.07
C GLU E 239 -23.78 -41.72 3.78
N VAL E 240 -24.52 -41.29 4.80
CA VAL E 240 -24.13 -40.11 5.56
C VAL E 240 -22.83 -40.39 6.30
N MET E 241 -21.92 -39.42 6.27
CA MET E 241 -20.59 -39.58 6.83
C MET E 241 -20.43 -38.75 8.10
N ILE E 242 -19.82 -39.36 9.11
CA ILE E 242 -19.60 -38.74 10.41
C ILE E 242 -18.10 -38.47 10.53
N ARG E 243 -17.74 -37.20 10.69
CA ARG E 243 -16.34 -36.80 10.78
C ARG E 243 -16.08 -36.03 12.07
N SER E 244 -14.96 -36.35 12.72
CA SER E 244 -14.55 -35.63 13.91
C SER E 244 -13.06 -35.85 14.15
N GLU E 245 -12.40 -34.83 14.69
CA GLU E 245 -10.97 -34.94 14.98
C GLU E 245 -10.68 -35.98 16.05
N ASN E 246 -11.43 -35.92 17.15
CA ASN E 246 -11.26 -36.81 18.31
C ASN E 246 -12.66 -37.12 18.83
N ILE E 247 -13.27 -38.18 18.29
CA ILE E 247 -14.59 -38.53 18.78
C ILE E 247 -14.40 -39.51 19.94
N THR E 248 -13.98 -38.97 21.07
CA THR E 248 -14.13 -39.63 22.37
C THR E 248 -14.42 -38.66 23.50
N ASN E 249 -14.12 -37.37 23.33
CA ASN E 249 -14.29 -36.38 24.39
C ASN E 249 -15.28 -35.33 23.94
N ASN E 250 -15.99 -34.76 24.91
CA ASN E 250 -17.06 -33.80 24.64
C ASN E 250 -16.51 -32.37 24.54
N ALA E 251 -15.54 -32.21 23.64
CA ALA E 251 -14.96 -30.89 23.39
C ALA E 251 -14.72 -30.61 21.92
N LYS E 252 -15.18 -31.48 21.03
CA LYS E 252 -14.97 -31.31 19.59
C LYS E 252 -16.27 -31.55 18.84
N ASN E 253 -16.38 -30.95 17.67
CA ASN E 253 -17.59 -31.04 16.87
C ASN E 253 -17.65 -32.38 16.12
N ILE E 254 -18.86 -32.75 15.74
CA ILE E 254 -19.15 -34.07 15.17
C ILE E 254 -19.79 -33.91 13.79
N LEU E 255 -19.29 -32.95 13.00
CA LEU E 255 -19.82 -32.59 11.69
C LEU E 255 -20.42 -33.77 10.91
N VAL E 256 -21.66 -33.60 10.45
CA VAL E 256 -22.40 -34.64 9.74
C VAL E 256 -22.67 -34.13 8.33
N GLN E 257 -22.55 -35.01 7.35
CA GLN E 257 -22.85 -34.68 5.96
C GLN E 257 -23.97 -35.58 5.46
N PHE E 258 -25.02 -34.96 4.91
CA PHE E 258 -26.20 -35.70 4.50
C PHE E 258 -25.97 -36.41 3.17
N ASN E 259 -26.86 -37.35 2.87
CA ASN E 259 -26.85 -38.08 1.61
C ASN E 259 -27.92 -37.59 0.65
N THR E 260 -29.06 -37.14 1.17
CA THR E 260 -30.11 -36.49 0.40
C THR E 260 -30.47 -35.16 1.06
N PRO E 261 -30.63 -34.09 0.29
CA PRO E 261 -30.87 -32.77 0.90
C PRO E 261 -32.27 -32.67 1.46
N VAL E 262 -32.44 -31.73 2.38
CA VAL E 262 -33.75 -31.42 2.93
C VAL E 262 -34.11 -29.99 2.52
N GLN E 263 -35.21 -29.84 1.79
CA GLN E 263 -35.60 -28.53 1.31
C GLN E 263 -36.26 -27.72 2.43
N ILE E 264 -35.82 -26.48 2.60
CA ILE E 264 -36.36 -25.60 3.63
C ILE E 264 -36.82 -24.30 2.94
N ASN E 265 -38.08 -23.96 3.14
CA ASN E 265 -38.59 -22.69 2.66
C ASN E 265 -38.60 -21.69 3.80
N CYS E 266 -38.60 -20.40 3.47
CA CYS E 266 -39.08 -19.42 4.45
C CYS E 266 -39.22 -18.01 3.91
N THR E 267 -40.08 -17.27 4.62
CA THR E 267 -40.55 -15.96 4.16
C THR E 267 -40.60 -14.99 5.32
N ARG E 268 -40.51 -13.71 4.96
CA ARG E 268 -40.85 -12.59 5.84
C ARG E 268 -42.07 -11.89 5.27
N PRO E 269 -43.25 -12.00 5.90
CA PRO E 269 -44.48 -11.51 5.26
C PRO E 269 -44.72 -10.02 5.39
N ASN E 270 -43.95 -9.30 6.19
CA ASN E 270 -44.19 -7.87 6.38
C ASN E 270 -43.90 -7.10 5.11
N ASN E 271 -44.77 -6.14 4.80
CA ASN E 271 -44.60 -5.26 3.64
C ASN E 271 -43.90 -3.98 4.10
N ASN E 272 -42.62 -3.86 3.77
CA ASN E 272 -41.79 -2.78 4.28
C ASN E 272 -41.63 -1.68 3.24
N THR E 273 -41.60 -0.45 3.72
CA THR E 273 -41.28 0.72 2.91
C THR E 273 -40.09 1.43 3.51
N ARG E 274 -39.20 1.93 2.66
CA ARG E 274 -37.96 2.56 3.11
C ARG E 274 -37.95 4.03 2.70
N LYS E 275 -37.61 4.90 3.65
CA LYS E 275 -37.47 6.32 3.40
C LYS E 275 -36.04 6.75 3.70
N SER E 276 -35.51 7.66 2.87
CA SER E 276 -34.13 8.11 2.98
C SER E 276 -34.07 9.52 3.53
N ILE E 277 -33.14 9.74 4.46
CA ILE E 277 -32.89 11.06 5.02
C ILE E 277 -31.43 11.40 4.80
N ARG E 278 -31.11 12.69 4.94
CA ARG E 278 -29.77 13.20 4.70
C ARG E 278 -29.15 13.65 6.02
N ILE E 279 -27.93 13.19 6.29
CA ILE E 279 -27.23 13.49 7.53
C ILE E 279 -25.93 14.25 7.31
N GLY E 280 -25.65 14.69 6.08
CA GLY E 280 -24.44 15.41 5.81
C GLY E 280 -24.26 15.72 4.33
N PRO E 281 -23.06 16.16 3.95
CA PRO E 281 -22.78 16.49 2.54
C PRO E 281 -22.57 15.25 1.69
N GLY E 282 -23.67 14.65 1.24
CA GLY E 282 -23.60 13.49 0.37
C GLY E 282 -23.65 12.18 1.11
N GLN E 283 -24.49 12.09 2.14
CA GLN E 283 -24.65 10.86 2.91
C GLN E 283 -26.13 10.65 3.16
N ALA E 284 -26.52 9.38 3.29
CA ALA E 284 -27.92 9.00 3.45
C ALA E 284 -28.06 7.97 4.56
N PHE E 285 -29.23 7.93 5.19
CA PHE E 285 -29.49 6.93 6.25
C PHE E 285 -30.73 6.08 5.93
N TYR E 286 -30.76 5.36 4.83
CA TYR E 286 -31.96 4.62 4.44
C TYR E 286 -32.57 4.03 5.70
N ALA E 287 -33.74 4.48 6.15
CA ALA E 287 -34.33 4.05 7.43
C ALA E 287 -35.72 3.51 7.23
N THR E 288 -36.18 2.54 8.02
CA THR E 288 -37.52 1.92 7.78
C THR E 288 -38.58 2.96 8.01
N GLY E 289 -39.82 2.70 7.69
CA GLY E 289 -40.76 3.80 7.90
C GLY E 289 -42.23 3.55 7.60
N ASP E 290 -42.84 2.46 8.06
CA ASP E 290 -44.32 2.23 8.02
C ASP E 290 -44.70 0.93 7.33
N ILE E 291 -44.89 -0.13 8.10
CA ILE E 291 -45.34 -1.43 7.56
C ILE E 291 -46.79 -1.26 7.13
N ILE E 292 -47.18 -1.80 5.97
CA ILE E 292 -48.57 -1.70 5.43
C ILE E 292 -49.38 -2.97 5.72
N GLY E 293 -50.61 -2.87 6.25
CA GLY E 293 -51.45 -4.00 6.60
C GLY E 293 -51.09 -4.60 7.94
N ASP E 294 -51.45 -5.87 8.09
CA ASP E 294 -51.17 -6.59 9.32
C ASP E 294 -49.67 -6.85 9.47
N ILE E 295 -49.26 -7.08 10.72
CA ILE E 295 -47.86 -7.36 11.04
C ILE E 295 -47.78 -8.80 11.56
N ARG E 296 -46.95 -9.61 10.90
CA ARG E 296 -46.78 -11.01 11.28
C ARG E 296 -45.30 -11.34 11.26
N GLN E 297 -44.93 -12.36 12.04
CA GLN E 297 -43.53 -12.72 12.19
C GLN E 297 -43.06 -13.63 11.06
N ALA E 298 -41.82 -13.46 10.65
CA ALA E 298 -41.23 -14.29 9.61
C ALA E 298 -41.06 -15.73 10.10
N HIS E 299 -41.05 -16.67 9.18
CA HIS E 299 -40.95 -18.06 9.61
C HIS E 299 -40.43 -18.94 8.49
N CYS E 300 -39.85 -20.08 8.90
CA CYS E 300 -39.34 -21.11 8.01
C CYS E 300 -40.11 -22.41 8.16
N ASN E 301 -40.12 -23.19 7.08
CA ASN E 301 -40.88 -24.43 6.97
C ASN E 301 -39.96 -25.54 6.49
N VAL E 302 -40.03 -26.69 7.15
CA VAL E 302 -39.43 -27.94 6.69
C VAL E 302 -40.48 -29.03 6.80
N SER E 303 -40.32 -30.08 5.99
CA SER E 303 -41.25 -31.19 6.04
C SER E 303 -41.02 -32.02 7.30
N LYS E 304 -41.95 -32.94 7.56
CA LYS E 304 -41.89 -33.78 8.74
C LYS E 304 -41.43 -35.20 8.46
N ALA E 305 -41.80 -35.77 7.32
CA ALA E 305 -41.38 -37.13 6.99
C ALA E 305 -39.91 -37.16 6.57
N THR E 306 -39.49 -36.20 5.75
CA THR E 306 -38.11 -36.17 5.28
C THR E 306 -37.14 -35.98 6.44
N TRP E 307 -37.45 -35.06 7.36
CA TRP E 307 -36.60 -34.86 8.52
C TRP E 307 -36.53 -36.11 9.38
N ASN E 308 -37.67 -36.79 9.56
CA ASN E 308 -37.67 -38.03 10.33
C ASN E 308 -36.77 -39.09 9.70
N GLU E 309 -36.86 -39.25 8.38
CA GLU E 309 -36.01 -40.23 7.70
C GLU E 309 -34.54 -39.86 7.83
N THR E 310 -34.21 -38.58 7.67
CA THR E 310 -32.82 -38.16 7.76
C THR E 310 -32.27 -38.37 9.16
N LEU E 311 -33.07 -38.07 10.20
CA LEU E 311 -32.63 -38.31 11.57
C LEU E 311 -32.46 -39.80 11.83
N GLY E 312 -33.34 -40.63 11.27
CA GLY E 312 -33.15 -42.08 11.41
C GLY E 312 -31.85 -42.55 10.80
N LYS E 313 -31.52 -42.07 9.60
CA LYS E 313 -30.24 -42.41 8.99
C LYS E 313 -29.07 -41.94 9.84
N VAL E 314 -29.17 -40.72 10.37
CA VAL E 314 -28.08 -40.16 11.16
C VAL E 314 -27.84 -40.99 12.42
N VAL E 315 -28.91 -41.37 13.12
CA VAL E 315 -28.73 -42.16 14.33
C VAL E 315 -28.22 -43.56 14.00
N LYS E 316 -28.69 -44.14 12.89
CA LYS E 316 -28.21 -45.46 12.50
C LYS E 316 -26.70 -45.43 12.24
N GLN E 317 -26.21 -44.38 11.58
CA GLN E 317 -24.77 -44.28 11.35
C GLN E 317 -24.01 -43.86 12.61
N LEU E 318 -24.65 -43.15 13.52
CA LEU E 318 -23.98 -42.72 14.74
C LEU E 318 -23.81 -43.87 15.73
N ARG E 319 -24.68 -44.88 15.65
CA ARG E 319 -24.60 -45.98 16.60
C ARG E 319 -23.36 -46.85 16.42
N LYS E 320 -22.61 -46.67 15.33
CA LYS E 320 -21.41 -47.49 15.11
C LYS E 320 -20.27 -47.13 16.05
N HIS E 321 -20.33 -45.99 16.74
CA HIS E 321 -19.26 -45.55 17.62
C HIS E 321 -19.55 -45.76 19.09
N PHE E 322 -20.78 -45.51 19.54
CA PHE E 322 -21.14 -45.50 20.95
C PHE E 322 -22.01 -46.70 21.32
N GLY E 323 -21.71 -47.87 20.76
CA GLY E 323 -22.43 -49.07 21.08
C GLY E 323 -23.73 -49.22 20.30
N ASN E 324 -24.22 -50.45 20.28
CA ASN E 324 -25.42 -50.80 19.52
C ASN E 324 -26.66 -50.94 20.40
N ASN E 325 -26.58 -50.56 21.68
CA ASN E 325 -27.71 -50.69 22.58
C ASN E 325 -27.85 -49.47 23.48
N THR E 326 -27.48 -48.29 22.99
CA THR E 326 -27.52 -47.07 23.76
C THR E 326 -28.60 -46.13 23.21
N ILE E 327 -29.39 -45.56 24.12
CA ILE E 327 -30.42 -44.61 23.72
C ILE E 327 -29.76 -43.31 23.25
N ILE E 328 -30.16 -42.84 22.08
CA ILE E 328 -29.62 -41.62 21.50
C ILE E 328 -30.70 -40.55 21.57
N ARG E 329 -30.45 -39.49 22.34
CA ARG E 329 -31.45 -38.47 22.60
C ARG E 329 -30.95 -37.12 22.10
N PHE E 330 -31.77 -36.43 21.32
CA PHE E 330 -31.44 -35.11 20.84
C PHE E 330 -32.09 -34.05 21.72
N ALA E 331 -31.43 -32.90 21.85
CA ALA E 331 -31.93 -31.84 22.70
C ALA E 331 -31.57 -30.48 22.11
N ASN E 332 -32.36 -29.48 22.46
CA ASN E 332 -32.18 -28.12 21.96
C ASN E 332 -31.27 -27.31 22.86
N SER E 333 -30.64 -26.30 22.28
CA SER E 333 -29.64 -25.52 23.00
C SER E 333 -30.31 -24.69 24.09
N SER E 334 -29.49 -24.23 25.04
CA SER E 334 -29.99 -23.61 26.27
C SER E 334 -29.30 -22.26 26.47
N GLY E 335 -30.06 -21.17 26.32
CA GLY E 335 -29.60 -19.83 26.61
C GLY E 335 -28.37 -19.40 25.83
N GLY E 336 -27.86 -18.24 26.22
CA GLY E 336 -26.64 -17.70 25.64
C GLY E 336 -26.93 -16.73 24.50
N ASP E 337 -25.87 -16.46 23.74
CA ASP E 337 -25.95 -15.52 22.64
C ASP E 337 -26.86 -16.07 21.54
N LEU E 338 -27.46 -15.16 20.78
CA LEU E 338 -28.42 -15.54 19.74
C LEU E 338 -27.75 -16.03 18.46
N GLU E 339 -26.45 -15.82 18.30
CA GLU E 339 -25.75 -16.17 17.07
C GLU E 339 -25.21 -17.59 17.08
N VAL E 340 -25.13 -18.24 18.23
CA VAL E 340 -24.70 -19.62 18.32
C VAL E 340 -25.76 -20.55 18.88
N THR E 341 -26.89 -20.01 19.32
CA THR E 341 -27.96 -20.82 19.89
C THR E 341 -29.02 -21.17 18.85
N THR E 342 -29.31 -20.27 17.93
CA THR E 342 -30.37 -20.47 16.94
C THR E 342 -29.81 -20.32 15.53
N HIS E 343 -30.48 -20.98 14.59
CA HIS E 343 -30.08 -20.95 13.19
C HIS E 343 -30.01 -19.52 12.69
N SER E 344 -28.93 -19.19 11.98
CA SER E 344 -28.55 -17.80 11.71
C SER E 344 -28.19 -17.60 10.25
N PHE E 345 -29.02 -18.07 9.33
CA PHE E 345 -28.72 -17.95 7.91
C PHE E 345 -28.92 -16.51 7.46
N ASN E 346 -28.90 -16.29 6.14
CA ASN E 346 -29.01 -14.95 5.58
C ASN E 346 -29.56 -15.08 4.16
N CYS E 347 -30.79 -14.63 3.95
CA CYS E 347 -31.40 -14.67 2.63
C CYS E 347 -32.09 -13.35 2.34
N GLY E 348 -31.92 -12.85 1.12
CA GLY E 348 -32.59 -11.65 0.69
C GLY E 348 -32.02 -10.35 1.21
N GLY E 349 -30.87 -10.39 1.87
CA GLY E 349 -30.29 -9.20 2.46
C GLY E 349 -30.73 -8.92 3.89
N GLU E 350 -31.62 -9.74 4.45
CA GLU E 350 -32.05 -9.63 5.83
C GLU E 350 -31.57 -10.85 6.61
N PHE E 351 -31.07 -10.61 7.81
CA PHE E 351 -30.42 -11.66 8.61
C PHE E 351 -31.42 -12.27 9.58
N PHE E 352 -31.77 -13.53 9.34
CA PHE E 352 -32.73 -14.24 10.17
C PHE E 352 -32.02 -14.94 11.32
N TYR E 353 -32.77 -15.19 12.39
CA TYR E 353 -32.24 -15.86 13.58
C TYR E 353 -33.24 -16.91 14.06
N CYS E 354 -33.68 -17.78 13.14
CA CYS E 354 -34.81 -18.65 13.39
C CYS E 354 -34.57 -19.61 14.56
N ASN E 355 -35.57 -19.71 15.43
CA ASN E 355 -35.59 -20.70 16.49
C ASN E 355 -35.58 -22.10 15.88
N THR E 356 -34.89 -23.03 16.54
CA THR E 356 -34.77 -24.37 15.99
C THR E 356 -34.97 -25.45 17.06
N SER E 357 -35.89 -25.23 17.99
CA SER E 357 -36.13 -26.20 19.04
C SER E 357 -37.14 -27.27 18.65
N GLY E 358 -37.82 -27.13 17.52
CA GLY E 358 -38.76 -28.14 17.07
C GLY E 358 -38.16 -29.27 16.27
N LEU E 359 -36.90 -29.13 15.87
CA LEU E 359 -36.23 -30.14 15.06
C LEU E 359 -35.54 -31.19 15.92
N PHE E 360 -34.64 -30.75 16.81
CA PHE E 360 -33.88 -31.65 17.66
C PHE E 360 -34.60 -31.82 19.00
N ASN E 361 -35.69 -32.59 18.99
CA ASN E 361 -36.32 -32.89 20.28
C ASN E 361 -37.01 -34.26 20.12
N SER E 362 -36.25 -35.31 20.47
CA SER E 362 -36.65 -36.69 20.19
C SER E 362 -35.67 -37.62 20.90
N THR E 363 -36.06 -38.89 21.00
CA THR E 363 -35.23 -39.93 21.60
C THR E 363 -35.42 -41.23 20.82
N TRP E 364 -34.31 -41.93 20.60
CA TRP E 364 -34.29 -43.17 19.83
C TRP E 364 -33.75 -44.30 20.70
N ILE E 365 -34.53 -45.38 20.80
CA ILE E 365 -34.16 -46.56 21.57
C ILE E 365 -33.68 -47.63 20.60
N SER E 366 -32.94 -48.61 21.14
CA SER E 366 -32.33 -49.63 20.29
C SER E 366 -33.39 -50.47 19.58
N ASN E 367 -34.44 -50.87 20.30
CA ASN E 367 -35.49 -51.70 19.72
C ASN E 367 -36.80 -50.92 19.60
N ASN E 379 -48.65 -34.95 4.45
CA ASN E 379 -47.86 -33.73 4.46
C ASN E 379 -48.06 -32.96 5.77
N ASP E 380 -46.97 -32.37 6.26
CA ASP E 380 -47.01 -31.59 7.49
C ASP E 380 -45.88 -30.57 7.44
N SER E 381 -45.67 -29.88 8.56
CA SER E 381 -44.62 -28.88 8.64
C SER E 381 -44.17 -28.72 10.08
N ILE E 382 -42.96 -28.19 10.25
CA ILE E 382 -42.35 -27.99 11.55
C ILE E 382 -42.04 -26.51 11.71
N THR E 383 -42.93 -25.65 11.21
CA THR E 383 -42.74 -24.20 11.15
C THR E 383 -42.04 -23.65 12.38
N LEU E 384 -40.99 -22.87 12.15
CA LEU E 384 -40.12 -22.34 13.18
C LEU E 384 -40.23 -20.83 13.26
N PRO E 385 -40.44 -20.24 14.43
CA PRO E 385 -40.43 -18.79 14.54
C PRO E 385 -39.04 -18.22 14.30
N CYS E 386 -39.00 -16.97 13.86
CA CYS E 386 -37.74 -16.30 13.55
C CYS E 386 -37.80 -14.86 14.04
N ARG E 387 -36.61 -14.27 14.18
CA ARG E 387 -36.45 -12.87 14.51
C ARG E 387 -35.41 -12.27 13.57
N ILE E 388 -35.49 -10.95 13.38
CA ILE E 388 -34.62 -10.25 12.44
C ILE E 388 -33.81 -9.22 13.21
N LYS E 389 -32.52 -9.14 12.92
CA LYS E 389 -31.62 -8.18 13.51
C LYS E 389 -31.04 -7.28 12.42
N GLN E 390 -30.71 -6.04 12.79
CA GLN E 390 -30.19 -5.07 11.85
C GLN E 390 -28.72 -4.72 12.08
N ILE E 391 -28.28 -4.67 13.33
CA ILE E 391 -26.90 -4.35 13.66
C ILE E 391 -26.20 -5.65 14.05
N ILE E 392 -25.21 -6.07 13.27
CA ILE E 392 -24.52 -7.33 13.49
C ILE E 392 -23.02 -7.13 13.34
N ASN E 393 -22.28 -8.13 13.81
CA ASN E 393 -20.81 -8.13 13.78
C ASN E 393 -20.37 -9.44 13.14
N MET E 394 -20.29 -9.46 11.82
CA MET E 394 -19.85 -10.65 11.10
C MET E 394 -18.35 -10.59 10.87
N TRP E 395 -17.75 -11.76 10.63
CA TRP E 395 -16.30 -11.92 10.63
C TRP E 395 -15.74 -11.44 11.97
N GLN E 396 -16.11 -12.19 13.01
CA GLN E 396 -16.07 -11.73 14.40
C GLN E 396 -14.80 -10.96 14.72
N ARG E 397 -15.00 -9.69 15.07
CA ARG E 397 -13.90 -8.76 15.34
C ARG E 397 -14.39 -7.73 16.34
N ILE E 398 -13.45 -7.08 17.01
CA ILE E 398 -13.76 -6.12 18.06
C ILE E 398 -13.73 -4.71 17.47
N GLY E 399 -14.82 -3.98 17.64
CA GLY E 399 -14.88 -2.59 17.24
C GLY E 399 -15.44 -2.31 15.86
N GLN E 400 -16.26 -3.22 15.32
CA GLN E 400 -16.83 -3.02 13.99
C GLN E 400 -18.23 -3.64 13.93
N CYS E 401 -19.12 -2.99 13.19
CA CYS E 401 -20.42 -3.55 12.89
C CYS E 401 -20.65 -3.48 11.39
N MET E 402 -21.89 -3.72 10.97
CA MET E 402 -22.38 -3.23 9.69
C MET E 402 -23.90 -3.12 9.75
N TYR E 403 -24.43 -1.92 9.55
CA TYR E 403 -25.86 -1.67 9.58
C TYR E 403 -26.46 -2.06 8.24
N ALA E 404 -27.40 -3.00 8.27
CA ALA E 404 -28.02 -3.50 7.04
C ALA E 404 -29.27 -2.69 6.72
N PRO E 405 -29.30 -1.98 5.58
CA PRO E 405 -30.47 -1.16 5.28
C PRO E 405 -31.68 -2.03 5.02
N PRO E 406 -32.89 -1.49 5.20
CA PRO E 406 -34.10 -2.30 5.00
C PRO E 406 -34.30 -2.68 3.55
N ILE E 407 -35.15 -3.68 3.35
CA ILE E 407 -35.46 -4.21 2.03
C ILE E 407 -36.97 -4.08 1.80
N GLN E 408 -37.34 -3.51 0.67
CA GLN E 408 -38.75 -3.30 0.35
C GLN E 408 -39.39 -4.60 -0.13
N GLY E 409 -40.67 -4.75 0.20
CA GLY E 409 -41.44 -5.90 -0.23
C GLY E 409 -41.22 -7.12 0.65
N VAL E 410 -41.91 -8.20 0.29
CA VAL E 410 -41.80 -9.47 0.99
C VAL E 410 -40.65 -10.25 0.38
N ILE E 411 -39.99 -11.07 1.20
CA ILE E 411 -38.83 -11.85 0.76
C ILE E 411 -39.06 -13.31 1.08
N ARG E 412 -38.77 -14.17 0.10
CA ARG E 412 -38.86 -15.61 0.22
C ARG E 412 -37.55 -16.24 -0.23
N CYS E 413 -37.17 -17.35 0.42
CA CYS E 413 -35.95 -18.05 0.05
C CYS E 413 -36.16 -19.54 0.23
N VAL E 414 -35.62 -20.31 -0.72
CA VAL E 414 -35.65 -21.77 -0.70
C VAL E 414 -34.21 -22.25 -0.65
N SER E 415 -33.92 -23.17 0.27
CA SER E 415 -32.55 -23.59 0.48
C SER E 415 -32.47 -25.10 0.69
N ASN E 416 -31.28 -25.64 0.45
CA ASN E 416 -30.95 -27.02 0.78
C ASN E 416 -30.39 -27.09 2.19
N ILE E 417 -30.66 -28.21 2.86
CA ILE E 417 -30.04 -28.55 4.14
C ILE E 417 -29.26 -29.83 3.91
N THR E 418 -27.93 -29.73 4.06
CA THR E 418 -27.00 -30.81 3.72
C THR E 418 -25.92 -30.95 4.78
N GLY E 419 -26.26 -30.82 6.05
CA GLY E 419 -25.23 -30.96 7.06
C GLY E 419 -25.74 -30.64 8.45
N LEU E 420 -24.86 -30.90 9.42
CA LEU E 420 -25.13 -30.64 10.83
C LEU E 420 -23.80 -30.42 11.55
N ILE E 421 -23.87 -29.69 12.66
CA ILE E 421 -22.67 -29.40 13.46
C ILE E 421 -22.89 -29.90 14.88
N LEU E 422 -23.56 -31.05 15.01
CA LEU E 422 -23.86 -31.64 16.31
C LEU E 422 -22.66 -31.63 17.24
N THR E 423 -22.93 -31.55 18.54
CA THR E 423 -21.90 -31.53 19.57
C THR E 423 -22.38 -32.35 20.75
N ARG E 424 -21.53 -33.26 21.23
CA ARG E 424 -21.92 -34.17 22.29
C ARG E 424 -22.08 -33.42 23.62
N ASP E 425 -22.75 -34.08 24.57
CA ASP E 425 -23.04 -33.50 25.87
C ASP E 425 -22.13 -34.10 26.94
N GLY E 426 -22.11 -35.42 27.07
CA GLY E 426 -21.18 -36.09 27.95
C GLY E 426 -21.49 -35.92 29.42
N GLY E 427 -20.51 -36.27 30.24
CA GLY E 427 -20.61 -36.13 31.67
C GLY E 427 -21.33 -37.25 32.38
N SER E 428 -21.87 -38.23 31.65
CA SER E 428 -22.55 -39.35 32.29
C SER E 428 -21.58 -40.33 32.92
N THR E 429 -20.32 -40.36 32.45
CA THR E 429 -19.26 -41.20 32.99
C THR E 429 -19.59 -42.69 32.83
N ASN E 430 -20.57 -43.17 33.60
CA ASN E 430 -20.98 -44.58 33.55
C ASN E 430 -22.49 -44.61 33.39
N SER E 431 -22.95 -44.54 32.14
CA SER E 431 -24.37 -44.57 31.79
C SER E 431 -24.47 -44.71 30.28
N THR E 432 -25.67 -45.03 29.81
CA THR E 432 -25.96 -45.12 28.38
C THR E 432 -27.15 -44.22 28.09
N THR E 433 -26.87 -42.91 27.92
CA THR E 433 -27.91 -41.95 27.56
C THR E 433 -27.36 -40.86 26.65
N GLU E 434 -26.41 -41.19 25.76
CA GLU E 434 -25.69 -40.20 24.98
C GLU E 434 -26.62 -39.18 24.34
N THR E 435 -26.45 -37.92 24.73
CA THR E 435 -27.32 -36.83 24.32
C THR E 435 -26.56 -35.87 23.43
N PHE E 436 -27.20 -35.45 22.34
CA PHE E 436 -26.59 -34.56 21.37
C PHE E 436 -27.38 -33.26 21.26
N ARG E 437 -26.67 -32.14 21.27
CA ARG E 437 -27.27 -30.82 21.08
C ARG E 437 -26.53 -30.09 19.97
N PRO E 438 -27.23 -29.30 19.18
CA PRO E 438 -26.55 -28.57 18.09
C PRO E 438 -25.74 -27.41 18.64
N GLY E 439 -24.77 -26.99 17.83
CA GLY E 439 -23.91 -25.89 18.20
C GLY E 439 -22.93 -25.49 17.11
N GLY E 440 -22.80 -24.19 16.86
CA GLY E 440 -21.87 -23.71 15.87
C GLY E 440 -20.76 -22.89 16.46
N GLY E 441 -20.82 -21.57 16.30
CA GLY E 441 -19.80 -20.70 16.85
C GLY E 441 -18.80 -20.25 15.82
N ASP E 442 -17.60 -20.85 15.86
CA ASP E 442 -16.56 -20.50 14.90
C ASP E 442 -16.98 -20.83 13.48
N MET E 443 -16.61 -19.97 12.55
CA MET E 443 -16.98 -20.13 11.14
C MET E 443 -15.94 -20.88 10.34
N ARG E 444 -14.81 -21.27 10.96
CA ARG E 444 -13.83 -22.08 10.25
C ARG E 444 -14.38 -23.46 9.93
N ASP E 445 -15.16 -24.03 10.85
CA ASP E 445 -15.76 -25.35 10.62
C ASP E 445 -16.82 -25.32 9.53
N ASN E 446 -17.28 -24.14 9.10
CA ASN E 446 -18.17 -24.05 7.96
C ASN E 446 -17.44 -24.27 6.65
N TRP E 447 -16.14 -23.97 6.61
CA TRP E 447 -15.34 -24.16 5.40
C TRP E 447 -14.51 -25.43 5.43
N ARG E 448 -14.31 -26.04 6.59
CA ARG E 448 -13.66 -27.33 6.67
C ARG E 448 -14.53 -28.46 6.11
N SER E 449 -15.80 -28.18 5.84
CA SER E 449 -16.70 -29.17 5.27
C SER E 449 -16.67 -29.21 3.76
N GLU E 450 -15.94 -28.31 3.11
CA GLU E 450 -15.79 -28.29 1.67
C GLU E 450 -14.40 -28.68 1.20
N LEU E 451 -13.35 -28.15 1.84
CA LEU E 451 -11.98 -28.52 1.52
C LEU E 451 -11.48 -29.65 2.39
N TYR E 452 -12.23 -30.75 2.44
CA TYR E 452 -11.81 -31.92 3.20
C TYR E 452 -11.17 -32.99 2.34
N LYS E 453 -11.15 -32.83 1.01
CA LYS E 453 -10.42 -33.71 0.11
C LYS E 453 -9.57 -32.84 -0.83
N TYR E 454 -8.44 -32.36 -0.31
CA TYR E 454 -7.54 -31.47 -1.04
C TYR E 454 -6.26 -31.33 -0.24
N LYS E 455 -5.13 -31.28 -0.92
CA LYS E 455 -3.88 -30.95 -0.26
C LYS E 455 -2.93 -30.35 -1.28
N VAL E 456 -2.05 -29.48 -0.79
CA VAL E 456 -1.09 -28.77 -1.63
C VAL E 456 0.28 -29.37 -1.39
N VAL E 457 0.95 -29.77 -2.47
CA VAL E 457 2.27 -30.37 -2.39
C VAL E 457 3.23 -29.58 -3.25
N LYS E 458 4.51 -29.58 -2.87
CA LYS E 458 5.57 -28.90 -3.59
C LYS E 458 6.52 -29.95 -4.15
N ILE E 459 6.74 -29.91 -5.46
CA ILE E 459 7.54 -30.94 -6.13
C ILE E 459 8.99 -30.51 -6.18
N GLU E 460 9.89 -31.44 -5.85
CA GLU E 460 11.33 -31.24 -5.97
C GLU E 460 11.87 -32.12 -7.09
N PRO E 461 12.41 -31.52 -8.15
CA PRO E 461 12.73 -32.29 -9.37
C PRO E 461 14.14 -32.85 -9.45
N LEU E 462 14.91 -32.85 -8.39
CA LEU E 462 16.28 -33.37 -8.41
C LEU E 462 16.34 -34.76 -7.80
N GLY E 463 17.11 -35.64 -8.42
CA GLY E 463 17.29 -36.98 -7.89
C GLY E 463 18.66 -37.54 -8.23
N VAL E 464 19.09 -38.51 -7.42
CA VAL E 464 20.39 -39.14 -7.57
C VAL E 464 20.18 -40.66 -7.55
N ALA E 465 20.73 -41.34 -8.55
CA ALA E 465 20.55 -42.78 -8.66
C ALA E 465 21.85 -43.43 -9.13
N PRO E 466 22.05 -44.70 -8.80
CA PRO E 466 23.26 -45.40 -9.28
C PRO E 466 23.05 -46.11 -10.60
N THR E 467 24.04 -46.02 -11.47
CA THR E 467 23.98 -46.70 -12.77
C THR E 467 25.39 -46.93 -13.28
N ARG E 468 25.50 -47.72 -14.34
CA ARG E 468 26.78 -48.10 -14.93
C ARG E 468 27.09 -47.18 -16.10
N CYS E 469 27.63 -46.00 -15.78
CA CYS E 469 28.05 -45.05 -16.79
C CYS E 469 29.04 -44.08 -16.15
N LYS E 470 30.04 -43.65 -16.94
CA LYS E 470 31.07 -42.76 -16.47
C LYS E 470 31.27 -41.63 -17.47
N ARG E 471 31.36 -40.41 -16.97
CA ARG E 471 31.63 -39.26 -17.83
C ARG E 471 33.04 -39.36 -18.38
N ARG E 472 33.16 -39.55 -19.69
CA ARG E 472 34.47 -39.73 -20.31
C ARG E 472 35.27 -38.43 -20.24
N VAL E 473 36.58 -38.57 -20.06
CA VAL E 473 37.46 -37.42 -19.97
C VAL E 473 38.29 -37.29 -21.25
N PHE F 8 -1.15 -37.68 -23.86
CA PHE F 8 -0.36 -38.77 -23.31
C PHE F 8 -0.49 -38.82 -21.80
N LEU F 9 0.61 -38.56 -21.09
CA LEU F 9 0.62 -38.48 -19.64
C LEU F 9 0.89 -37.04 -19.23
N GLY F 10 0.03 -36.49 -18.39
CA GLY F 10 0.12 -35.10 -17.97
C GLY F 10 1.05 -34.89 -16.81
N PHE F 11 0.82 -33.80 -16.08
CA PHE F 11 1.63 -33.47 -14.93
C PHE F 11 1.60 -34.59 -13.90
N LEU F 12 2.79 -35.06 -13.51
CA LEU F 12 2.93 -36.14 -12.52
C LEU F 12 2.13 -37.37 -12.92
N GLY F 13 2.03 -37.62 -14.23
CA GLY F 13 1.24 -38.73 -14.71
C GLY F 13 1.87 -40.09 -14.49
N ALA F 14 3.15 -40.14 -14.14
CA ALA F 14 3.86 -41.40 -13.94
C ALA F 14 4.45 -41.49 -12.54
N ALA F 15 3.79 -40.87 -11.55
CA ALA F 15 4.28 -40.91 -10.19
C ALA F 15 4.19 -42.28 -9.55
N GLY F 16 3.49 -43.22 -10.18
CA GLY F 16 3.38 -44.57 -9.65
C GLY F 16 4.15 -45.59 -10.46
N SER F 17 4.51 -45.23 -11.68
CA SER F 17 5.27 -46.14 -12.54
C SER F 17 6.69 -46.30 -12.00
N THR F 18 7.30 -47.43 -12.37
CA THR F 18 8.63 -47.76 -11.91
C THR F 18 9.65 -46.76 -12.47
N MET F 19 10.88 -46.86 -11.96
CA MET F 19 11.92 -45.90 -12.33
C MET F 19 12.23 -45.94 -13.82
N GLY F 20 12.29 -47.14 -14.39
CA GLY F 20 12.63 -47.25 -15.80
C GLY F 20 11.63 -46.56 -16.70
N ALA F 21 10.34 -46.72 -16.42
CA ALA F 21 9.33 -46.03 -17.20
C ALA F 21 9.19 -44.57 -16.81
N ALA F 22 9.49 -44.23 -15.56
CA ALA F 22 9.37 -42.84 -15.12
C ALA F 22 10.51 -41.96 -15.60
N SER F 23 11.64 -42.54 -16.00
CA SER F 23 12.76 -41.77 -16.49
C SER F 23 12.64 -41.42 -17.97
N MET F 24 11.43 -41.48 -18.54
CA MET F 24 11.20 -41.13 -19.93
C MET F 24 10.36 -39.87 -20.10
N THR F 25 9.76 -39.35 -19.03
CA THR F 25 8.92 -38.15 -19.12
C THR F 25 9.46 -37.05 -18.22
N LEU F 26 10.77 -36.83 -18.23
CA LEU F 26 11.36 -35.79 -17.39
C LEU F 26 10.99 -34.40 -17.90
N THR F 27 10.94 -34.21 -19.23
CA THR F 27 10.65 -32.91 -19.78
C THR F 27 9.25 -32.44 -19.42
N VAL F 28 8.30 -33.37 -19.27
CA VAL F 28 6.94 -32.98 -18.90
C VAL F 28 6.93 -32.33 -17.52
N GLN F 29 7.61 -32.95 -16.56
CA GLN F 29 7.66 -32.38 -15.22
C GLN F 29 8.55 -31.14 -15.17
N ALA F 30 9.52 -31.03 -16.08
CA ALA F 30 10.39 -29.86 -16.10
C ALA F 30 9.69 -28.64 -16.69
N ARG F 31 8.77 -28.83 -17.63
CA ARG F 31 8.20 -27.69 -18.35
C ARG F 31 7.26 -26.87 -17.46
N ASN F 32 6.47 -27.53 -16.60
CA ASN F 32 5.55 -26.82 -15.72
C ASN F 32 6.17 -26.46 -14.38
N LEU F 33 7.50 -26.31 -14.32
CA LEU F 33 8.16 -25.79 -13.13
C LEU F 33 8.30 -24.28 -13.15
N LEU F 34 7.97 -23.63 -14.28
CA LEU F 34 8.10 -22.18 -14.40
C LEU F 34 6.89 -21.52 -15.06
N SER F 35 6.05 -22.25 -15.79
CA SER F 35 4.96 -21.66 -16.54
C SER F 35 3.96 -20.97 -15.62
N GLY F 36 3.96 -19.63 -15.64
CA GLY F 36 3.09 -18.86 -14.78
C GLY F 36 3.84 -18.16 -13.67
N LEU F 57 -2.54 -2.71 -2.14
CA LEU F 57 -3.92 -2.47 -2.54
C LEU F 57 -4.87 -3.45 -1.85
N THR F 58 -5.73 -4.07 -2.65
CA THR F 58 -6.65 -5.09 -2.15
C THR F 58 -5.91 -6.41 -2.04
N VAL F 59 -6.65 -7.51 -1.86
CA VAL F 59 -6.04 -8.82 -1.91
C VAL F 59 -5.46 -9.06 -3.30
N TRP F 60 -4.57 -10.04 -3.40
CA TRP F 60 -3.76 -10.28 -4.60
C TRP F 60 -2.92 -9.05 -4.94
N GLY F 61 -2.31 -8.46 -3.92
CA GLY F 61 -1.41 -7.34 -4.10
C GLY F 61 0.04 -7.76 -4.01
N ILE F 62 0.65 -7.54 -2.84
CA ILE F 62 2.05 -7.88 -2.66
C ILE F 62 2.28 -9.39 -2.53
N LYS F 63 1.25 -10.15 -2.15
CA LYS F 63 1.43 -11.58 -1.91
C LYS F 63 1.72 -12.32 -3.22
N GLN F 64 1.04 -11.96 -4.30
CA GLN F 64 1.30 -12.60 -5.59
C GLN F 64 2.72 -12.33 -6.06
N LEU F 65 3.18 -11.09 -5.91
CA LEU F 65 4.56 -10.76 -6.28
C LEU F 65 5.56 -11.54 -5.43
N GLN F 66 5.29 -11.66 -4.13
CA GLN F 66 6.16 -12.44 -3.27
C GLN F 66 6.23 -13.89 -3.73
N ALA F 67 5.08 -14.50 -4.05
CA ALA F 67 5.07 -15.88 -4.49
C ALA F 67 5.83 -16.07 -5.79
N ARG F 68 5.62 -15.17 -6.76
CA ARG F 68 6.31 -15.29 -8.04
C ARG F 68 7.81 -15.11 -7.88
N VAL F 69 8.23 -14.15 -7.05
CA VAL F 69 9.66 -13.96 -6.82
C VAL F 69 10.27 -15.19 -6.17
N LEU F 70 9.57 -15.78 -5.20
CA LEU F 70 10.09 -17.00 -4.57
C LEU F 70 10.21 -18.13 -5.59
N ALA F 71 9.21 -18.26 -6.48
CA ALA F 71 9.27 -19.32 -7.48
C ALA F 71 10.48 -19.16 -8.40
N VAL F 72 10.69 -17.94 -8.92
CA VAL F 72 11.82 -17.75 -9.82
C VAL F 72 13.15 -17.93 -9.09
N GLU F 73 13.21 -17.51 -7.82
CA GLU F 73 14.44 -17.71 -7.05
C GLU F 73 14.75 -19.19 -6.84
N ARG F 74 13.72 -19.99 -6.52
CA ARG F 74 13.93 -21.42 -6.34
C ARG F 74 14.39 -22.07 -7.64
N TYR F 75 13.77 -21.69 -8.77
CA TYR F 75 14.18 -22.26 -10.05
C TYR F 75 15.63 -21.92 -10.36
N LEU F 76 16.02 -20.65 -10.15
CA LEU F 76 17.40 -20.25 -10.42
C LEU F 76 18.38 -20.98 -9.53
N ARG F 77 18.03 -21.16 -8.25
CA ARG F 77 18.91 -21.86 -7.33
C ARG F 77 19.12 -23.31 -7.76
N ASP F 78 18.03 -23.99 -8.14
CA ASP F 78 18.16 -25.37 -8.61
C ASP F 78 19.01 -25.44 -9.87
N GLN F 79 18.81 -24.51 -10.81
CA GLN F 79 19.59 -24.52 -12.04
C GLN F 79 21.07 -24.29 -11.76
N GLN F 80 21.40 -23.35 -10.87
CA GLN F 80 22.80 -23.11 -10.55
C GLN F 80 23.43 -24.31 -9.88
N LEU F 81 22.72 -24.92 -8.92
CA LEU F 81 23.26 -26.10 -8.26
C LEU F 81 23.50 -27.23 -9.25
N LEU F 82 22.60 -27.42 -10.20
CA LEU F 82 22.82 -28.41 -11.25
C LEU F 82 24.03 -28.06 -12.09
N GLY F 83 24.20 -26.78 -12.44
CA GLY F 83 25.26 -26.39 -13.34
C GLY F 83 26.64 -26.40 -12.74
N ILE F 84 26.76 -26.28 -11.41
CA ILE F 84 28.09 -26.27 -10.81
C ILE F 84 28.79 -27.61 -10.97
N TRP F 85 28.07 -28.71 -10.76
CA TRP F 85 28.68 -30.05 -10.80
C TRP F 85 29.18 -30.42 -12.19
N GLY F 86 28.77 -29.70 -13.23
CA GLY F 86 29.09 -30.03 -14.60
C GLY F 86 27.89 -30.73 -15.21
N CYS F 87 27.05 -29.93 -15.87
CA CYS F 87 25.71 -30.32 -16.28
C CYS F 87 25.16 -29.22 -17.17
N SER F 88 23.84 -29.13 -17.30
CA SER F 88 23.05 -28.25 -18.14
C SER F 88 22.90 -28.82 -19.54
N GLY F 89 23.49 -29.98 -19.82
CA GLY F 89 22.89 -30.86 -20.80
C GLY F 89 21.54 -31.36 -20.35
N LYS F 90 21.24 -31.23 -19.05
CA LYS F 90 19.91 -31.39 -18.46
C LYS F 90 19.46 -32.84 -18.46
N LEU F 91 18.38 -33.11 -17.72
CA LEU F 91 17.80 -34.45 -17.62
C LEU F 91 18.86 -35.45 -17.15
N ILE F 92 19.39 -36.24 -18.08
CA ILE F 92 20.43 -37.20 -17.74
C ILE F 92 21.78 -36.50 -17.80
N CYS F 93 22.56 -36.59 -16.72
CA CYS F 93 23.85 -35.92 -16.63
C CYS F 93 24.77 -36.82 -15.80
N CYS F 94 25.62 -37.59 -16.48
CA CYS F 94 26.45 -38.58 -15.83
C CYS F 94 27.49 -37.93 -14.91
N THR F 95 28.18 -38.77 -14.13
CA THR F 95 29.12 -38.28 -13.14
C THR F 95 30.23 -39.31 -12.95
N ASN F 96 31.42 -38.82 -12.58
CA ASN F 96 32.59 -39.65 -12.31
C ASN F 96 32.81 -39.86 -10.82
N VAL F 97 31.75 -39.97 -10.03
CA VAL F 97 31.83 -40.18 -8.60
C VAL F 97 31.46 -41.63 -8.30
N PRO F 98 32.33 -42.40 -7.65
CA PRO F 98 31.99 -43.80 -7.34
C PRO F 98 30.83 -43.87 -6.36
N TRP F 99 30.04 -44.94 -6.50
CA TRP F 99 28.85 -45.16 -5.67
C TRP F 99 29.23 -45.99 -4.46
N ASN F 100 29.31 -45.34 -3.30
CA ASN F 100 29.61 -46.05 -2.06
C ASN F 100 28.51 -47.05 -1.75
N SER F 101 28.89 -48.29 -1.43
CA SER F 101 27.91 -49.31 -1.14
C SER F 101 27.26 -49.11 0.23
N SER F 102 27.90 -48.36 1.13
CA SER F 102 27.32 -48.14 2.45
C SER F 102 26.03 -47.34 2.37
N TRP F 103 25.89 -46.48 1.37
CA TRP F 103 24.67 -45.69 1.23
C TRP F 103 23.46 -46.58 0.97
N SER F 104 23.55 -47.45 -0.04
CA SER F 104 22.49 -48.41 -0.35
C SER F 104 23.07 -49.51 -1.22
N ASN F 105 23.16 -50.72 -0.67
CA ASN F 105 23.72 -51.87 -1.39
C ASN F 105 22.65 -52.96 -1.41
N ARG F 106 21.76 -52.92 -2.40
CA ARG F 106 20.76 -53.96 -2.58
C ARG F 106 20.96 -54.73 -3.87
N ASN F 107 20.92 -54.05 -5.02
CA ASN F 107 21.07 -54.62 -6.35
C ASN F 107 20.99 -53.53 -7.41
N LEU F 108 21.13 -53.90 -8.67
CA LEU F 108 20.86 -52.98 -9.78
C LEU F 108 19.47 -53.19 -10.38
N SER F 109 18.98 -54.42 -10.40
CA SER F 109 17.65 -54.70 -10.95
C SER F 109 16.54 -54.28 -10.00
N GLU F 110 16.73 -54.51 -8.71
CA GLU F 110 15.67 -54.22 -7.74
C GLU F 110 15.31 -52.74 -7.75
N ILE F 111 16.31 -51.87 -7.94
CA ILE F 111 16.05 -50.44 -7.95
C ILE F 111 15.26 -50.03 -9.19
N TRP F 112 15.65 -50.55 -10.36
CA TRP F 112 15.17 -50.03 -11.63
C TRP F 112 14.00 -50.79 -12.23
N ASP F 113 13.58 -51.91 -11.64
CA ASP F 113 12.42 -52.61 -12.19
C ASP F 113 11.23 -52.72 -11.25
N ASN F 114 11.43 -52.66 -9.93
CA ASN F 114 10.30 -52.82 -9.02
C ASN F 114 10.34 -51.80 -7.88
N MET F 115 10.72 -50.56 -8.19
CA MET F 115 10.72 -49.49 -7.22
C MET F 115 10.14 -48.23 -7.84
N THR F 116 9.68 -47.33 -6.98
CA THR F 116 9.08 -46.06 -7.38
C THR F 116 9.93 -44.92 -6.84
N TRP F 117 9.99 -43.82 -7.59
CA TRP F 117 10.86 -42.70 -7.22
C TRP F 117 10.55 -42.17 -5.83
N LEU F 118 9.29 -42.19 -5.41
CA LEU F 118 8.94 -41.73 -4.07
C LEU F 118 9.57 -42.62 -3.00
N GLN F 119 9.52 -43.94 -3.20
CA GLN F 119 10.13 -44.86 -2.25
C GLN F 119 11.65 -44.66 -2.20
N TRP F 120 12.27 -44.43 -3.35
CA TRP F 120 13.71 -44.17 -3.37
C TRP F 120 14.04 -42.89 -2.63
N ASP F 121 13.25 -41.83 -2.83
CA ASP F 121 13.47 -40.59 -2.10
C ASP F 121 13.36 -40.81 -0.61
N LYS F 122 12.34 -41.58 -0.19
CA LYS F 122 12.18 -41.87 1.23
C LYS F 122 13.38 -42.65 1.78
N GLU F 123 13.89 -43.63 1.01
CA GLU F 123 15.01 -44.43 1.49
C GLU F 123 16.28 -43.60 1.59
N ILE F 124 16.64 -42.87 0.54
CA ILE F 124 17.85 -42.06 0.51
C ILE F 124 17.43 -40.64 0.89
N SER F 125 17.44 -40.36 2.18
CA SER F 125 17.04 -39.04 2.68
C SER F 125 18.17 -38.34 3.41
N ASN F 126 18.84 -39.02 4.35
CA ASN F 126 19.91 -38.39 5.11
C ASN F 126 21.25 -38.42 4.38
N TYR F 127 21.36 -39.17 3.29
CA TYR F 127 22.61 -39.29 2.56
C TYR F 127 22.77 -38.23 1.46
N THR F 128 21.74 -37.45 1.18
CA THR F 128 21.84 -36.44 0.12
C THR F 128 22.31 -35.09 0.68
N GLN F 129 23.40 -35.14 1.46
CA GLN F 129 24.14 -33.94 1.79
C GLN F 129 25.63 -34.20 1.81
N ILE F 130 26.06 -35.42 1.52
CA ILE F 130 27.47 -35.72 1.29
C ILE F 130 27.75 -36.08 -0.15
N ILE F 131 26.75 -36.54 -0.91
CA ILE F 131 26.93 -36.78 -2.33
C ILE F 131 27.17 -35.47 -3.07
N TYR F 132 26.49 -34.40 -2.64
CA TYR F 132 26.65 -33.12 -3.31
C TYR F 132 28.08 -32.59 -3.18
N GLY F 133 28.67 -32.72 -1.99
CA GLY F 133 30.05 -32.28 -1.81
C GLY F 133 31.02 -33.07 -2.67
N LEU F 134 30.84 -34.40 -2.73
CA LEU F 134 31.68 -35.22 -3.59
C LEU F 134 31.55 -34.81 -5.05
N LEU F 135 30.31 -34.55 -5.49
CA LEU F 135 30.09 -34.09 -6.86
C LEU F 135 30.84 -32.80 -7.14
N GLU F 136 30.70 -31.82 -6.24
CA GLU F 136 31.34 -30.53 -6.46
C GLU F 136 32.85 -30.65 -6.48
N GLU F 137 33.43 -31.40 -5.53
CA GLU F 137 34.88 -31.53 -5.48
C GLU F 137 35.42 -32.29 -6.68
N SER F 138 34.70 -33.32 -7.13
CA SER F 138 35.13 -34.05 -8.32
C SER F 138 35.11 -33.15 -9.54
N GLN F 139 34.06 -32.34 -9.70
CA GLN F 139 34.00 -31.43 -10.84
C GLN F 139 35.14 -30.41 -10.79
N ASN F 140 35.43 -29.88 -9.60
CA ASN F 140 36.52 -28.91 -9.48
C ASN F 140 37.85 -29.54 -9.87
N GLN F 141 38.12 -30.75 -9.38
CA GLN F 141 39.37 -31.43 -9.72
C GLN F 141 39.46 -31.70 -11.22
N GLN F 142 38.36 -32.15 -11.83
CA GLN F 142 38.36 -32.45 -13.25
C GLN F 142 38.61 -31.18 -14.08
N GLU F 143 37.99 -30.07 -13.69
CA GLU F 143 38.22 -28.82 -14.40
C GLU F 143 39.67 -28.35 -14.28
N LYS F 144 40.24 -28.46 -13.08
CA LYS F 144 41.64 -28.08 -12.91
C LYS F 144 42.55 -28.96 -13.77
N ASN F 145 42.28 -30.27 -13.81
CA ASN F 145 43.08 -31.16 -14.63
C ASN F 145 42.97 -30.82 -16.11
N GLU F 146 41.75 -30.49 -16.56
CA GLU F 146 41.57 -30.13 -17.96
C GLU F 146 42.32 -28.86 -18.31
N GLN F 147 42.27 -27.85 -17.43
CA GLN F 147 43.00 -26.62 -17.70
C GLN F 147 44.50 -26.85 -17.73
N ASP F 148 45.00 -27.68 -16.81
CA ASP F 148 46.44 -27.97 -16.81
C ASP F 148 46.85 -28.73 -18.06
N LEU F 149 46.03 -29.68 -18.50
CA LEU F 149 46.34 -30.41 -19.74
C LEU F 149 46.34 -29.48 -20.94
N LEU F 150 45.37 -28.56 -21.01
CA LEU F 150 45.34 -27.61 -22.11
C LEU F 150 46.56 -26.70 -22.10
N ALA F 151 46.98 -26.27 -20.91
CA ALA F 151 48.15 -25.41 -20.81
C ALA F 151 49.43 -26.15 -21.16
N LEU F 152 49.50 -27.45 -20.85
CA LEU F 152 50.72 -28.21 -21.13
C LEU F 152 50.99 -28.30 -22.64
N ASP F 153 49.95 -28.53 -23.43
CA ASP F 153 50.11 -28.65 -24.88
C ASP F 153 48.80 -28.36 -25.59
N GLN G 1 19.77 26.32 -2.75
CA GLN G 1 20.68 26.89 -1.76
C GLN G 1 19.93 27.86 -0.85
N VAL G 2 20.14 27.72 0.46
CA VAL G 2 19.45 28.55 1.44
C VAL G 2 19.95 29.99 1.31
N GLN G 3 19.00 30.93 1.24
CA GLN G 3 19.32 32.35 1.14
C GLN G 3 18.46 33.14 2.10
N LEU G 4 19.07 34.07 2.80
CA LEU G 4 18.39 34.94 3.76
C LEU G 4 18.64 36.39 3.38
N GLN G 5 17.58 37.18 3.31
CA GLN G 5 17.68 38.59 2.93
C GLN G 5 17.01 39.46 3.99
N GLU G 6 17.72 40.47 4.46
CA GLU G 6 17.22 41.36 5.48
C GLU G 6 16.72 42.68 4.89
N SER G 7 15.78 43.29 5.59
CA SER G 7 15.24 44.59 5.19
C SER G 7 14.80 45.35 6.43
N GLY G 8 14.80 46.67 6.31
CA GLY G 8 14.50 47.56 7.41
C GLY G 8 15.75 48.23 7.96
N GLY G 9 15.61 48.73 9.18
CA GLY G 9 16.74 49.34 9.86
C GLY G 9 16.99 50.78 9.44
N GLY G 10 18.06 51.34 10.01
CA GLY G 10 18.40 52.72 9.76
C GLY G 10 18.69 53.49 11.03
N SER G 11 18.41 54.80 11.01
CA SER G 11 18.66 55.66 12.16
C SER G 11 17.34 56.05 12.81
N VAL G 12 17.27 55.91 14.13
CA VAL G 12 16.05 56.21 14.88
C VAL G 12 16.42 56.94 16.16
N GLN G 13 15.64 57.97 16.50
CA GLN G 13 15.89 58.71 17.72
C GLN G 13 15.63 57.83 18.95
N PRO G 14 16.33 58.08 20.06
CA PRO G 14 16.14 57.26 21.26
C PRO G 14 14.69 57.27 21.73
N GLY G 15 14.13 56.08 21.89
CA GLY G 15 12.74 55.94 22.27
C GLY G 15 11.84 55.85 21.06
N GLY G 16 11.22 54.70 20.86
CA GLY G 16 10.36 54.50 19.70
C GLY G 16 10.30 53.02 19.34
N SER G 17 9.93 52.77 18.08
CA SER G 17 9.75 51.42 17.59
C SER G 17 10.44 51.26 16.24
N LEU G 18 10.93 50.04 16.00
CA LEU G 18 11.53 49.67 14.72
C LEU G 18 11.11 48.25 14.38
N ARG G 19 11.17 47.92 13.10
CA ARG G 19 10.74 46.61 12.61
C ARG G 19 11.69 46.15 11.52
N LEU G 20 12.35 45.02 11.76
CA LEU G 20 13.24 44.41 10.78
C LEU G 20 12.61 43.13 10.25
N SER G 21 12.89 42.81 8.99
CA SER G 21 12.33 41.63 8.35
C SER G 21 13.44 40.80 7.73
N CYS G 22 13.24 39.48 7.75
CA CYS G 22 14.17 38.54 7.13
C CYS G 22 13.35 37.56 6.30
N ALA G 23 13.64 37.51 5.01
CA ALA G 23 12.96 36.61 4.07
C ALA G 23 13.88 35.45 3.74
N VAL G 24 13.33 34.25 3.75
CA VAL G 24 14.09 33.01 3.57
C VAL G 24 13.65 32.35 2.27
N SER G 25 14.62 32.01 1.42
CA SER G 25 14.37 31.28 0.18
C SER G 25 15.19 30.00 0.19
N GLY G 26 14.63 28.96 -0.40
CA GLY G 26 15.21 27.63 -0.33
C GLY G 26 14.76 26.82 0.86
N LEU G 27 13.92 27.38 1.73
CA LEU G 27 13.42 26.67 2.89
C LEU G 27 11.97 27.08 3.14
N ASP G 28 11.27 26.27 3.92
CA ASP G 28 9.97 26.63 4.48
C ASP G 28 10.15 26.80 5.98
N VAL G 29 9.81 27.98 6.49
CA VAL G 29 10.08 28.29 7.90
C VAL G 29 8.87 27.78 8.69
N GLU G 30 8.85 26.46 8.88
CA GLU G 30 7.94 25.81 9.82
C GLU G 30 8.61 24.73 10.65
N SER G 31 9.74 24.16 10.20
CA SER G 31 10.41 23.07 10.89
C SER G 31 11.88 23.37 11.12
N VAL G 32 12.28 24.64 11.10
CA VAL G 32 13.63 25.05 11.43
C VAL G 32 13.56 26.24 12.38
N THR G 33 14.62 26.40 13.16
CA THR G 33 14.72 27.53 14.08
C THR G 33 15.31 28.73 13.34
N ILE G 34 14.91 29.92 13.77
CA ILE G 34 15.41 31.16 13.18
C ILE G 34 15.85 32.08 14.30
N GLY G 35 17.10 32.53 14.25
CA GLY G 35 17.64 33.35 15.31
C GLY G 35 18.04 34.71 14.78
N TRP G 36 18.00 35.69 15.68
CA TRP G 36 18.46 37.04 15.40
C TRP G 36 19.62 37.36 16.32
N ILE G 37 20.76 37.72 15.72
CA ILE G 37 21.98 38.03 16.45
C ILE G 37 22.43 39.43 16.07
N ARG G 38 23.24 40.02 16.94
CA ARG G 38 23.72 41.38 16.73
C ARG G 38 25.21 41.45 16.99
N GLN G 39 25.87 42.38 16.28
CA GLN G 39 27.30 42.65 16.44
C GLN G 39 27.47 44.14 16.67
N ALA G 40 28.10 44.50 17.78
CA ALA G 40 28.40 45.89 18.06
C ALA G 40 29.83 46.20 17.63
N PRO G 41 30.12 47.47 17.33
CA PRO G 41 31.50 47.82 16.92
C PRO G 41 32.48 47.60 18.06
N GLY G 42 33.56 46.89 17.78
CA GLY G 42 34.60 46.62 18.75
C GLY G 42 34.38 45.40 19.62
N LYS G 43 33.25 44.71 19.48
CA LYS G 43 32.95 43.54 20.29
C LYS G 43 32.60 42.36 19.39
N GLU G 44 32.69 41.16 19.96
CA GLU G 44 32.35 39.95 19.23
C GLU G 44 30.84 39.88 19.01
N ARG G 45 30.41 38.83 18.33
CA ARG G 45 29.00 38.65 18.02
C ARG G 45 28.26 38.11 19.24
N GLU G 46 27.51 38.97 19.91
CA GLU G 46 26.56 38.53 20.91
C GLU G 46 25.34 37.94 20.22
N GLU G 47 24.30 37.64 20.99
CA GLU G 47 23.11 37.01 20.45
C GLU G 47 21.86 37.59 21.12
N VAL G 48 20.84 37.87 20.32
CA VAL G 48 19.65 38.58 20.77
C VAL G 48 18.52 37.61 21.11
N GLY G 49 18.14 36.75 20.18
CA GLY G 49 17.04 35.86 20.48
C GLY G 49 16.80 34.86 19.37
N CYS G 50 15.78 34.03 19.56
CA CYS G 50 15.45 33.02 18.56
C CYS G 50 14.00 32.61 18.69
N ILE G 51 13.48 32.05 17.60
CA ILE G 51 12.17 31.40 17.58
C ILE G 51 12.38 29.98 17.09
N SER G 52 11.88 29.01 17.85
CA SER G 52 12.10 27.61 17.57
C SER G 52 10.99 27.04 16.69
N GLY G 53 11.13 25.76 16.36
CA GLY G 53 10.11 25.05 15.63
C GLY G 53 9.18 24.22 16.49
N ASN G 54 9.47 24.12 17.78
CA ASN G 54 8.68 23.29 18.70
C ASN G 54 7.54 24.14 19.26
N PHE G 55 6.37 24.00 18.65
CA PHE G 55 5.15 24.68 19.11
C PHE G 55 5.29 26.20 19.08
N ASP G 56 6.19 26.70 18.23
CA ASP G 56 6.36 28.15 18.01
C ASP G 56 6.69 28.89 19.30
N GLN G 57 7.63 28.36 20.07
CA GLN G 57 8.08 29.02 21.29
C GLN G 57 9.27 29.92 21.00
N THR G 58 9.34 31.04 21.69
CA THR G 58 10.36 32.05 21.47
C THR G 58 11.20 32.23 22.73
N TYR G 59 12.49 32.53 22.53
CA TYR G 59 13.41 32.73 23.64
C TYR G 59 14.26 33.97 23.39
N TYR G 60 14.53 34.72 24.46
CA TYR G 60 15.34 35.92 24.38
C TYR G 60 16.38 35.90 25.49
N VAL G 61 17.51 36.57 25.23
CA VAL G 61 18.54 36.70 26.24
C VAL G 61 18.06 37.63 27.35
N ASP G 62 18.70 37.52 28.51
CA ASP G 62 18.28 38.30 29.68
C ASP G 62 18.36 39.80 29.43
N SER G 63 19.26 40.24 28.55
CA SER G 63 19.44 41.66 28.31
C SER G 63 18.17 42.30 27.76
N VAL G 64 17.53 41.65 26.79
CA VAL G 64 16.32 42.16 26.16
C VAL G 64 15.16 41.23 26.53
N LYS G 65 14.23 41.76 27.32
CA LYS G 65 13.05 41.01 27.73
C LYS G 65 11.90 42.00 27.93
N GLY G 66 10.78 41.75 27.24
CA GLY G 66 9.67 42.68 27.26
C GLY G 66 9.82 43.85 26.32
N ARG G 67 10.91 43.93 25.57
CA ARG G 67 11.13 44.98 24.59
C ARG G 67 11.17 44.48 23.16
N PHE G 68 11.65 43.27 22.92
CA PHE G 68 11.76 42.69 21.59
C PHE G 68 10.70 41.62 21.40
N THR G 69 10.29 41.41 20.14
CA THR G 69 9.31 40.38 19.83
C THR G 69 9.62 39.79 18.46
N ILE G 70 9.73 38.47 18.41
CA ILE G 70 10.02 37.75 17.18
C ILE G 70 8.76 37.02 16.73
N SER G 71 8.39 37.20 15.47
CA SER G 71 7.20 36.57 14.92
C SER G 71 7.53 35.94 13.57
N ARG G 72 6.75 34.94 13.19
CA ARG G 72 6.98 34.20 11.96
C ARG G 72 5.68 34.10 11.17
N VAL G 73 5.78 34.31 9.86
CA VAL G 73 4.65 34.13 8.94
C VAL G 73 5.08 33.08 7.92
N ASN G 74 4.38 31.95 7.92
CA ASN G 74 4.80 30.81 7.10
C ASN G 74 4.16 30.79 5.73
N GLU G 75 2.99 31.41 5.55
CA GLU G 75 2.41 31.51 4.21
C GLU G 75 3.19 32.47 3.33
N GLU G 76 4.02 33.32 3.92
CA GLU G 76 4.86 34.24 3.18
C GLU G 76 6.35 33.94 3.32
N ASN G 77 6.72 33.05 4.25
CA ASN G 77 8.12 32.71 4.53
C ASN G 77 8.90 33.96 4.97
N THR G 78 8.46 34.53 6.09
CA THR G 78 9.05 35.76 6.60
C THR G 78 9.19 35.67 8.10
N VAL G 79 10.22 36.34 8.63
CA VAL G 79 10.46 36.43 10.07
C VAL G 79 10.63 37.90 10.42
N TYR G 80 9.82 38.39 11.35
CA TYR G 80 9.82 39.79 11.74
C TYR G 80 10.36 39.95 13.16
N LEU G 81 11.24 40.93 13.35
CA LEU G 81 11.72 41.31 14.67
C LEU G 81 11.25 42.73 14.94
N GLN G 82 10.35 42.88 15.92
CA GLN G 82 9.82 44.17 16.30
C GLN G 82 10.45 44.61 17.61
N MET G 83 11.11 45.76 17.59
CA MET G 83 11.77 46.31 18.77
C MET G 83 11.06 47.58 19.22
N ASP G 84 10.86 47.71 20.52
CA ASP G 84 10.20 48.86 21.10
C ASP G 84 11.06 49.40 22.24
N ASN G 85 10.95 50.72 22.47
CA ASN G 85 11.69 51.41 23.52
C ASN G 85 13.19 51.22 23.35
N LEU G 86 13.68 51.59 22.17
CA LEU G 86 15.09 51.42 21.84
C LEU G 86 15.96 52.30 22.73
N LYS G 87 17.17 51.81 23.00
CA LYS G 87 18.11 52.42 23.91
C LYS G 87 19.47 52.55 23.22
N PRO G 88 20.35 53.42 23.71
CA PRO G 88 21.64 53.62 23.03
C PRO G 88 22.49 52.37 22.92
N GLU G 89 22.25 51.35 23.74
CA GLU G 89 23.03 50.13 23.68
C GLU G 89 22.71 49.28 22.45
N ASP G 90 21.67 49.62 21.69
CA ASP G 90 21.20 48.79 20.60
C ASP G 90 21.79 49.17 19.24
N THR G 91 22.65 50.18 19.18
CA THR G 91 23.27 50.57 17.92
C THR G 91 24.25 49.49 17.46
N ALA G 92 23.89 48.75 16.41
CA ALA G 92 24.69 47.60 16.01
C ALA G 92 24.22 47.11 14.65
N THR G 93 24.84 46.02 14.20
CA THR G 93 24.49 45.35 12.95
C THR G 93 23.78 44.04 13.28
N TYR G 94 22.61 43.84 12.68
CA TYR G 94 21.75 42.69 12.98
C TYR G 94 21.74 41.72 11.83
N TYR G 95 21.83 40.43 12.16
CA TYR G 95 21.77 39.35 11.18
C TYR G 95 20.71 38.34 11.60
N CYS G 96 20.07 37.73 10.61
CA CYS G 96 19.16 36.62 10.81
C CYS G 96 19.85 35.34 10.37
N VAL G 97 20.00 34.39 11.30
CA VAL G 97 20.77 33.17 11.07
C VAL G 97 19.86 31.97 11.28
N THR G 98 20.31 30.84 10.72
CA THR G 98 19.59 29.58 10.82
C THR G 98 20.58 28.44 10.70
N ASP G 99 20.16 27.25 11.10
CA ASP G 99 21.04 26.09 11.06
C ASP G 99 20.34 24.81 10.62
N ARG G 100 19.10 24.89 10.13
CA ARG G 100 18.33 23.71 9.72
C ARG G 100 18.17 22.71 10.86
N GLN G 101 18.02 23.20 12.09
CA GLN G 101 17.87 22.35 13.26
C GLN G 101 16.53 22.64 13.93
N PHE G 102 15.80 21.59 14.26
CA PHE G 102 14.46 21.72 14.85
C PHE G 102 14.53 21.92 16.35
N TYR G 103 15.40 22.84 16.80
CA TYR G 103 15.60 23.12 18.22
C TYR G 103 16.47 24.35 18.35
N CYS G 104 16.35 25.05 19.46
CA CYS G 104 17.12 26.26 19.71
C CYS G 104 17.92 26.15 21.00
N ALA G 105 19.15 26.64 20.95
CA ALA G 105 20.00 26.74 22.13
C ALA G 105 20.68 28.10 22.09
N LEU G 106 20.48 28.91 23.14
CA LEU G 106 20.96 30.29 23.11
C LEU G 106 22.43 30.41 23.47
N HIS G 107 23.28 29.55 22.93
CA HIS G 107 24.72 29.77 22.96
C HIS G 107 25.42 29.28 21.71
N ARG G 108 24.70 28.75 20.72
CA ARG G 108 25.28 28.27 19.47
C ARG G 108 24.72 29.02 18.26
N LEU G 109 24.13 30.19 18.49
CA LEU G 109 23.60 31.01 17.42
C LEU G 109 24.70 31.76 16.66
N PRO G 110 25.70 32.33 17.34
CA PRO G 110 26.79 32.98 16.59
C PRO G 110 27.51 32.04 15.64
N VAL G 111 27.63 30.76 15.97
CA VAL G 111 28.33 29.80 15.12
C VAL G 111 27.26 29.03 14.36
N SER G 112 26.90 29.55 13.18
CA SER G 112 25.89 28.94 12.34
C SER G 112 26.39 28.89 10.90
N GLN G 113 25.92 27.88 10.16
CA GLN G 113 26.36 27.70 8.78
C GLN G 113 25.93 28.88 7.91
N TYR G 114 24.62 29.08 7.77
CA TYR G 114 24.09 30.10 6.88
C TYR G 114 23.87 31.40 7.64
N ARG G 115 24.08 32.51 6.94
CA ARG G 115 23.95 33.84 7.54
C ARG G 115 23.74 34.86 6.44
N GLY G 116 22.89 35.85 6.72
CA GLY G 116 22.61 36.90 5.76
C GLY G 116 23.59 38.06 5.87
N GLN G 117 23.46 39.01 4.93
CA GLN G 117 24.33 40.17 4.92
C GLN G 117 24.11 41.06 6.14
N GLY G 118 22.87 41.22 6.57
CA GLY G 118 22.56 41.98 7.77
C GLY G 118 22.24 43.44 7.48
N THR G 119 21.56 44.06 8.44
CA THR G 119 21.19 45.46 8.35
C THR G 119 21.79 46.21 9.54
N GLN G 120 21.72 47.54 9.49
CA GLN G 120 22.44 48.39 10.42
C GLN G 120 21.43 49.30 11.13
N VAL G 121 21.60 49.46 12.44
CA VAL G 121 20.67 50.25 13.26
C VAL G 121 21.47 51.19 14.15
N THR G 122 21.14 52.48 14.08
CA THR G 122 21.74 53.51 14.93
C THR G 122 20.65 54.20 15.74
N VAL G 123 20.97 54.48 17.00
CA VAL G 123 20.22 55.43 17.82
C VAL G 123 21.21 56.38 18.45
N SER G 124 20.94 57.68 18.36
CA SER G 124 21.89 58.68 18.82
C SER G 124 21.14 59.92 19.27
N SER G 125 21.80 60.70 20.14
CA SER G 125 21.25 61.93 20.70
C SER G 125 19.89 61.69 21.35
N GLN H 1 1.15 -18.53 27.35
CA GLN H 1 0.19 -19.48 27.87
C GLN H 1 -0.86 -18.76 28.72
N VAL H 2 -2.14 -19.06 28.45
CA VAL H 2 -3.23 -18.41 29.16
C VAL H 2 -3.21 -18.83 30.63
N GLN H 3 -3.30 -17.85 31.52
CA GLN H 3 -3.32 -18.10 32.96
C GLN H 3 -4.43 -17.29 33.60
N LEU H 4 -5.17 -17.91 34.51
CA LEU H 4 -6.26 -17.25 35.23
C LEU H 4 -6.03 -17.41 36.72
N GLN H 5 -6.13 -16.29 37.45
CA GLN H 5 -5.91 -16.28 38.89
C GLN H 5 -7.14 -15.72 39.58
N GLU H 6 -7.64 -16.44 40.58
CA GLU H 6 -8.84 -16.05 41.31
C GLU H 6 -8.47 -15.52 42.69
N SER H 7 -9.18 -14.48 43.12
CA SER H 7 -8.96 -13.89 44.43
C SER H 7 -10.30 -13.48 45.03
N GLY H 8 -10.33 -13.43 46.35
CA GLY H 8 -11.53 -13.15 47.10
C GLY H 8 -12.10 -14.39 47.75
N GLY H 9 -13.35 -14.27 48.19
CA GLY H 9 -14.07 -15.39 48.76
C GLY H 9 -13.76 -15.62 50.22
N GLY H 10 -14.33 -16.70 50.75
CA GLY H 10 -14.21 -17.02 52.16
C GLY H 10 -15.53 -17.35 52.79
N SER H 11 -15.67 -17.05 54.09
CA SER H 11 -16.88 -17.34 54.85
C SER H 11 -17.66 -16.06 55.08
N VAL H 12 -18.97 -16.10 54.87
CA VAL H 12 -19.82 -14.93 54.99
C VAL H 12 -21.16 -15.36 55.61
N GLN H 13 -21.66 -14.54 56.53
CA GLN H 13 -22.94 -14.84 57.15
C GLN H 13 -24.08 -14.73 56.15
N PRO H 14 -25.16 -15.49 56.32
CA PRO H 14 -26.27 -15.45 55.36
C PRO H 14 -26.85 -14.04 55.25
N GLY H 15 -26.90 -13.54 54.02
CA GLY H 15 -27.36 -12.19 53.77
C GLY H 15 -26.21 -11.21 53.76
N GLY H 16 -25.91 -10.63 52.60
CA GLY H 16 -24.80 -9.71 52.49
C GLY H 16 -24.28 -9.66 51.07
N SER H 17 -23.03 -9.22 50.93
CA SER H 17 -22.41 -9.06 49.64
C SER H 17 -21.02 -9.65 49.65
N LEU H 18 -20.58 -10.10 48.47
CA LEU H 18 -19.24 -10.63 48.27
C LEU H 18 -18.76 -10.26 46.88
N ARG H 19 -17.44 -10.23 46.71
CA ARG H 19 -16.83 -9.84 45.44
C ARG H 19 -15.66 -10.75 45.14
N LEU H 20 -15.66 -11.37 43.98
CA LEU H 20 -14.56 -12.21 43.51
C LEU H 20 -13.93 -11.59 42.28
N SER H 21 -12.62 -11.77 42.14
CA SER H 21 -11.89 -11.21 41.02
C SER H 21 -11.13 -12.32 40.29
N CYS H 22 -11.11 -12.23 38.97
CA CYS H 22 -10.35 -13.15 38.13
C CYS H 22 -9.46 -12.33 37.21
N ALA H 23 -8.16 -12.54 37.33
CA ALA H 23 -7.17 -11.83 36.54
C ALA H 23 -6.62 -12.76 35.46
N VAL H 24 -6.54 -12.26 34.23
CA VAL H 24 -6.19 -13.05 33.07
C VAL H 24 -4.87 -12.55 32.51
N SER H 25 -3.92 -13.47 32.30
CA SER H 25 -2.64 -13.17 31.67
C SER H 25 -2.48 -14.05 30.44
N GLY H 26 -1.78 -13.52 29.45
CA GLY H 26 -1.69 -14.16 28.16
C GLY H 26 -2.82 -13.84 27.23
N LEU H 27 -3.75 -12.98 27.64
CA LEU H 27 -4.88 -12.58 26.81
C LEU H 27 -5.26 -11.15 27.15
N ASP H 28 -6.03 -10.54 26.26
CA ASP H 28 -6.76 -9.32 26.53
C ASP H 28 -8.24 -9.60 26.55
N VAL H 29 -8.92 -9.21 27.62
CA VAL H 29 -10.34 -9.55 27.78
C VAL H 29 -11.13 -8.42 27.11
N GLU H 30 -11.15 -8.47 25.78
CA GLU H 30 -12.05 -7.66 24.97
C GLU H 30 -12.70 -8.43 23.83
N SER H 31 -12.11 -9.54 23.38
CA SER H 31 -12.62 -10.30 22.25
C SER H 31 -12.79 -11.78 22.59
N VAL H 32 -12.89 -12.12 23.87
CA VAL H 32 -13.16 -13.48 24.31
C VAL H 32 -14.24 -13.43 25.38
N THR H 33 -14.96 -14.54 25.51
CA THR H 33 -15.98 -14.66 26.54
C THR H 33 -15.36 -15.16 27.84
N ILE H 34 -15.89 -14.69 28.96
CA ILE H 34 -15.41 -15.10 30.28
C ILE H 34 -16.60 -15.59 31.09
N GLY H 35 -16.51 -16.83 31.59
CA GLY H 35 -17.60 -17.43 32.31
C GLY H 35 -17.22 -17.75 33.73
N TRP H 36 -18.22 -17.79 34.59
CA TRP H 36 -18.05 -18.16 35.98
C TRP H 36 -18.94 -19.37 36.27
N ILE H 37 -18.31 -20.43 36.79
CA ILE H 37 -19.02 -21.66 37.10
C ILE H 37 -18.73 -22.04 38.55
N ARG H 38 -19.61 -22.87 39.11
CA ARG H 38 -19.50 -23.29 40.49
C ARG H 38 -19.65 -24.80 40.59
N GLN H 39 -19.00 -25.36 41.61
CA GLN H 39 -19.09 -26.78 41.91
C GLN H 39 -19.47 -26.91 43.39
N ALA H 40 -20.60 -27.54 43.64
CA ALA H 40 -21.05 -27.83 44.99
C ALA H 40 -20.53 -29.21 45.43
N PRO H 41 -20.38 -29.44 46.73
CA PRO H 41 -19.91 -30.76 47.18
C PRO H 41 -20.93 -31.84 46.89
N GLY H 42 -20.48 -32.92 46.25
CA GLY H 42 -21.32 -34.04 45.93
C GLY H 42 -22.06 -33.96 44.62
N LYS H 43 -21.94 -32.85 43.89
CA LYS H 43 -22.65 -32.66 42.63
C LYS H 43 -21.66 -32.29 41.54
N GLU H 44 -22.10 -32.48 40.29
CA GLU H 44 -21.27 -32.13 39.15
C GLU H 44 -21.15 -30.61 39.04
N ARG H 45 -20.40 -30.17 38.02
CA ARG H 45 -20.15 -28.75 37.82
C ARG H 45 -21.34 -28.12 37.13
N GLU H 46 -22.11 -27.33 37.88
CA GLU H 46 -23.16 -26.49 37.31
C GLU H 46 -22.51 -25.26 36.68
N GLU H 47 -23.34 -24.29 36.30
CA GLU H 47 -22.85 -23.10 35.64
C GLU H 47 -23.63 -21.89 36.15
N VAL H 48 -22.91 -20.80 36.41
CA VAL H 48 -23.50 -19.60 37.01
C VAL H 48 -23.78 -18.54 35.96
N GLY H 49 -22.77 -18.10 35.22
CA GLY H 49 -23.03 -17.04 34.26
C GLY H 49 -21.86 -16.79 33.35
N CYS H 50 -22.03 -15.81 32.47
CA CYS H 50 -20.95 -15.47 31.55
C CYS H 50 -21.14 -14.05 31.05
N ILE H 51 -20.03 -13.47 30.58
CA ILE H 51 -20.03 -12.19 29.88
C ILE H 51 -19.36 -12.42 28.53
N SER H 52 -20.04 -12.02 27.46
CA SER H 52 -19.58 -12.28 26.11
C SER H 52 -18.75 -11.11 25.59
N GLY H 53 -18.21 -11.29 24.40
CA GLY H 53 -17.50 -10.24 23.70
C GLY H 53 -18.35 -9.45 22.74
N ASN H 54 -19.60 -9.84 22.55
CA ASN H 54 -20.49 -9.19 21.59
C ASN H 54 -21.23 -8.06 22.31
N PHE H 55 -20.69 -6.84 22.20
CA PHE H 55 -21.31 -5.63 22.76
C PHE H 55 -21.44 -5.72 24.28
N ASP H 56 -20.61 -6.54 24.91
CA ASP H 56 -20.55 -6.65 26.37
C ASP H 56 -21.89 -7.04 26.98
N GLN H 57 -22.58 -7.97 26.33
CA GLN H 57 -23.83 -8.51 26.86
C GLN H 57 -23.54 -9.64 27.83
N THR H 58 -24.23 -9.62 28.97
CA THR H 58 -24.03 -10.60 30.02
C THR H 58 -25.25 -11.51 30.13
N TYR H 59 -25.01 -12.79 30.43
CA TYR H 59 -26.07 -13.77 30.56
C TYR H 59 -25.91 -14.56 31.85
N TYR H 60 -27.04 -14.85 32.50
CA TYR H 60 -27.05 -15.61 33.74
C TYR H 60 -28.05 -16.75 33.64
N VAL H 61 -27.81 -17.79 34.43
CA VAL H 61 -28.70 -18.94 34.49
C VAL H 61 -29.98 -18.52 35.21
N ASP H 62 -31.03 -19.35 35.13
CA ASP H 62 -32.31 -18.97 35.71
C ASP H 62 -32.26 -18.90 37.23
N SER H 63 -31.40 -19.71 37.86
CA SER H 63 -31.36 -19.75 39.32
C SER H 63 -30.95 -18.41 39.91
N VAL H 64 -29.94 -17.77 39.33
CA VAL H 64 -29.42 -16.50 39.82
C VAL H 64 -29.79 -15.42 38.82
N LYS H 65 -30.69 -14.52 39.22
CA LYS H 65 -31.11 -13.41 38.37
C LYS H 65 -31.48 -12.25 39.28
N GLY H 66 -30.86 -11.10 39.05
CA GLY H 66 -31.05 -9.96 39.92
C GLY H 66 -30.23 -9.99 41.19
N ARG H 67 -29.42 -11.01 41.39
CA ARG H 67 -28.55 -11.13 42.57
C ARG H 67 -27.08 -11.09 42.23
N PHE H 68 -26.67 -11.62 41.07
CA PHE H 68 -25.28 -11.66 40.66
C PHE H 68 -25.04 -10.62 39.56
N THR H 69 -23.82 -10.11 39.49
CA THR H 69 -23.46 -9.15 38.46
C THR H 69 -22.02 -9.36 38.04
N ILE H 70 -21.79 -9.49 36.73
CA ILE H 70 -20.46 -9.71 36.18
C ILE H 70 -20.06 -8.45 35.42
N SER H 71 -18.85 -7.95 35.71
CA SER H 71 -18.32 -6.77 35.04
C SER H 71 -16.88 -7.03 34.62
N ARG H 72 -16.43 -6.28 33.62
CA ARG H 72 -15.11 -6.47 33.04
C ARG H 72 -14.39 -5.14 32.94
N VAL H 73 -13.11 -5.13 33.31
CA VAL H 73 -12.25 -3.97 33.18
C VAL H 73 -11.11 -4.35 32.24
N ASN H 74 -11.05 -3.70 31.09
CA ASN H 74 -10.10 -4.07 30.05
C ASN H 74 -8.77 -3.35 30.15
N GLU H 75 -8.75 -2.15 30.75
CA GLU H 75 -7.48 -1.47 30.97
C GLU H 75 -6.65 -2.15 32.05
N GLU H 76 -7.28 -3.00 32.87
CA GLU H 76 -6.60 -3.76 33.91
C GLU H 76 -6.59 -5.25 33.64
N ASN H 77 -7.37 -5.73 32.67
CA ASN H 77 -7.50 -7.14 32.36
C ASN H 77 -8.03 -7.92 33.56
N THR H 78 -9.23 -7.54 34.00
CA THR H 78 -9.83 -8.14 35.19
C THR H 78 -11.31 -8.38 34.95
N VAL H 79 -11.83 -9.41 35.62
CA VAL H 79 -13.26 -9.73 35.58
C VAL H 79 -13.75 -9.86 37.02
N TYR H 80 -14.75 -9.05 37.38
CA TYR H 80 -15.27 -9.03 38.73
C TYR H 80 -16.67 -9.66 38.75
N LEU H 81 -16.93 -10.49 39.75
CA LEU H 81 -18.25 -11.04 40.00
C LEU H 81 -18.70 -10.56 41.38
N GLN H 82 -19.84 -9.88 41.42
CA GLN H 82 -20.39 -9.34 42.66
C GLN H 82 -21.67 -10.09 42.99
N MET H 83 -21.73 -10.67 44.19
CA MET H 83 -22.91 -11.33 44.68
C MET H 83 -23.55 -10.49 45.78
N ASP H 84 -24.87 -10.38 45.74
CA ASP H 84 -25.64 -9.72 46.78
C ASP H 84 -26.77 -10.65 47.22
N ASN H 85 -27.13 -10.53 48.50
CA ASN H 85 -28.20 -11.35 49.09
C ASN H 85 -27.87 -12.83 48.98
N LEU H 86 -26.71 -13.22 49.51
CA LEU H 86 -26.28 -14.60 49.45
C LEU H 86 -27.21 -15.50 50.26
N LYS H 87 -27.31 -16.75 49.83
CA LYS H 87 -28.21 -17.74 50.39
C LYS H 87 -27.45 -19.03 50.65
N PRO H 88 -27.97 -19.92 51.51
CA PRO H 88 -27.23 -21.14 51.84
C PRO H 88 -26.94 -22.04 50.64
N GLU H 89 -27.68 -21.91 49.54
CA GLU H 89 -27.44 -22.74 48.36
C GLU H 89 -26.16 -22.36 47.62
N ASP H 90 -25.50 -21.27 47.99
CA ASP H 90 -24.36 -20.77 47.24
C ASP H 90 -23.03 -21.23 47.79
N THR H 91 -23.01 -22.07 48.82
CA THR H 91 -21.76 -22.59 49.37
C THR H 91 -21.13 -23.57 48.39
N ALA H 92 -20.03 -23.17 47.74
CA ALA H 92 -19.43 -23.99 46.70
C ALA H 92 -18.06 -23.42 46.34
N THR H 93 -17.40 -24.07 45.40
CA THR H 93 -16.12 -23.60 44.87
C THR H 93 -16.33 -23.00 43.49
N TYR H 94 -15.82 -21.79 43.29
CA TYR H 94 -16.07 -21.03 42.07
C TYR H 94 -14.80 -20.98 41.22
N TYR H 95 -14.99 -21.12 39.90
CA TYR H 95 -13.91 -21.02 38.93
C TYR H 95 -14.30 -20.03 37.84
N CYS H 96 -13.30 -19.35 37.29
CA CYS H 96 -13.45 -18.50 36.13
C CYS H 96 -12.78 -19.19 34.94
N VAL H 97 -13.55 -19.39 33.86
CA VAL H 97 -13.11 -20.17 32.72
C VAL H 97 -13.28 -19.35 31.45
N THR H 98 -12.57 -19.78 30.41
CA THR H 98 -12.61 -19.16 29.10
C THR H 98 -12.28 -20.21 28.06
N ASP H 99 -12.62 -19.91 26.79
CA ASP H 99 -12.36 -20.88 25.73
C ASP H 99 -11.90 -20.16 24.46
N ARG H 100 -11.46 -18.91 24.56
CA ARG H 100 -10.96 -18.14 23.42
C ARG H 100 -11.99 -18.02 22.30
N GLN H 101 -13.27 -17.95 22.65
CA GLN H 101 -14.34 -17.87 21.67
C GLN H 101 -15.09 -16.56 21.83
N PHE H 102 -15.47 -15.97 20.69
CA PHE H 102 -16.15 -14.67 20.69
C PHE H 102 -17.66 -14.83 20.73
N TYR H 103 -18.15 -15.67 21.64
CA TYR H 103 -19.57 -15.95 21.81
C TYR H 103 -19.74 -16.80 23.05
N CYS H 104 -20.97 -16.80 23.59
CA CYS H 104 -21.28 -17.52 24.81
C CYS H 104 -22.48 -18.43 24.59
N ALA H 105 -22.38 -19.66 25.10
CA ALA H 105 -23.49 -20.60 25.13
C ALA H 105 -23.57 -21.17 26.53
N LEU H 106 -24.71 -21.01 27.19
CA LEU H 106 -24.79 -21.39 28.59
C LEU H 106 -25.07 -22.87 28.76
N HIS H 107 -24.38 -23.72 28.00
CA HIS H 107 -24.35 -25.15 28.31
C HIS H 107 -23.01 -25.78 27.99
N ARG H 108 -22.01 -25.02 27.55
CA ARG H 108 -20.69 -25.55 27.24
C ARG H 108 -19.59 -24.89 28.06
N LEU H 109 -19.95 -24.19 29.13
CA LEU H 109 -18.97 -23.56 30.00
C LEU H 109 -18.27 -24.58 30.90
N PRO H 110 -18.98 -25.57 31.47
CA PRO H 110 -18.26 -26.58 32.26
C PRO H 110 -17.15 -27.29 31.52
N VAL H 111 -17.31 -27.51 30.22
CA VAL H 111 -16.30 -28.19 29.41
C VAL H 111 -15.52 -27.10 28.67
N SER H 112 -14.44 -26.63 29.28
CA SER H 112 -13.60 -25.59 28.69
C SER H 112 -12.14 -25.98 28.84
N GLN H 113 -11.32 -25.50 27.90
CA GLN H 113 -9.90 -25.83 27.89
C GLN H 113 -9.20 -25.28 29.14
N TYR H 114 -9.19 -23.96 29.29
CA TYR H 114 -8.47 -23.31 30.37
C TYR H 114 -9.38 -23.09 31.56
N ARG H 115 -8.82 -23.20 32.76
CA ARG H 115 -9.59 -23.07 33.99
C ARG H 115 -8.65 -22.71 35.13
N GLY H 116 -9.13 -21.87 36.04
CA GLY H 116 -8.37 -21.48 37.20
C GLY H 116 -8.48 -22.47 38.35
N GLN H 117 -7.72 -22.19 39.40
CA GLN H 117 -7.71 -23.07 40.57
C GLN H 117 -9.02 -23.01 41.34
N GLY H 118 -9.65 -21.84 41.41
CA GLY H 118 -10.92 -21.68 42.08
C GLY H 118 -10.78 -21.22 43.52
N THR H 119 -11.85 -20.64 44.03
CA THR H 119 -11.91 -20.15 45.40
C THR H 119 -13.16 -20.64 46.09
N GLN H 120 -13.08 -20.78 47.41
CA GLN H 120 -14.16 -21.32 48.22
C GLN H 120 -15.05 -20.20 48.73
N VAL H 121 -16.37 -20.40 48.65
CA VAL H 121 -17.34 -19.46 49.22
C VAL H 121 -18.28 -20.28 50.10
N THR H 122 -18.34 -19.93 51.39
CA THR H 122 -19.13 -20.66 52.36
C THR H 122 -20.04 -19.69 53.10
N VAL H 123 -21.30 -20.09 53.28
CA VAL H 123 -22.24 -19.37 54.12
C VAL H 123 -22.92 -20.39 55.04
N SER H 124 -23.03 -20.04 56.32
CA SER H 124 -23.56 -20.97 57.30
C SER H 124 -24.19 -20.19 58.44
N SER H 125 -25.10 -20.87 59.15
CA SER H 125 -25.82 -20.29 60.29
C SER H 125 -26.53 -19.00 59.91
N GLN I 1 -25.01 -3.89 -21.23
CA GLN I 1 -25.49 -2.99 -22.28
C GLN I 1 -26.47 -1.98 -21.71
N VAL I 2 -26.27 -0.70 -22.07
CA VAL I 2 -27.12 0.36 -21.53
C VAL I 2 -28.52 0.24 -22.11
N GLN I 3 -29.52 0.28 -21.24
CA GLN I 3 -30.92 0.19 -21.65
C GLN I 3 -31.72 1.28 -20.95
N LEU I 4 -32.59 1.94 -21.71
CA LEU I 4 -33.44 3.01 -21.18
C LEU I 4 -34.89 2.67 -21.48
N GLN I 5 -35.74 2.72 -20.46
CA GLN I 5 -37.15 2.40 -20.60
C GLN I 5 -37.99 3.61 -20.18
N GLU I 6 -38.94 3.99 -21.01
CA GLU I 6 -39.78 5.15 -20.78
C GLU I 6 -41.17 4.71 -20.36
N SER I 7 -41.75 5.43 -19.40
CA SER I 7 -43.09 5.15 -18.92
C SER I 7 -43.83 6.47 -18.67
N GLY I 8 -45.15 6.40 -18.76
CA GLY I 8 -46.00 7.56 -18.63
C GLY I 8 -46.59 7.98 -19.95
N GLY I 9 -47.00 9.25 -20.01
CA GLY I 9 -47.52 9.82 -21.23
C GLY I 9 -48.96 9.44 -21.50
N GLY I 10 -49.45 9.90 -22.65
CA GLY I 10 -50.83 9.68 -23.03
C GLY I 10 -51.51 10.93 -23.51
N SER I 11 -52.83 11.03 -23.30
CA SER I 11 -53.62 12.17 -23.74
C SER I 11 -54.05 12.98 -22.52
N VAL I 12 -53.89 14.30 -22.61
CA VAL I 12 -54.21 15.20 -21.51
C VAL I 12 -54.86 16.46 -22.08
N GLN I 13 -55.91 16.93 -21.42
CA GLN I 13 -56.60 18.14 -21.86
C GLN I 13 -55.69 19.36 -21.70
N PRO I 14 -55.87 20.37 -22.55
CA PRO I 14 -55.01 21.57 -22.45
C PRO I 14 -55.08 22.21 -21.07
N GLY I 15 -53.92 22.34 -20.44
CA GLY I 15 -53.85 22.85 -19.09
C GLY I 15 -53.88 21.74 -18.06
N GLY I 16 -52.78 21.52 -17.36
CA GLY I 16 -52.70 20.45 -16.40
C GLY I 16 -51.25 20.04 -16.18
N SER I 17 -51.08 18.81 -15.69
CA SER I 17 -49.76 18.29 -15.35
C SER I 17 -49.61 16.87 -15.87
N LEU I 18 -48.37 16.51 -16.16
CA LEU I 18 -48.01 15.16 -16.57
C LEU I 18 -46.64 14.82 -15.99
N ARG I 19 -46.38 13.52 -15.87
CA ARG I 19 -45.12 13.05 -15.30
C ARG I 19 -44.62 11.87 -16.10
N LEU I 20 -43.47 12.02 -16.73
CA LEU I 20 -42.84 10.95 -17.49
C LEU I 20 -41.62 10.44 -16.72
N SER I 21 -41.33 9.15 -16.88
CA SER I 21 -40.23 8.54 -16.16
C SER I 21 -39.35 7.76 -17.13
N CYS I 22 -38.04 7.78 -16.84
CA CYS I 22 -37.05 7.04 -17.62
C CYS I 22 -36.19 6.25 -16.66
N ALA I 23 -36.19 4.92 -16.82
CA ALA I 23 -35.41 4.03 -15.97
C ALA I 23 -34.20 3.53 -16.75
N VAL I 24 -33.04 3.55 -16.11
CA VAL I 24 -31.77 3.25 -16.76
C VAL I 24 -31.19 1.98 -16.15
N SER I 25 -30.81 1.04 -17.00
CA SER I 25 -30.15 -0.19 -16.58
C SER I 25 -28.82 -0.32 -17.31
N GLY I 26 -27.85 -0.92 -16.64
CA GLY I 26 -26.50 -0.97 -17.14
C GLY I 26 -25.64 0.21 -16.76
N LEU I 27 -26.20 1.21 -16.10
CA LEU I 27 -25.46 2.39 -15.67
C LEU I 27 -26.03 2.85 -14.32
N ASP I 28 -25.23 3.62 -13.61
CA ASP I 28 -25.69 4.35 -12.44
C ASP I 28 -25.80 5.83 -12.80
N VAL I 29 -26.96 6.42 -12.54
CA VAL I 29 -27.21 7.82 -12.93
C VAL I 29 -26.73 8.69 -11.77
N GLU I 30 -25.41 8.83 -11.69
CA GLU I 30 -24.76 9.82 -10.83
C GLU I 30 -23.60 10.53 -11.52
N SER I 31 -23.00 9.95 -12.55
CA SER I 31 -21.85 10.55 -13.22
C SER I 31 -22.04 10.61 -14.73
N VAL I 32 -23.29 10.60 -15.20
CA VAL I 32 -23.60 10.77 -16.62
C VAL I 32 -24.73 11.78 -16.74
N THR I 33 -24.75 12.48 -17.85
CA THR I 33 -25.82 13.43 -18.14
C THR I 33 -27.00 12.70 -18.76
N ILE I 34 -28.21 13.15 -18.42
CA ILE I 34 -29.43 12.56 -18.94
C ILE I 34 -30.26 13.66 -19.56
N GLY I 35 -30.64 13.50 -20.83
CA GLY I 35 -31.37 14.53 -21.53
C GLY I 35 -32.72 14.02 -21.99
N TRP I 36 -33.66 14.95 -22.09
CA TRP I 36 -34.98 14.68 -22.64
C TRP I 36 -35.16 15.48 -23.90
N ILE I 37 -35.48 14.78 -25.00
CA ILE I 37 -35.67 15.40 -26.30
C ILE I 37 -37.04 15.01 -26.83
N ARG I 38 -37.55 15.81 -27.75
CA ARG I 38 -38.87 15.60 -28.31
C ARG I 38 -38.84 15.69 -29.82
N GLN I 39 -39.74 14.95 -30.46
CA GLN I 39 -39.91 14.96 -31.90
C GLN I 39 -41.37 15.23 -32.21
N ALA I 40 -41.63 16.33 -32.92
CA ALA I 40 -42.98 16.63 -33.37
C ALA I 40 -43.20 16.04 -34.76
N PRO I 41 -44.45 15.74 -35.12
CA PRO I 41 -44.72 15.19 -36.45
C PRO I 41 -44.38 16.20 -37.54
N GLY I 42 -43.64 15.74 -38.55
CA GLY I 42 -43.29 16.57 -39.68
C GLY I 42 -42.05 17.43 -39.50
N LYS I 43 -41.40 17.39 -38.34
CA LYS I 43 -40.23 18.19 -38.07
C LYS I 43 -39.11 17.32 -37.53
N GLU I 44 -37.89 17.81 -37.64
CA GLU I 44 -36.73 17.09 -37.13
C GLU I 44 -36.78 17.05 -35.60
N ARG I 45 -35.80 16.35 -35.02
CA ARG I 45 -35.77 16.18 -33.58
C ARG I 45 -35.29 17.46 -32.91
N GLU I 46 -36.21 18.17 -32.28
CA GLU I 46 -35.84 19.28 -31.41
C GLU I 46 -35.35 18.70 -30.08
N GLU I 47 -35.19 19.56 -29.08
CA GLU I 47 -34.63 19.12 -27.81
C GLU I 47 -35.19 19.96 -26.67
N VAL I 48 -35.52 19.30 -25.57
CA VAL I 48 -36.19 19.94 -24.44
C VAL I 48 -35.21 20.37 -23.36
N GLY I 49 -34.46 19.44 -22.78
CA GLY I 49 -33.57 19.85 -21.70
C GLY I 49 -32.66 18.72 -21.27
N CYS I 50 -31.88 19.00 -20.24
CA CYS I 50 -30.97 17.98 -19.72
C CYS I 50 -30.67 18.25 -18.25
N ILE I 51 -30.22 17.21 -17.56
CA ILE I 51 -29.68 17.30 -16.21
C ILE I 51 -28.27 16.72 -16.27
N SER I 52 -27.30 17.49 -15.76
CA SER I 52 -25.91 17.10 -15.86
C SER I 52 -25.45 16.37 -14.61
N GLY I 53 -24.20 15.92 -14.64
CA GLY I 53 -23.58 15.32 -13.48
C GLY I 53 -22.78 16.27 -12.64
N ASN I 54 -22.63 17.52 -13.07
CA ASN I 54 -21.82 18.51 -12.37
C ASN I 54 -22.70 19.21 -11.33
N PHE I 55 -22.66 18.72 -10.09
CA PHE I 55 -23.38 19.32 -8.97
C PHE I 55 -24.89 19.33 -9.20
N ASP I 56 -25.38 18.41 -10.02
CA ASP I 56 -26.82 18.21 -10.25
C ASP I 56 -27.47 19.48 -10.80
N GLN I 57 -26.79 20.16 -11.71
CA GLN I 57 -27.35 21.34 -12.36
C GLN I 57 -28.20 20.93 -13.55
N THR I 58 -29.30 21.64 -13.76
CA THR I 58 -30.24 21.36 -14.83
C THR I 58 -30.30 22.52 -15.81
N TYR I 59 -30.50 22.21 -17.09
CA TYR I 59 -30.58 23.22 -18.13
C TYR I 59 -31.75 22.94 -19.05
N TYR I 60 -32.44 23.99 -19.46
CA TYR I 60 -33.59 23.89 -20.34
C TYR I 60 -33.44 24.87 -21.50
N VAL I 61 -34.08 24.54 -22.62
CA VAL I 61 -34.07 25.39 -23.81
C VAL I 61 -34.92 26.62 -23.52
N ASP I 62 -34.82 27.63 -24.40
CA ASP I 62 -35.52 28.89 -24.16
C ASP I 62 -37.03 28.72 -24.25
N SER I 63 -37.49 27.78 -25.08
CA SER I 63 -38.93 27.62 -25.29
C SER I 63 -39.65 27.22 -24.01
N VAL I 64 -39.08 26.30 -23.24
CA VAL I 64 -39.70 25.80 -22.02
C VAL I 64 -38.83 26.28 -20.85
N LYS I 65 -39.39 27.15 -20.02
CA LYS I 65 -38.71 27.67 -18.84
C LYS I 65 -39.75 28.02 -17.80
N GLY I 66 -39.61 27.46 -16.60
CA GLY I 66 -40.62 27.63 -15.57
C GLY I 66 -41.82 26.72 -15.70
N ARG I 67 -41.85 25.85 -16.70
CA ARG I 67 -42.94 24.90 -16.90
C ARG I 67 -42.50 23.45 -16.75
N PHE I 68 -41.27 23.12 -17.13
CA PHE I 68 -40.76 21.76 -17.05
C PHE I 68 -39.76 21.65 -15.90
N THR I 69 -39.65 20.45 -15.34
CA THR I 69 -38.70 20.21 -14.26
C THR I 69 -38.16 18.79 -14.35
N ILE I 70 -36.84 18.67 -14.33
CA ILE I 70 -36.16 17.38 -14.42
C ILE I 70 -35.55 17.07 -13.06
N SER I 71 -35.80 15.86 -12.55
CA SER I 71 -35.25 15.42 -11.28
C SER I 71 -34.69 14.02 -11.43
N ARG I 72 -33.76 13.68 -10.55
CA ARG I 72 -33.07 12.39 -10.62
C ARG I 72 -33.07 11.73 -9.25
N VAL I 73 -33.34 10.43 -9.22
CA VAL I 73 -33.28 9.63 -8.00
C VAL I 73 -32.25 8.53 -8.24
N ASN I 74 -31.16 8.56 -7.47
CA ASN I 74 -30.04 7.66 -7.71
C ASN I 74 -30.15 6.34 -6.94
N GLU I 75 -30.89 6.31 -5.84
CA GLU I 75 -31.08 5.05 -5.14
C GLU I 75 -31.99 4.12 -5.93
N GLU I 76 -32.82 4.67 -6.81
CA GLU I 76 -33.71 3.90 -7.66
C GLU I 76 -33.27 3.88 -9.12
N ASN I 77 -32.29 4.72 -9.49
CA ASN I 77 -31.81 4.84 -10.87
C ASN I 77 -32.95 5.24 -11.80
N THR I 78 -33.50 6.43 -11.54
CA THR I 78 -34.66 6.91 -12.28
C THR I 78 -34.50 8.39 -12.57
N VAL I 79 -35.07 8.83 -13.69
CA VAL I 79 -35.09 10.25 -14.06
C VAL I 79 -36.53 10.63 -14.38
N TYR I 80 -37.05 11.63 -13.67
CA TYR I 80 -38.43 12.07 -13.82
C TYR I 80 -38.47 13.43 -14.50
N LEU I 81 -39.40 13.57 -15.46
CA LEU I 81 -39.68 14.85 -16.11
C LEU I 81 -41.12 15.21 -15.77
N GLN I 82 -41.29 16.28 -15.01
CA GLN I 82 -42.60 16.79 -14.62
C GLN I 82 -42.94 17.99 -15.50
N MET I 83 -44.05 17.90 -16.21
CA MET I 83 -44.49 18.94 -17.12
C MET I 83 -45.77 19.57 -16.57
N ASP I 84 -45.80 20.90 -16.55
CA ASP I 84 -46.94 21.64 -16.00
C ASP I 84 -47.38 22.70 -16.99
N ASN I 85 -48.68 23.03 -16.95
CA ASN I 85 -49.28 24.03 -17.81
C ASN I 85 -49.04 23.70 -19.29
N LEU I 86 -49.43 22.50 -19.67
CA LEU I 86 -49.19 22.03 -21.04
C LEU I 86 -49.98 22.86 -22.04
N LYS I 87 -49.42 22.96 -23.25
CA LYS I 87 -49.94 23.77 -24.32
C LYS I 87 -50.02 22.95 -25.59
N PRO I 88 -50.82 23.36 -26.57
CA PRO I 88 -50.99 22.55 -27.80
C PRO I 88 -49.70 22.29 -28.55
N GLU I 89 -48.65 23.09 -28.34
CA GLU I 89 -47.39 22.89 -29.03
C GLU I 89 -46.61 21.67 -28.53
N ASP I 90 -47.06 21.04 -27.45
CA ASP I 90 -46.30 19.97 -26.80
C ASP I 90 -46.71 18.58 -27.26
N THR I 91 -47.62 18.45 -28.21
CA THR I 91 -48.03 17.13 -28.72
C THR I 91 -46.89 16.55 -29.54
N ALA I 92 -46.22 15.53 -29.01
CA ALA I 92 -45.02 15.01 -29.67
C ALA I 92 -44.63 13.68 -29.01
N THR I 93 -43.53 13.11 -29.51
CA THR I 93 -42.97 11.90 -28.95
C THR I 93 -41.68 12.24 -28.20
N TYR I 94 -41.58 11.79 -26.95
CA TYR I 94 -40.48 12.14 -26.07
C TYR I 94 -39.56 10.94 -25.87
N TYR I 95 -38.26 11.21 -25.90
CA TYR I 95 -37.24 10.21 -25.65
C TYR I 95 -36.28 10.71 -24.58
N CYS I 96 -35.75 9.77 -23.80
CA CYS I 96 -34.69 10.04 -22.83
C CYS I 96 -33.39 9.48 -23.38
N VAL I 97 -32.41 10.36 -23.58
CA VAL I 97 -31.15 10.00 -24.22
C VAL I 97 -30.00 10.25 -23.25
N THR I 98 -28.87 9.61 -23.55
CA THR I 98 -27.66 9.75 -22.77
C THR I 98 -26.47 9.47 -23.66
N ASP I 99 -25.29 9.86 -23.18
CA ASP I 99 -24.07 9.63 -23.95
C ASP I 99 -22.89 9.19 -23.09
N ARG I 100 -23.11 8.90 -21.80
CA ARG I 100 -22.04 8.51 -20.90
C ARG I 100 -20.94 9.57 -20.82
N GLN I 101 -21.35 10.83 -20.80
CA GLN I 101 -20.44 11.96 -20.69
C GLN I 101 -20.81 12.78 -19.46
N PHE I 102 -19.81 13.20 -18.71
CA PHE I 102 -20.03 13.91 -17.45
C PHE I 102 -20.12 15.41 -17.68
N TYR I 103 -20.92 15.80 -18.68
CA TYR I 103 -21.11 17.19 -19.05
C TYR I 103 -22.26 17.26 -20.04
N CYS I 104 -22.95 18.41 -20.06
CA CYS I 104 -24.07 18.62 -20.97
C CYS I 104 -23.76 19.73 -21.95
N ALA I 105 -24.41 19.67 -23.11
CA ALA I 105 -24.31 20.71 -24.12
C ALA I 105 -25.60 20.69 -24.92
N LEU I 106 -26.37 21.77 -24.85
CA LEU I 106 -27.72 21.73 -25.40
C LEU I 106 -27.73 21.96 -26.90
N HIS I 107 -26.81 21.33 -27.62
CA HIS I 107 -26.94 21.23 -29.08
C HIS I 107 -26.44 19.89 -29.61
N ARG I 108 -26.02 18.96 -28.76
CA ARG I 108 -25.57 17.64 -29.17
C ARG I 108 -26.41 16.52 -28.56
N LEU I 109 -27.60 16.84 -28.06
CA LEU I 109 -28.49 15.85 -27.48
C LEU I 109 -29.21 15.02 -28.54
N PRO I 110 -29.70 15.62 -29.64
CA PRO I 110 -30.32 14.79 -30.69
C PRO I 110 -29.42 13.70 -31.24
N VAL I 111 -28.12 13.95 -31.34
CA VAL I 111 -27.17 12.98 -31.87
C VAL I 111 -26.49 12.32 -30.68
N SER I 112 -27.05 11.20 -30.22
CA SER I 112 -26.52 10.46 -29.09
C SER I 112 -26.55 8.97 -29.40
N GLN I 113 -25.60 8.24 -28.80
CA GLN I 113 -25.48 6.81 -29.06
C GLN I 113 -26.71 6.05 -28.60
N TYR I 114 -26.98 6.07 -27.31
CA TYR I 114 -28.08 5.30 -26.73
C TYR I 114 -29.36 6.13 -26.70
N ARG I 115 -30.49 5.46 -26.83
CA ARG I 115 -31.78 6.15 -26.90
C ARG I 115 -32.89 5.15 -26.62
N GLY I 116 -33.92 5.61 -25.91
CA GLY I 116 -35.06 4.77 -25.61
C GLY I 116 -36.09 4.76 -26.72
N GLN I 117 -37.13 3.94 -26.53
CA GLN I 117 -38.17 3.81 -27.54
C GLN I 117 -39.07 5.03 -27.60
N GLY I 118 -39.27 5.71 -26.47
CA GLY I 118 -40.04 6.93 -26.43
C GLY I 118 -41.51 6.70 -26.09
N THR I 119 -42.15 7.78 -25.63
CA THR I 119 -43.56 7.75 -25.28
C THR I 119 -44.27 8.91 -25.99
N GLN I 120 -45.57 8.78 -26.14
CA GLN I 120 -46.35 9.72 -26.94
C GLN I 120 -47.20 10.61 -26.02
N VAL I 121 -47.22 11.91 -26.31
CA VAL I 121 -47.98 12.87 -25.51
C VAL I 121 -48.87 13.68 -26.45
N THR I 122 -50.17 13.67 -26.18
CA THR I 122 -51.16 14.40 -26.97
C THR I 122 -51.92 15.37 -26.08
N VAL I 123 -52.12 16.58 -26.59
CA VAL I 123 -53.05 17.55 -26.01
C VAL I 123 -53.90 18.10 -27.13
N SER I 124 -55.21 18.15 -26.92
CA SER I 124 -56.13 18.55 -27.98
C SER I 124 -57.41 19.10 -27.36
N SER I 125 -58.10 19.92 -28.14
CA SER I 125 -59.36 20.55 -27.73
C SER I 125 -59.20 21.34 -26.43
#